data_7JHR
# 
_entry.id   7JHR 
# 
_audit_conform.dict_name       mmcif_pdbx.dic 
_audit_conform.dict_version    5.380 
_audit_conform.dict_location   http://mmcif.pdb.org/dictionaries/ascii/mmcif_pdbx.dic 
# 
loop_
_database_2.database_id 
_database_2.database_code 
_database_2.pdbx_database_accession 
_database_2.pdbx_DOI 
PDB   7JHR         pdb_00007jhr 10.2210/pdb7jhr/pdb 
WWPDB D_1000250255 ?            ?                   
# 
_pdbx_database_status.status_code                     REL 
_pdbx_database_status.status_code_sf                  REL 
_pdbx_database_status.status_code_mr                  ? 
_pdbx_database_status.entry_id                        7JHR 
_pdbx_database_status.recvd_initial_deposition_date   2020-07-21 
_pdbx_database_status.SG_entry                        N 
_pdbx_database_status.deposit_site                    RCSB 
_pdbx_database_status.process_site                    RCSB 
_pdbx_database_status.status_code_cs                  ? 
_pdbx_database_status.status_code_nmr_data            ? 
_pdbx_database_status.methods_development_category    ? 
_pdbx_database_status.pdb_format_compatible           Y 
# 
loop_
_audit_author.name 
_audit_author.pdbx_ordinal 
_audit_author.identifier_ORCID 
'Simmons, C.R.'      1 0000-0002-2290-6132 
'MacCulloch, T.'     2 0000-0001-5875-3361 
'Stephanopoulos, N.' 3 0000-0001-7859-410X 
'Yan, H.'            4 0000-0001-7397-9852 
# 
_citation.abstract                  ? 
_citation.abstract_id_CAS           ? 
_citation.book_id_ISBN              ? 
_citation.book_publisher            ? 
_citation.book_publisher_city       ? 
_citation.book_title                ? 
_citation.coordinate_linkage        ? 
_citation.country                   UK 
_citation.database_id_Medline       ? 
_citation.details                   ? 
_citation.id                        primary 
_citation.journal_abbrev            'Nat Commun' 
_citation.journal_id_ASTM           ? 
_citation.journal_id_CSD            ? 
_citation.journal_id_ISSN           2041-1723 
_citation.journal_full              ? 
_citation.journal_issue             ? 
_citation.journal_volume            13 
_citation.language                  ? 
_citation.page_first                3112 
_citation.page_last                 3112 
_citation.title                     'The influence of Holliday junction sequence and dynamics on DNA crystal self-assembly.' 
_citation.year                      2022 
_citation.database_id_CSD           ? 
_citation.pdbx_database_id_DOI      10.1038/s41467-022-30779-6 
_citation.pdbx_database_id_PubMed   35662248 
_citation.unpublished_flag          ? 
# 
loop_
_citation_author.citation_id 
_citation_author.name 
_citation_author.ordinal 
_citation_author.identifier_ORCID 
primary 'Simmons, C.R.'      1  ?                   
primary 'MacCulloch, T.'     2  ?                   
primary 'Krepl, M.'          3  0000-0002-9833-4281 
primary 'Matthies, M.'       4  ?                   
primary 'Buchberger, A.'     5  ?                   
primary 'Crawford, I.'       6  ?                   
primary 'Sponer, J.'         7  0000-0001-6558-6186 
primary 'Sulc, P.'           8  0000-0003-1565-6769 
primary 'Stephanopoulos, N.' 9  0000-0001-7859-410X 
primary 'Yan, H.'            10 0000-0001-7397-9852 
# 
_cell.angle_alpha                  90.000 
_cell.angle_alpha_esd              ? 
_cell.angle_beta                   90.000 
_cell.angle_beta_esd               ? 
_cell.angle_gamma                  120.000 
_cell.angle_gamma_esd              ? 
_cell.entry_id                     7JHR 
_cell.details                      ? 
_cell.formula_units_Z              ? 
_cell.length_a                     115.150 
_cell.length_a_esd                 ? 
_cell.length_b                     115.150 
_cell.length_b_esd                 ? 
_cell.length_c                     48.657 
_cell.length_c_esd                 ? 
_cell.volume                       ? 
_cell.volume_esd                   ? 
_cell.Z_PDB                        9 
_cell.reciprocal_angle_alpha       ? 
_cell.reciprocal_angle_beta        ? 
_cell.reciprocal_angle_gamma       ? 
_cell.reciprocal_angle_alpha_esd   ? 
_cell.reciprocal_angle_beta_esd    ? 
_cell.reciprocal_angle_gamma_esd   ? 
_cell.reciprocal_length_a          ? 
_cell.reciprocal_length_b          ? 
_cell.reciprocal_length_c          ? 
_cell.reciprocal_length_a_esd      ? 
_cell.reciprocal_length_b_esd      ? 
_cell.reciprocal_length_c_esd      ? 
_cell.pdbx_unique_axis             ? 
# 
_symmetry.entry_id                         7JHR 
_symmetry.cell_setting                     ? 
_symmetry.Int_Tables_number                146 
_symmetry.space_group_name_Hall            ? 
_symmetry.space_group_name_H-M             'H 3' 
_symmetry.pdbx_full_space_group_name_H-M   ? 
# 
loop_
_entity.id 
_entity.type 
_entity.src_method 
_entity.pdbx_description 
_entity.formula_weight 
_entity.pdbx_number_of_molecules 
_entity.pdbx_ec 
_entity.pdbx_mutation 
_entity.pdbx_fragment 
_entity.details 
1 polymer     syn 
;DNA (5'-D(*GP*AP*GP*CP*AP*GP*AP*CP*CP*AP*GP*A)-3')
;
3705.445 1 ? ? ? ? 
2 polymer     syn 
;DNA (5'-D(P*CP*GP*GP*GP*AP*CP*TP*CP*A)-3')
;
2740.812 1 ? ? ? ? 
3 polymer     syn 
;DNA (5'-D(P*TP*CP*TP*CP*CP*G)-3')
;
1760.179 1 ? ? ? ? 
4 polymer     syn 
;DNA (5'-D(*TP*CP*TP*GP*AP*GP*TP*CP*GP*GP*TP*CP*TP*GP*C)-3')
;
4591.969 1 ? ? ? ? 
5 non-polymer syn 'CACODYLATE ION'                                              136.989  2 ? ? ? ? 
# 
loop_
_entity_poly.entity_id 
_entity_poly.type 
_entity_poly.nstd_linkage 
_entity_poly.nstd_monomer 
_entity_poly.pdbx_seq_one_letter_code 
_entity_poly.pdbx_seq_one_letter_code_can 
_entity_poly.pdbx_strand_id 
_entity_poly.pdbx_target_identifier 
1 polydeoxyribonucleotide no no '(DG)(DA)(DG)(DC)(DA)(DG)(DA)(DC)(DC)(DA)(DG)(DA)'             GAGCAGACCAGA    A ? 
2 polydeoxyribonucleotide no no '(DC)(DG)(DG)(DG)(DA)(DC)(DT)(DC)(DA)'                         CGGGACTCA       B ? 
3 polydeoxyribonucleotide no no '(DT)(DC)(DT)(DC)(DC)(DG)'                                     TCTCCG          C ? 
4 polydeoxyribonucleotide no no '(DT)(DC)(DT)(DG)(DA)(DG)(DT)(DC)(DG)(DG)(DT)(DC)(DT)(DG)(DC)' TCTGAGTCGGTCTGC D ? 
# 
loop_
_entity_poly_seq.entity_id 
_entity_poly_seq.num 
_entity_poly_seq.mon_id 
_entity_poly_seq.hetero 
1 1  DG n 
1 2  DA n 
1 3  DG n 
1 4  DC n 
1 5  DA n 
1 6  DG n 
1 7  DA n 
1 8  DC n 
1 9  DC n 
1 10 DA n 
1 11 DG n 
1 12 DA n 
2 1  DC n 
2 2  DG n 
2 3  DG n 
2 4  DG n 
2 5  DA n 
2 6  DC n 
2 7  DT n 
2 8  DC n 
2 9  DA n 
3 1  DT n 
3 2  DC n 
3 3  DT n 
3 4  DC n 
3 5  DC n 
3 6  DG n 
4 1  DT n 
4 2  DC n 
4 3  DT n 
4 4  DG n 
4 5  DA n 
4 6  DG n 
4 7  DT n 
4 8  DC n 
4 9  DG n 
4 10 DG n 
4 11 DT n 
4 12 DC n 
4 13 DT n 
4 14 DG n 
4 15 DC n 
# 
loop_
_pdbx_entity_src_syn.entity_id 
_pdbx_entity_src_syn.pdbx_src_id 
_pdbx_entity_src_syn.pdbx_alt_source_flag 
_pdbx_entity_src_syn.pdbx_beg_seq_num 
_pdbx_entity_src_syn.pdbx_end_seq_num 
_pdbx_entity_src_syn.organism_scientific 
_pdbx_entity_src_syn.organism_common_name 
_pdbx_entity_src_syn.ncbi_taxonomy_id 
_pdbx_entity_src_syn.details 
1 1 sample 1 12 'synthetic construct' ? 32630 ? 
2 1 sample 1 9  'synthetic construct' ? 32630 ? 
3 1 sample 1 6  'synthetic construct' ? 32630 ? 
4 1 sample 1 15 'synthetic construct' ? 32630 ? 
# 
loop_
_struct_ref.id 
_struct_ref.db_name 
_struct_ref.db_code 
_struct_ref.pdbx_db_accession 
_struct_ref.pdbx_db_isoform 
_struct_ref.entity_id 
_struct_ref.pdbx_seq_one_letter_code 
_struct_ref.pdbx_align_begin 
1 PDB 7JHR 7JHR ? 1 ? 1 
2 PDB 7JHR 7JHR ? 2 ? 1 
3 PDB 7JHR 7JHR ? 3 ? 1 
4 PDB 7JHR 7JHR ? 4 ? 1 
# 
loop_
_struct_ref_seq.align_id 
_struct_ref_seq.ref_id 
_struct_ref_seq.pdbx_PDB_id_code 
_struct_ref_seq.pdbx_strand_id 
_struct_ref_seq.seq_align_beg 
_struct_ref_seq.pdbx_seq_align_beg_ins_code 
_struct_ref_seq.seq_align_end 
_struct_ref_seq.pdbx_seq_align_end_ins_code 
_struct_ref_seq.pdbx_db_accession 
_struct_ref_seq.db_align_beg 
_struct_ref_seq.pdbx_db_align_beg_ins_code 
_struct_ref_seq.db_align_end 
_struct_ref_seq.pdbx_db_align_end_ins_code 
_struct_ref_seq.pdbx_auth_seq_align_beg 
_struct_ref_seq.pdbx_auth_seq_align_end 
1 1 7JHR A 1 ? 12 ? 7JHR 1  ? 12 ? 1  12 
2 2 7JHR B 1 ? 9  ? 7JHR 12 ? 20 ? 12 20 
3 3 7JHR C 1 ? 6  ? 7JHR 0  ? 5  ? 0  5  
4 4 7JHR D 1 ? 15 ? 7JHR 2  ? 16 ? 2  16 
# 
loop_
_chem_comp.id 
_chem_comp.type 
_chem_comp.mon_nstd_flag 
_chem_comp.name 
_chem_comp.pdbx_synonyms 
_chem_comp.formula 
_chem_comp.formula_weight 
CAC non-polymer   . 'CACODYLATE ION'                     dimethylarsinate 'C2 H6 As O2 -1'  136.989 
DA  'DNA linking' y "2'-DEOXYADENOSINE-5'-MONOPHOSPHATE" ?                'C10 H14 N5 O6 P' 331.222 
DC  'DNA linking' y "2'-DEOXYCYTIDINE-5'-MONOPHOSPHATE"  ?                'C9 H14 N3 O7 P'  307.197 
DG  'DNA linking' y "2'-DEOXYGUANOSINE-5'-MONOPHOSPHATE" ?                'C10 H14 N5 O7 P' 347.221 
DT  'DNA linking' y "THYMIDINE-5'-MONOPHOSPHATE"         ?                'C10 H15 N2 O8 P' 322.208 
# 
_exptl.absorpt_coefficient_mu     ? 
_exptl.absorpt_correction_T_max   ? 
_exptl.absorpt_correction_T_min   ? 
_exptl.absorpt_correction_type    ? 
_exptl.absorpt_process_details    ? 
_exptl.entry_id                   7JHR 
_exptl.crystals_number            1 
_exptl.details                    ? 
_exptl.method                     'X-RAY DIFFRACTION' 
_exptl.method_details             ? 
# 
_exptl_crystal.colour                      ? 
_exptl_crystal.density_diffrn              ? 
_exptl_crystal.density_Matthews            4.85 
_exptl_crystal.density_method              ? 
_exptl_crystal.density_percent_sol         74.64 
_exptl_crystal.description                 ? 
_exptl_crystal.F_000                       ? 
_exptl_crystal.id                          1 
_exptl_crystal.preparation                 ? 
_exptl_crystal.size_max                    ? 
_exptl_crystal.size_mid                    ? 
_exptl_crystal.size_min                    ? 
_exptl_crystal.size_rad                    ? 
_exptl_crystal.colour_lustre               ? 
_exptl_crystal.colour_modifier             ? 
_exptl_crystal.colour_primary              ? 
_exptl_crystal.density_meas                ? 
_exptl_crystal.density_meas_esd            ? 
_exptl_crystal.density_meas_gt             ? 
_exptl_crystal.density_meas_lt             ? 
_exptl_crystal.density_meas_temp           ? 
_exptl_crystal.density_meas_temp_esd       ? 
_exptl_crystal.density_meas_temp_gt        ? 
_exptl_crystal.density_meas_temp_lt        ? 
_exptl_crystal.pdbx_crystal_image_url      ? 
_exptl_crystal.pdbx_crystal_image_format   ? 
_exptl_crystal.pdbx_mosaicity              ? 
_exptl_crystal.pdbx_mosaicity_esd          ? 
# 
_exptl_crystal_grow.apparatus       ? 
_exptl_crystal_grow.atmosphere      ? 
_exptl_crystal_grow.crystal_id      1 
_exptl_crystal_grow.details         ? 
_exptl_crystal_grow.method          'VAPOR DIFFUSION, SITTING DROP' 
_exptl_crystal_grow.method_ref      ? 
_exptl_crystal_grow.pH              ? 
_exptl_crystal_grow.pressure        ? 
_exptl_crystal_grow.pressure_esd    ? 
_exptl_crystal_grow.seeding         ? 
_exptl_crystal_grow.seeding_ref     ? 
_exptl_crystal_grow.temp            298 
_exptl_crystal_grow.temp_details    'temperature gradient generated from 60 to 25 C at 0.3 degrees per hour' 
_exptl_crystal_grow.temp_esd        ? 
_exptl_crystal_grow.time            ? 
_exptl_crystal_grow.pdbx_details    
;0.5 mL of 0.05 M Cacodylate pH 7.0 with 20 mM MgCl2, 1.0 mM spermine, 1.0 mM CoH18N6, and 15% Ethanol was added to the reservoir with 2 uL added to the drop containing 4 uL of DNA stock
;
_exptl_crystal_grow.pdbx_pH_range   ? 
# 
_diffrn.ambient_environment              ? 
_diffrn.ambient_temp                     100 
_diffrn.ambient_temp_details             ? 
_diffrn.ambient_temp_esd                 ? 
_diffrn.crystal_id                       1 
_diffrn.crystal_support                  ? 
_diffrn.crystal_treatment                ? 
_diffrn.details                          ? 
_diffrn.id                               1 
_diffrn.ambient_pressure                 ? 
_diffrn.ambient_pressure_esd             ? 
_diffrn.ambient_pressure_gt              ? 
_diffrn.ambient_pressure_lt              ? 
_diffrn.ambient_temp_gt                  ? 
_diffrn.ambient_temp_lt                  ? 
_diffrn.pdbx_serial_crystal_experiment   N 
# 
_diffrn_detector.details                      ? 
_diffrn_detector.detector                     PIXEL 
_diffrn_detector.diffrn_id                    1 
_diffrn_detector.type                         'DECTRIS PILATUS3 6M' 
_diffrn_detector.area_resol_mean              ? 
_diffrn_detector.dtime                        ? 
_diffrn_detector.pdbx_frames_total            ? 
_diffrn_detector.pdbx_collection_time_total   ? 
_diffrn_detector.pdbx_collection_date         2019-03-15 
_diffrn_detector.pdbx_frequency               ? 
# 
_diffrn_radiation.collimation                      ? 
_diffrn_radiation.diffrn_id                        1 
_diffrn_radiation.filter_edge                      ? 
_diffrn_radiation.inhomogeneity                    ? 
_diffrn_radiation.monochromator                    ? 
_diffrn_radiation.polarisn_norm                    ? 
_diffrn_radiation.polarisn_ratio                   ? 
_diffrn_radiation.probe                            ? 
_diffrn_radiation.type                             ? 
_diffrn_radiation.xray_symbol                      ? 
_diffrn_radiation.wavelength_id                    1 
_diffrn_radiation.pdbx_monochromatic_or_laue_m_l   M 
_diffrn_radiation.pdbx_wavelength_list             ? 
_diffrn_radiation.pdbx_wavelength                  ? 
_diffrn_radiation.pdbx_diffrn_protocol             'SINGLE WAVELENGTH' 
_diffrn_radiation.pdbx_analyzer                    ? 
_diffrn_radiation.pdbx_scattering_type             x-ray 
# 
_diffrn_radiation_wavelength.id           1 
_diffrn_radiation_wavelength.wavelength   1 
_diffrn_radiation_wavelength.wt           1.0 
# 
_diffrn_source.current                     ? 
_diffrn_source.details                     ? 
_diffrn_source.diffrn_id                   1 
_diffrn_source.power                       ? 
_diffrn_source.size                        ? 
_diffrn_source.source                      SYNCHROTRON 
_diffrn_source.target                      ? 
_diffrn_source.type                        'ALS BEAMLINE 5.0.2' 
_diffrn_source.voltage                     ? 
_diffrn_source.take-off_angle              ? 
_diffrn_source.pdbx_wavelength_list        1 
_diffrn_source.pdbx_wavelength             ? 
_diffrn_source.pdbx_synchrotron_beamline   5.0.2 
_diffrn_source.pdbx_synchrotron_site       ALS 
# 
_reflns.B_iso_Wilson_estimate            94.070 
_reflns.entry_id                         7JHR 
_reflns.data_reduction_details           ? 
_reflns.data_reduction_method            ? 
_reflns.d_resolution_high                3.150 
_reflns.d_resolution_low                 50.000 
_reflns.details                          ? 
_reflns.limit_h_max                      ? 
_reflns.limit_h_min                      ? 
_reflns.limit_k_max                      ? 
_reflns.limit_k_min                      ? 
_reflns.limit_l_max                      ? 
_reflns.limit_l_min                      ? 
_reflns.number_all                       ? 
_reflns.number_obs                       3297 
_reflns.observed_criterion               ? 
_reflns.observed_criterion_F_max         ? 
_reflns.observed_criterion_F_min         ? 
_reflns.observed_criterion_I_max         ? 
_reflns.observed_criterion_I_min         ? 
_reflns.observed_criterion_sigma_F       ? 
_reflns.observed_criterion_sigma_I       ? 
_reflns.percent_possible_obs             79.400 
_reflns.R_free_details                   ? 
_reflns.Rmerge_F_all                     ? 
_reflns.Rmerge_F_obs                     ? 
_reflns.Friedel_coverage                 ? 
_reflns.number_gt                        ? 
_reflns.threshold_expression             ? 
_reflns.pdbx_redundancy                  8.700 
_reflns.pdbx_Rmerge_I_obs                0.061 
_reflns.pdbx_Rmerge_I_all                ? 
_reflns.pdbx_Rsym_value                  ? 
_reflns.pdbx_netI_over_av_sigmaI         ? 
_reflns.pdbx_netI_over_sigmaI            6.300 
_reflns.pdbx_res_netI_over_av_sigmaI_2   ? 
_reflns.pdbx_res_netI_over_sigmaI_2      ? 
_reflns.pdbx_chi_squared                 0.826 
_reflns.pdbx_scaling_rejects             ? 
_reflns.pdbx_d_res_high_opt              ? 
_reflns.pdbx_d_res_low_opt               ? 
_reflns.pdbx_d_res_opt_method            ? 
_reflns.phase_calculation_details        ? 
_reflns.pdbx_Rrim_I_all                  0.064 
_reflns.pdbx_Rpim_I_all                  0.020 
_reflns.pdbx_d_opt                       ? 
_reflns.pdbx_number_measured_all         ? 
_reflns.pdbx_diffrn_id                   1 
_reflns.pdbx_ordinal                     1 
_reflns.pdbx_CC_half                     1.00 
_reflns.pdbx_CC_star                     ? 
_reflns.pdbx_R_split                     ? 
# 
loop_
_reflns_shell.d_res_high 
_reflns_shell.d_res_low 
_reflns_shell.meanI_over_sigI_all 
_reflns_shell.meanI_over_sigI_obs 
_reflns_shell.number_measured_all 
_reflns_shell.number_measured_obs 
_reflns_shell.number_possible 
_reflns_shell.number_unique_all 
_reflns_shell.number_unique_obs 
_reflns_shell.percent_possible_all 
_reflns_shell.percent_possible_obs 
_reflns_shell.Rmerge_F_all 
_reflns_shell.Rmerge_F_obs 
_reflns_shell.Rmerge_I_all 
_reflns_shell.Rmerge_I_obs 
_reflns_shell.meanI_over_sigI_gt 
_reflns_shell.meanI_over_uI_all 
_reflns_shell.meanI_over_uI_gt 
_reflns_shell.number_measured_gt 
_reflns_shell.number_unique_gt 
_reflns_shell.percent_possible_gt 
_reflns_shell.Rmerge_F_gt 
_reflns_shell.Rmerge_I_gt 
_reflns_shell.pdbx_redundancy 
_reflns_shell.pdbx_Rsym_value 
_reflns_shell.pdbx_chi_squared 
_reflns_shell.pdbx_netI_over_sigmaI_all 
_reflns_shell.pdbx_netI_over_sigmaI_obs 
_reflns_shell.pdbx_Rrim_I_all 
_reflns_shell.pdbx_Rpim_I_all 
_reflns_shell.pdbx_rejects 
_reflns_shell.pdbx_ordinal 
_reflns_shell.pdbx_diffrn_id 
_reflns_shell.pdbx_CC_half 
_reflns_shell.pdbx_CC_star 
_reflns_shell.pdbx_R_split 
3.150 3.200  ? ? ? ? ? ? 62  26.600  ? ? ? ? 0.308 ? ? ? ? ? ? ? ? 6.700  ? 0.500 ? ? 0.328 0.109 ? 1  1 0.967 ? ? 
3.200 3.260  ? ? ? ? ? ? 70  35.500  ? ? ? ? 0.163 ? ? ? ? ? ? ? ? 6.400  ? 0.719 ? ? 0.174 0.058 ? 2  1 0.989 ? ? 
3.260 3.330  ? ? ? ? ? ? 80  41.200  ? ? ? ? 0.344 ? ? ? ? ? ? ? ? 5.100  ? 0.634 ? ? 0.374 0.139 ? 3  1 0.948 ? ? 
3.330 3.390  ? ? ? ? ? ? 102 47.700  ? ? ? ? 0.179 ? ? ? ? ? ? ? ? 5.400  ? 0.570 ? ? 0.193 0.070 ? 4  1 0.994 ? ? 
3.390 3.470  ? ? ? ? ? ? 116 55.200  ? ? ? ? 0.309 ? ? ? ? ? ? ? ? 5.300  ? 0.564 ? ? 0.336 0.126 ? 5  1 0.976 ? ? 
3.470 3.550  ? ? ? ? ? ? 123 61.200  ? ? ? ? 0.351 ? ? ? ? ? ? ? ? 6.100  ? 0.524 ? ? 0.378 0.135 ? 6  1 0.946 ? ? 
3.550 3.640  ? ? ? ? ? ? 136 65.100  ? ? ? ? 0.456 ? ? ? ? ? ? ? ? 6.300  ? 0.491 ? ? 0.490 0.173 ? 7  1 0.928 ? ? 
3.640 3.730  ? ? ? ? ? ? 157 73.400  ? ? ? ? 0.735 ? ? ? ? ? ? ? ? 6.800  ? 0.437 ? ? 0.787 0.271 ? 8  1 0.839 ? ? 
3.730 3.840  ? ? ? ? ? ? 183 92.000  ? ? ? ? 0.900 ? ? ? ? ? ? ? ? 7.000  ? 0.470 ? ? 0.962 0.330 ? 9  1 0.752 ? ? 
3.840 3.970  ? ? ? ? ? ? 200 95.700  ? ? ? ? 0.638 ? ? ? ? ? ? ? ? 7.600  ? 0.455 ? ? 0.681 0.233 ? 10 1 0.901 ? ? 
3.970 4.110  ? ? ? ? ? ? 206 99.500  ? ? ? ? 0.509 ? ? ? ? ? ? ? ? 8.300  ? 0.454 ? ? 0.542 0.182 ? 11 1 0.933 ? ? 
4.110 4.270  ? ? ? ? ? ? 211 100.000 ? ? ? ? 0.429 ? ? ? ? ? ? ? ? 9.200  ? 0.472 ? ? 0.455 0.148 ? 12 1 0.953 ? ? 
4.270 4.470  ? ? ? ? ? ? 201 100.000 ? ? ? ? 0.442 ? ? ? ? ? ? ? ? 10.000 ? 0.496 ? ? 0.466 0.146 ? 13 1 0.961 ? ? 
4.470 4.700  ? ? ? ? ? ? 208 100.000 ? ? ? ? 0.358 ? ? ? ? ? ? ? ? 10.600 ? 0.492 ? ? 0.376 0.114 ? 14 1 0.974 ? ? 
4.700 5.000  ? ? ? ? ? ? 211 100.000 ? ? ? ? 0.191 ? ? ? ? ? ? ? ? 10.600 ? 0.618 ? ? 0.201 0.062 ? 15 1 0.985 ? ? 
5.000 5.380  ? ? ? ? ? ? 205 100.000 ? ? ? ? 0.110 ? ? ? ? ? ? ? ? 10.400 ? 0.924 ? ? 0.116 0.036 ? 16 1 0.994 ? ? 
5.380 5.930  ? ? ? ? ? ? 197 100.000 ? ? ? ? 0.086 ? ? ? ? ? ? ? ? 10.100 ? 1.103 ? ? 0.091 0.028 ? 17 1 0.997 ? ? 
5.930 6.780  ? ? ? ? ? ? 214 100.000 ? ? ? ? 0.076 ? ? ? ? ? ? ? ? 11.100 ? 1.296 ? ? 0.080 0.024 ? 18 1 0.997 ? ? 
6.780 8.540  ? ? ? ? ? ? 210 100.000 ? ? ? ? 0.060 ? ? ? ? ? ? ? ? 10.200 ? 1.612 ? ? 0.063 0.020 ? 19 1 0.998 ? ? 
8.540 50.000 ? ? ? ? ? ? 205 99.500  ? ? ? ? 0.042 ? ? ? ? ? ? ? ? 10.600 ? 1.715 ? ? 0.045 0.014 ? 20 1 1.000 ? ? 
# 
_refine.aniso_B[1][1]                            ? 
_refine.aniso_B[1][2]                            ? 
_refine.aniso_B[1][3]                            ? 
_refine.aniso_B[2][2]                            ? 
_refine.aniso_B[2][3]                            ? 
_refine.aniso_B[3][3]                            ? 
_refine.B_iso_max                                215.390 
_refine.B_iso_mean                               145.4085 
_refine.B_iso_min                                105.250 
_refine.correlation_coeff_Fo_to_Fc               ? 
_refine.correlation_coeff_Fo_to_Fc_free          ? 
_refine.details                                  ? 
_refine.diff_density_max                         ? 
_refine.diff_density_max_esd                     ? 
_refine.diff_density_min                         ? 
_refine.diff_density_min_esd                     ? 
_refine.diff_density_rms                         ? 
_refine.diff_density_rms_esd                     ? 
_refine.entry_id                                 7JHR 
_refine.pdbx_refine_id                           'X-RAY DIFFRACTION' 
_refine.ls_abs_structure_details                 ? 
_refine.ls_abs_structure_Flack                   ? 
_refine.ls_abs_structure_Flack_esd               ? 
_refine.ls_abs_structure_Rogers                  ? 
_refine.ls_abs_structure_Rogers_esd              ? 
_refine.ls_d_res_high                            3.1580 
_refine.ls_d_res_low                             43.7290 
_refine.ls_extinction_coef                       ? 
_refine.ls_extinction_coef_esd                   ? 
_refine.ls_extinction_expression                 ? 
_refine.ls_extinction_method                     ? 
_refine.ls_goodness_of_fit_all                   ? 
_refine.ls_goodness_of_fit_all_esd               ? 
_refine.ls_goodness_of_fit_obs                   ? 
_refine.ls_goodness_of_fit_obs_esd               ? 
_refine.ls_hydrogen_treatment                    ? 
_refine.ls_matrix_type                           ? 
_refine.ls_number_constraints                    ? 
_refine.ls_number_parameters                     ? 
_refine.ls_number_reflns_all                     ? 
_refine.ls_number_reflns_obs                     3279 
_refine.ls_number_reflns_R_free                  330 
_refine.ls_number_reflns_R_work                  2949 
_refine.ls_number_restraints                     ? 
_refine.ls_percent_reflns_obs                    79.0500 
_refine.ls_percent_reflns_R_free                 10.0600 
_refine.ls_R_factor_all                          ? 
_refine.ls_R_factor_obs                          0.2491 
_refine.ls_R_factor_R_free                       0.2775 
_refine.ls_R_factor_R_free_error                 ? 
_refine.ls_R_factor_R_free_error_details         ? 
_refine.ls_R_factor_R_work                       0.2454 
_refine.ls_R_Fsqd_factor_obs                     ? 
_refine.ls_R_I_factor_obs                        ? 
_refine.ls_redundancy_reflns_all                 ? 
_refine.ls_redundancy_reflns_obs                 ? 
_refine.ls_restrained_S_all                      ? 
_refine.ls_restrained_S_obs                      ? 
_refine.ls_shift_over_esd_max                    ? 
_refine.ls_shift_over_esd_mean                   ? 
_refine.ls_structure_factor_coef                 ? 
_refine.ls_weighting_details                     ? 
_refine.ls_weighting_scheme                      ? 
_refine.ls_wR_factor_all                         ? 
_refine.ls_wR_factor_obs                         ? 
_refine.ls_wR_factor_R_free                      ? 
_refine.ls_wR_factor_R_work                      ? 
_refine.occupancy_max                            ? 
_refine.occupancy_min                            ? 
_refine.solvent_model_details                    'FLAT BULK SOLVENT MODEL' 
_refine.solvent_model_param_bsol                 ? 
_refine.solvent_model_param_ksol                 ? 
_refine.pdbx_R_complete                          ? 
_refine.ls_R_factor_gt                           ? 
_refine.ls_goodness_of_fit_gt                    ? 
_refine.ls_goodness_of_fit_ref                   ? 
_refine.ls_shift_over_su_max                     ? 
_refine.ls_shift_over_su_max_lt                  ? 
_refine.ls_shift_over_su_mean                    ? 
_refine.ls_shift_over_su_mean_lt                 ? 
_refine.pdbx_ls_sigma_I                          ? 
_refine.pdbx_ls_sigma_F                          1.990 
_refine.pdbx_ls_sigma_Fsqd                       ? 
_refine.pdbx_data_cutoff_high_absF               ? 
_refine.pdbx_data_cutoff_high_rms_absF           ? 
_refine.pdbx_data_cutoff_low_absF                ? 
_refine.pdbx_isotropic_thermal_model             ? 
_refine.pdbx_ls_cross_valid_method               THROUGHOUT 
_refine.pdbx_method_to_determine_struct          'MOLECULAR REPLACEMENT' 
_refine.pdbx_starting_model                      6XNA 
_refine.pdbx_stereochemistry_target_values       ML 
_refine.pdbx_R_Free_selection_details            ? 
_refine.pdbx_stereochem_target_val_spec_case     ? 
_refine.pdbx_overall_ESU_R                       ? 
_refine.pdbx_overall_ESU_R_Free                  ? 
_refine.pdbx_solvent_vdw_probe_radii             1.1100 
_refine.pdbx_solvent_ion_probe_radii             ? 
_refine.pdbx_solvent_shrinkage_radii             0.9000 
_refine.pdbx_real_space_R                        ? 
_refine.pdbx_density_correlation                 ? 
_refine.pdbx_pd_number_of_powder_patterns        ? 
_refine.pdbx_pd_number_of_points                 ? 
_refine.pdbx_pd_meas_number_of_points            ? 
_refine.pdbx_pd_proc_ls_prof_R_factor            ? 
_refine.pdbx_pd_proc_ls_prof_wR_factor           ? 
_refine.pdbx_pd_Marquardt_correlation_coeff      ? 
_refine.pdbx_pd_Fsqrd_R_factor                   ? 
_refine.pdbx_pd_ls_matrix_band_width             ? 
_refine.pdbx_overall_phase_error                 48.2000 
_refine.pdbx_overall_SU_R_free_Cruickshank_DPI   ? 
_refine.pdbx_overall_SU_R_free_Blow_DPI          ? 
_refine.pdbx_overall_SU_R_Blow_DPI               ? 
_refine.pdbx_TLS_residual_ADP_flag               ? 
_refine.pdbx_diffrn_id                           1 
_refine.overall_SU_B                             ? 
_refine.overall_SU_ML                            0.3700 
_refine.overall_SU_R_Cruickshank_DPI             ? 
_refine.overall_SU_R_free                        ? 
_refine.overall_FOM_free_R_set                   ? 
_refine.overall_FOM_work_R_set                   ? 
_refine.pdbx_average_fsc_overall                 ? 
_refine.pdbx_average_fsc_work                    ? 
_refine.pdbx_average_fsc_free                    ? 
# 
_refine_hist.pdbx_refine_id                   'X-RAY DIFFRACTION' 
_refine_hist.cycle_id                         final 
_refine_hist.details                          ? 
_refine_hist.d_res_high                       3.1580 
_refine_hist.d_res_low                        43.7290 
_refine_hist.number_atoms_solvent             0 
_refine_hist.number_atoms_total               857 
_refine_hist.number_reflns_all                ? 
_refine_hist.number_reflns_obs                ? 
_refine_hist.number_reflns_R_free             ? 
_refine_hist.number_reflns_R_work             ? 
_refine_hist.R_factor_all                     ? 
_refine_hist.R_factor_obs                     ? 
_refine_hist.R_factor_R_free                  ? 
_refine_hist.R_factor_R_work                  ? 
_refine_hist.pdbx_number_residues_total       42 
_refine_hist.pdbx_B_iso_mean_ligand           198.18 
_refine_hist.pdbx_B_iso_mean_solvent          ? 
_refine_hist.pdbx_number_atoms_protein        0 
_refine_hist.pdbx_number_atoms_nucleic_acid   855 
_refine_hist.pdbx_number_atoms_ligand         2 
_refine_hist.pdbx_number_atoms_lipid          ? 
_refine_hist.pdbx_number_atoms_carb           ? 
_refine_hist.pdbx_pseudo_atom_details         ? 
# 
loop_
_refine_ls_restr.pdbx_refine_id 
_refine_ls_restr.criterion 
_refine_ls_restr.dev_ideal 
_refine_ls_restr.dev_ideal_target 
_refine_ls_restr.number 
_refine_ls_restr.rejects 
_refine_ls_restr.type 
_refine_ls_restr.weight 
_refine_ls_restr.pdbx_restraint_function 
'X-RAY DIFFRACTION' ? 0.004  ? 956  ? f_bond_d           ? ? 
'X-RAY DIFFRACTION' ? 0.635  ? 1467 ? f_angle_d          ? ? 
'X-RAY DIFFRACTION' ? 0.031  ? 166  ? f_chiral_restr     ? ? 
'X-RAY DIFFRACTION' ? 0.003  ? 42   ? f_plane_restr      ? ? 
'X-RAY DIFFRACTION' ? 35.401 ? 406  ? f_dihedral_angle_d ? ? 
# 
loop_
_refine_ls_shell.pdbx_refine_id 
_refine_ls_shell.d_res_high 
_refine_ls_shell.d_res_low 
_refine_ls_shell.number_reflns_all 
_refine_ls_shell.number_reflns_obs 
_refine_ls_shell.number_reflns_R_free 
_refine_ls_shell.number_reflns_R_work 
_refine_ls_shell.percent_reflns_obs 
_refine_ls_shell.percent_reflns_R_free 
_refine_ls_shell.R_factor_all 
_refine_ls_shell.R_factor_obs 
_refine_ls_shell.R_factor_R_free 
_refine_ls_shell.R_factor_R_free_error 
_refine_ls_shell.R_factor_R_work 
_refine_ls_shell.redundancy_reflns_all 
_refine_ls_shell.redundancy_reflns_obs 
_refine_ls_shell.wR_factor_all 
_refine_ls_shell.wR_factor_obs 
_refine_ls_shell.wR_factor_R_free 
_refine_ls_shell.wR_factor_R_work 
_refine_ls_shell.pdbx_R_complete 
_refine_ls_shell.pdbx_total_number_of_bins_used 
_refine_ls_shell.pdbx_phase_error 
_refine_ls_shell.pdbx_fsc_work 
_refine_ls_shell.pdbx_fsc_free 
'X-RAY DIFFRACTION' 3.158  3.9782 . . 123 1095 59.0000  . . . 0.3411 0.0000 0.3417 . . . . . . . . . . . 
'X-RAY DIFFRACTION' 3.9782 43.729 . . 207 1854 100.0000 . . . 0.2664 0.0000 0.2297 . . . . . . . . . . . 
# 
_struct.entry_id                     7JHR 
_struct.title                        
'Self-assembly of a 3D DNA crystal lattice (4x6 junction version) containing the J4 immobile Holliday junction with R3 symmetry' 
_struct.pdbx_model_details           ? 
_struct.pdbx_formula_weight          ? 
_struct.pdbx_formula_weight_method   ? 
_struct.pdbx_model_type_details      ? 
_struct.pdbx_CASP_flag               N 
# 
_struct_keywords.entry_id        7JHR 
_struct_keywords.text            
'Structural DNA nanotechnology, immobile Holliday junctions, 3D DNA self-assembly, designer DNA crystals, DNA' 
_struct_keywords.pdbx_keywords   DNA 
# 
loop_
_struct_asym.id 
_struct_asym.pdbx_blank_PDB_chainid_flag 
_struct_asym.pdbx_modified 
_struct_asym.entity_id 
_struct_asym.details 
A N N 1 ? 
B N N 2 ? 
C N N 3 ? 
D N N 4 ? 
E N N 5 ? 
F N N 5 ? 
# 
loop_
_struct_conn.id 
_struct_conn.conn_type_id 
_struct_conn.pdbx_leaving_atom_flag 
_struct_conn.pdbx_PDB_id 
_struct_conn.ptnr1_label_asym_id 
_struct_conn.ptnr1_label_comp_id 
_struct_conn.ptnr1_label_seq_id 
_struct_conn.ptnr1_label_atom_id 
_struct_conn.pdbx_ptnr1_label_alt_id 
_struct_conn.pdbx_ptnr1_PDB_ins_code 
_struct_conn.pdbx_ptnr1_standard_comp_id 
_struct_conn.ptnr1_symmetry 
_struct_conn.ptnr2_label_asym_id 
_struct_conn.ptnr2_label_comp_id 
_struct_conn.ptnr2_label_seq_id 
_struct_conn.ptnr2_label_atom_id 
_struct_conn.pdbx_ptnr2_label_alt_id 
_struct_conn.pdbx_ptnr2_PDB_ins_code 
_struct_conn.ptnr1_auth_asym_id 
_struct_conn.ptnr1_auth_comp_id 
_struct_conn.ptnr1_auth_seq_id 
_struct_conn.ptnr2_auth_asym_id 
_struct_conn.ptnr2_auth_comp_id 
_struct_conn.ptnr2_auth_seq_id 
_struct_conn.ptnr2_symmetry 
_struct_conn.pdbx_ptnr3_label_atom_id 
_struct_conn.pdbx_ptnr3_label_seq_id 
_struct_conn.pdbx_ptnr3_label_comp_id 
_struct_conn.pdbx_ptnr3_label_asym_id 
_struct_conn.pdbx_ptnr3_label_alt_id 
_struct_conn.pdbx_ptnr3_PDB_ins_code 
_struct_conn.details 
_struct_conn.pdbx_dist_value 
_struct_conn.pdbx_value_order 
_struct_conn.pdbx_role 
hydrog1  hydrog ? ? A DG 3  N1 ? ? ? 1_555 D DC 15 N3 ? ? A DG 3  D DC 16 1_555 ? ? ? ? ? ? WATSON-CRICK ? ? ? 
hydrog2  hydrog ? ? A DG 3  N2 ? ? ? 1_555 D DC 15 O2 ? ? A DG 3  D DC 16 1_555 ? ? ? ? ? ? WATSON-CRICK ? ? ? 
hydrog3  hydrog ? ? A DG 3  O6 ? ? ? 1_555 D DC 15 N4 ? ? A DG 3  D DC 16 1_555 ? ? ? ? ? ? WATSON-CRICK ? ? ? 
hydrog4  hydrog ? ? A DC 4  N3 ? ? ? 1_555 D DG 14 N1 ? ? A DC 4  D DG 15 1_555 ? ? ? ? ? ? WATSON-CRICK ? ? ? 
hydrog5  hydrog ? ? A DC 4  N4 ? ? ? 1_555 D DG 14 O6 ? ? A DC 4  D DG 15 1_555 ? ? ? ? ? ? WATSON-CRICK ? ? ? 
hydrog6  hydrog ? ? A DC 4  O2 ? ? ? 1_555 D DG 14 N2 ? ? A DC 4  D DG 15 1_555 ? ? ? ? ? ? WATSON-CRICK ? ? ? 
hydrog7  hydrog ? ? A DA 5  N1 ? ? ? 1_555 D DT 13 N3 ? ? A DA 5  D DT 14 1_555 ? ? ? ? ? ? WATSON-CRICK ? ? ? 
hydrog8  hydrog ? ? A DA 5  N6 ? ? ? 1_555 D DT 13 O4 ? ? A DA 5  D DT 14 1_555 ? ? ? ? ? ? WATSON-CRICK ? ? ? 
hydrog9  hydrog ? ? A DG 6  N1 ? ? ? 1_555 D DC 12 N3 ? ? A DG 6  D DC 13 1_555 ? ? ? ? ? ? WATSON-CRICK ? ? ? 
hydrog10 hydrog ? ? A DG 6  N2 ? ? ? 1_555 D DC 12 O2 ? ? A DG 6  D DC 13 1_555 ? ? ? ? ? ? WATSON-CRICK ? ? ? 
hydrog11 hydrog ? ? A DG 6  O6 ? ? ? 1_555 D DC 12 N4 ? ? A DG 6  D DC 13 1_555 ? ? ? ? ? ? WATSON-CRICK ? ? ? 
hydrog12 hydrog ? ? A DA 7  N1 ? ? ? 1_555 D DT 11 N3 ? ? A DA 7  D DT 12 1_555 ? ? ? ? ? ? WATSON-CRICK ? ? ? 
hydrog13 hydrog ? ? A DA 7  N6 ? ? ? 1_555 D DT 11 O4 ? ? A DA 7  D DT 12 1_555 ? ? ? ? ? ? WATSON-CRICK ? ? ? 
hydrog14 hydrog ? ? A DC 8  N3 ? ? ? 1_555 D DG 10 N1 ? ? A DC 8  D DG 11 1_555 ? ? ? ? ? ? WATSON-CRICK ? ? ? 
hydrog15 hydrog ? ? A DC 8  N4 ? ? ? 1_555 D DG 10 O6 ? ? A DC 8  D DG 11 1_555 ? ? ? ? ? ? WATSON-CRICK ? ? ? 
hydrog16 hydrog ? ? A DC 8  O2 ? ? ? 1_555 D DG 10 N2 ? ? A DC 8  D DG 11 1_555 ? ? ? ? ? ? WATSON-CRICK ? ? ? 
hydrog17 hydrog ? ? A DC 9  N3 ? ? ? 1_555 D DG 9  N1 ? ? A DC 9  D DG 10 1_555 ? ? ? ? ? ? WATSON-CRICK ? ? ? 
hydrog18 hydrog ? ? A DC 9  N4 ? ? ? 1_555 D DG 9  O6 ? ? A DC 9  D DG 10 1_555 ? ? ? ? ? ? WATSON-CRICK ? ? ? 
hydrog19 hydrog ? ? A DC 9  O2 ? ? ? 1_555 D DG 9  N2 ? ? A DC 9  D DG 10 1_555 ? ? ? ? ? ? WATSON-CRICK ? ? ? 
hydrog20 hydrog ? ? A DA 10 N1 ? ? ? 1_555 C DT 3  N3 ? ? A DA 10 C DT 2  1_555 ? ? ? ? ? ? WATSON-CRICK ? ? ? 
hydrog21 hydrog ? ? A DA 10 N6 ? ? ? 1_555 C DT 3  O4 ? ? A DA 10 C DT 2  1_555 ? ? ? ? ? ? WATSON-CRICK ? ? ? 
hydrog22 hydrog ? ? A DG 11 N1 ? ? ? 1_555 C DC 2  N3 ? ? A DG 11 C DC 1  1_555 ? ? ? ? ? ? WATSON-CRICK ? ? ? 
hydrog23 hydrog ? ? A DG 11 N2 ? ? ? 1_555 C DC 2  O2 ? ? A DG 11 C DC 1  1_555 ? ? ? ? ? ? WATSON-CRICK ? ? ? 
hydrog24 hydrog ? ? A DG 11 O6 ? ? ? 1_555 C DC 2  N4 ? ? A DG 11 C DC 1  1_555 ? ? ? ? ? ? WATSON-CRICK ? ? ? 
hydrog25 hydrog ? ? A DA 12 N1 ? ? ? 1_555 C DT 1  N3 ? ? A DA 12 C DT 0  1_555 ? ? ? ? ? ? WATSON-CRICK ? ? ? 
hydrog26 hydrog ? ? A DA 12 N6 ? ? ? 1_555 C DT 1  O4 ? ? A DA 12 C DT 0  1_555 ? ? ? ? ? ? WATSON-CRICK ? ? ? 
hydrog27 hydrog ? ? B DC 1  N4 ? ? ? 1_555 C DG 6  O6 ? ? B DC 12 C DG 5  1_555 ? ? ? ? ? ? 'DC-DG PAIR' ? ? ? 
hydrog28 hydrog ? ? B DG 2  O6 ? ? ? 1_555 C DC 4  N4 ? ? B DG 13 C DC 3  1_555 ? ? ? ? ? ? 'DG-DC PAIR' ? ? ? 
hydrog29 hydrog ? ? B DG 2  O6 ? ? ? 1_555 C DC 5  N4 ? ? B DG 13 C DC 4  1_555 ? ? ? ? ? ? 'DG-DC PAIR' ? ? ? 
hydrog30 hydrog ? ? B DG 3  N1 ? ? ? 1_555 C DC 4  N3 ? ? B DG 14 C DC 3  1_555 ? ? ? ? ? ? WATSON-CRICK ? ? ? 
hydrog31 hydrog ? ? B DG 3  N2 ? ? ? 1_555 C DC 4  O2 ? ? B DG 14 C DC 3  1_555 ? ? ? ? ? ? WATSON-CRICK ? ? ? 
hydrog32 hydrog ? ? B DG 3  O6 ? ? ? 1_555 C DC 4  N4 ? ? B DG 14 C DC 3  1_555 ? ? ? ? ? ? WATSON-CRICK ? ? ? 
hydrog33 hydrog ? ? B DG 4  N1 ? ? ? 1_555 D DC 8  N3 ? ? B DG 15 D DC 9  1_555 ? ? ? ? ? ? WATSON-CRICK ? ? ? 
hydrog34 hydrog ? ? B DG 4  N2 ? ? ? 1_555 D DC 8  O2 ? ? B DG 15 D DC 9  1_555 ? ? ? ? ? ? WATSON-CRICK ? ? ? 
hydrog35 hydrog ? ? B DG 4  O6 ? ? ? 1_555 D DC 8  N4 ? ? B DG 15 D DC 9  1_555 ? ? ? ? ? ? WATSON-CRICK ? ? ? 
hydrog36 hydrog ? ? B DA 5  N1 ? ? ? 1_555 D DT 7  N3 ? ? B DA 16 D DT 8  1_555 ? ? ? ? ? ? WATSON-CRICK ? ? ? 
hydrog37 hydrog ? ? B DA 5  N6 ? ? ? 1_555 D DT 7  O4 ? ? B DA 16 D DT 8  1_555 ? ? ? ? ? ? WATSON-CRICK ? ? ? 
hydrog38 hydrog ? ? B DC 6  N3 ? ? ? 1_555 D DG 6  N1 ? ? B DC 17 D DG 7  1_555 ? ? ? ? ? ? WATSON-CRICK ? ? ? 
hydrog39 hydrog ? ? B DC 6  N4 ? ? ? 1_555 D DG 6  O6 ? ? B DC 17 D DG 7  1_555 ? ? ? ? ? ? WATSON-CRICK ? ? ? 
hydrog40 hydrog ? ? B DC 6  O2 ? ? ? 1_555 D DG 6  N2 ? ? B DC 17 D DG 7  1_555 ? ? ? ? ? ? WATSON-CRICK ? ? ? 
hydrog41 hydrog ? ? B DT 7  N3 ? ? ? 1_555 D DA 5  N1 ? ? B DT 18 D DA 6  1_555 ? ? ? ? ? ? WATSON-CRICK ? ? ? 
hydrog42 hydrog ? ? B DT 7  O4 ? ? ? 1_555 D DA 5  N6 ? ? B DT 18 D DA 6  1_555 ? ? ? ? ? ? WATSON-CRICK ? ? ? 
hydrog43 hydrog ? ? B DC 8  N3 ? ? ? 1_555 D DG 4  N1 ? ? B DC 19 D DG 5  1_555 ? ? ? ? ? ? WATSON-CRICK ? ? ? 
hydrog44 hydrog ? ? B DC 8  N4 ? ? ? 1_555 D DG 4  O6 ? ? B DC 19 D DG 5  1_555 ? ? ? ? ? ? WATSON-CRICK ? ? ? 
hydrog45 hydrog ? ? B DC 8  O2 ? ? ? 1_555 D DG 4  N2 ? ? B DC 19 D DG 5  1_555 ? ? ? ? ? ? WATSON-CRICK ? ? ? 
hydrog46 hydrog ? ? B DA 9  N1 ? ? ? 1_555 D DT 3  N3 ? ? B DA 20 D DT 4  1_555 ? ? ? ? ? ? WATSON-CRICK ? ? ? 
hydrog47 hydrog ? ? B DA 9  N6 ? ? ? 1_555 D DT 3  O4 ? ? B DA 20 D DT 4  1_555 ? ? ? ? ? ? WATSON-CRICK ? ? ? 
# 
_struct_conn_type.id          hydrog 
_struct_conn_type.criteria    ? 
_struct_conn_type.reference   ? 
# 
_atom_sites.entry_id                    7JHR 
_atom_sites.Cartn_transf_matrix[1][1]   ? 
_atom_sites.Cartn_transf_matrix[1][2]   ? 
_atom_sites.Cartn_transf_matrix[1][3]   ? 
_atom_sites.Cartn_transf_matrix[2][1]   ? 
_atom_sites.Cartn_transf_matrix[2][2]   ? 
_atom_sites.Cartn_transf_matrix[2][3]   ? 
_atom_sites.Cartn_transf_matrix[3][1]   ? 
_atom_sites.Cartn_transf_matrix[3][2]   ? 
_atom_sites.Cartn_transf_matrix[3][3]   ? 
_atom_sites.Cartn_transf_vector[1]      ? 
_atom_sites.Cartn_transf_vector[2]      ? 
_atom_sites.Cartn_transf_vector[3]      ? 
_atom_sites.fract_transf_matrix[1][1]   0.00594966 
_atom_sites.fract_transf_matrix[1][2]   0.00278776 
_atom_sites.fract_transf_matrix[1][3]   -0.00757509 
_atom_sites.fract_transf_matrix[2][1]   -0.00401190 
_atom_sites.fract_transf_matrix[2][2]   0.00343317 
_atom_sites.fract_transf_matrix[2][3]   -0.00852518 
_atom_sites.fract_transf_matrix[3][1]   0.00052874 
_atom_sites.fract_transf_matrix[3][2]   0.01914290 
_atom_sites.fract_transf_matrix[3][3]   0.00746020 
_atom_sites.fract_transf_vector[1]      0.173298 
_atom_sites.fract_transf_vector[2]      0.829661 
_atom_sites.fract_transf_vector[3]      0.201257 
_atom_sites.solution_primary            ? 
_atom_sites.solution_secondary          ? 
_atom_sites.solution_hydrogens          ? 
_atom_sites.special_details             ? 
# 
loop_
_atom_type.symbol 
AS 
C  
N  
O  
P  
# 
loop_
_atom_site.group_PDB 
_atom_site.id 
_atom_site.type_symbol 
_atom_site.label_atom_id 
_atom_site.label_alt_id 
_atom_site.label_comp_id 
_atom_site.label_asym_id 
_atom_site.label_entity_id 
_atom_site.label_seq_id 
_atom_site.pdbx_PDB_ins_code 
_atom_site.Cartn_x 
_atom_site.Cartn_y 
_atom_site.Cartn_z 
_atom_site.occupancy 
_atom_site.B_iso_or_equiv 
_atom_site.pdbx_formal_charge 
_atom_site.auth_seq_id 
_atom_site.auth_comp_id 
_atom_site.auth_asym_id 
_atom_site.auth_atom_id 
_atom_site.pdbx_PDB_model_num 
ATOM   1   O  "O5'" . DG  A 1 1  ? 11.554  15.891  18.388  1.00 161.74 ? 1   DG  A "O5'" 1 
ATOM   2   C  "C5'" . DG  A 1 1  ? 12.902  15.738  18.809  1.00 156.73 ? 1   DG  A "C5'" 1 
ATOM   3   C  "C4'" . DG  A 1 1  ? 13.064  14.486  19.650  1.00 152.57 ? 1   DG  A "C4'" 1 
ATOM   4   O  "O4'" . DG  A 1 1  ? 12.181  14.556  20.782  1.00 147.08 ? 1   DG  A "O4'" 1 
ATOM   5   C  "C3'" . DG  A 1 1  ? 12.686  13.191  18.953  1.00 147.29 ? 1   DG  A "C3'" 1 
ATOM   6   O  "O3'" . DG  A 1 1  ? 13.808  12.680  18.242  1.00 153.50 ? 1   DG  A "O3'" 1 
ATOM   7   C  "C2'" . DG  A 1 1  ? 12.302  12.273  20.117  1.00 144.97 ? 1   DG  A "C2'" 1 
ATOM   8   C  "C1'" . DG  A 1 1  ? 11.902  13.248  21.233  1.00 147.62 ? 1   DG  A "C1'" 1 
ATOM   9   N  N9    . DG  A 1 1  ? 10.493  13.186  21.630  1.00 141.05 ? 1   DG  A N9    1 
ATOM   10  C  C8    . DG  A 1 1  ? 9.676   14.253  21.917  1.00 142.08 ? 1   DG  A C8    1 
ATOM   11  N  N7    . DG  A 1 1  ? 8.469   13.909  22.265  1.00 135.14 ? 1   DG  A N7    1 
ATOM   12  C  C5    . DG  A 1 1  ? 8.480   12.523  22.208  1.00 134.52 ? 1   DG  A C5    1 
ATOM   13  C  C6    . DG  A 1 1  ? 7.449   11.596  22.480  1.00 134.85 ? 1   DG  A C6    1 
ATOM   14  O  O6    . DG  A 1 1  ? 6.285   11.830  22.835  1.00 138.10 ? 1   DG  A O6    1 
ATOM   15  N  N1    . DG  A 1 1  ? 7.875   10.283  22.306  1.00 132.43 ? 1   DG  A N1    1 
ATOM   16  C  C2    . DG  A 1 1  ? 9.140   9.910   21.916  1.00 139.15 ? 1   DG  A C2    1 
ATOM   17  N  N2    . DG  A 1 1  ? 9.362   8.595   21.800  1.00 139.37 ? 1   DG  A N2    1 
ATOM   18  N  N3    . DG  A 1 1  ? 10.120  10.768  21.659  1.00 137.43 ? 1   DG  A N3    1 
ATOM   19  C  C4    . DG  A 1 1  ? 9.721   12.056  21.822  1.00 136.68 ? 1   DG  A C4    1 
ATOM   20  P  P     . DA  A 1 2  ? 13.672  12.282  16.692  1.00 171.23 ? 2   DA  A P     1 
ATOM   21  O  OP1   . DA  A 1 2  ? 15.029  12.334  16.102  1.00 160.84 ? 2   DA  A OP1   1 
ATOM   22  O  OP2   . DA  A 1 2  ? 12.580  13.095  16.110  1.00 163.31 ? 2   DA  A OP2   1 
ATOM   23  O  "O5'" . DA  A 1 2  ? 13.184  10.760  16.722  1.00 154.59 ? 2   DA  A "O5'" 1 
ATOM   24  C  "C5'" . DA  A 1 2  ? 14.027  9.751   17.258  1.00 148.19 ? 2   DA  A "C5'" 1 
ATOM   25  C  "C4'" . DA  A 1 2  ? 13.266  8.448   17.438  1.00 146.07 ? 2   DA  A "C4'" 1 
ATOM   26  O  "O4'" . DA  A 1 2  ? 12.151  8.655   18.343  1.00 145.70 ? 2   DA  A "O4'" 1 
ATOM   27  C  "C3'" . DA  A 1 2  ? 12.658  7.870   16.166  1.00 142.51 ? 2   DA  A "C3'" 1 
ATOM   28  O  "O3'" . DA  A 1 2  ? 12.638  6.454   16.243  1.00 139.73 ? 2   DA  A "O3'" 1 
ATOM   29  C  "C2'" . DA  A 1 2  ? 11.247  8.447   16.179  1.00 138.18 ? 2   DA  A "C2'" 1 
ATOM   30  C  "C1'" . DA  A 1 2  ? 10.929  8.430   17.667  1.00 140.36 ? 2   DA  A "C1'" 1 
ATOM   31  N  N9    . DA  A 1 2  ? 9.994   9.472   18.065  1.00 142.06 ? 2   DA  A N9    1 
ATOM   32  C  C8    . DA  A 1 2  ? 10.213  10.819  18.053  1.00 143.87 ? 2   DA  A C8    1 
ATOM   33  N  N7    . DA  A 1 2  ? 9.191   11.527  18.471  1.00 145.95 ? 2   DA  A N7    1 
ATOM   34  C  C5    . DA  A 1 2  ? 8.233   10.575  18.774  1.00 138.16 ? 2   DA  A C5    1 
ATOM   35  C  C6    . DA  A 1 2  ? 6.918   10.676  19.265  1.00 138.11 ? 2   DA  A C6    1 
ATOM   36  N  N6    . DA  A 1 2  ? 6.326   11.841  19.545  1.00 137.97 ? 2   DA  A N6    1 
ATOM   37  N  N1    . DA  A 1 2  ? 6.234   9.530   19.457  1.00 141.31 ? 2   DA  A N1    1 
ATOM   38  C  C2    . DA  A 1 2  ? 6.832   8.366   19.177  1.00 142.30 ? 2   DA  A C2    1 
ATOM   39  N  N3    . DA  A 1 2  ? 8.059   8.146   18.710  1.00 137.57 ? 2   DA  A N3    1 
ATOM   40  C  C4    . DA  A 1 2  ? 8.713   9.303   18.530  1.00 139.08 ? 2   DA  A C4    1 
ATOM   41  P  P     . DG  A 1 3  ? 11.961  5.590   15.071  1.00 152.35 ? 3   DG  A P     1 
ATOM   42  O  OP1   . DG  A 1 3  ? 12.580  4.247   15.085  1.00 150.89 ? 3   DG  A OP1   1 
ATOM   43  O  OP2   . DG  A 1 3  ? 11.993  6.397   13.831  1.00 158.77 ? 3   DG  A OP2   1 
ATOM   44  O  "O5'" . DG  A 1 3  ? 10.437  5.466   15.524  1.00 137.58 ? 3   DG  A "O5'" 1 
ATOM   45  C  "C5'" . DG  A 1 3  ? 10.095  4.658   16.633  1.00 146.31 ? 3   DG  A "C5'" 1 
ATOM   46  C  "C4'" . DG  A 1 3  ? 8.948   3.721   16.292  1.00 153.58 ? 3   DG  A "C4'" 1 
ATOM   47  O  "O4'" . DG  A 1 3  ? 7.690   4.352   16.612  1.00 144.63 ? 3   DG  A "O4'" 1 
ATOM   48  C  "C3'" . DG  A 1 3  ? 8.837   3.319   14.830  1.00 155.61 ? 3   DG  A "C3'" 1 
ATOM   49  O  "O3'" . DG  A 1 3  ? 8.273   2.009   14.734  1.00 156.27 ? 3   DG  A "O3'" 1 
ATOM   50  C  "C2'" . DG  A 1 3  ? 7.910   4.387   14.236  1.00 154.42 ? 3   DG  A "C2'" 1 
ATOM   51  C  "C1'" . DG  A 1 3  ? 7.093   4.871   15.439  1.00 151.88 ? 3   DG  A "C1'" 1 
ATOM   52  N  N9    . DG  A 1 3  ? 7.045   6.324   15.559  1.00 153.09 ? 3   DG  A N9    1 
ATOM   53  C  C8    . DG  A 1 3  ? 8.053   7.214   15.271  1.00 146.38 ? 3   DG  A C8    1 
ATOM   54  N  N7    . DG  A 1 3  ? 7.725   8.458   15.479  1.00 147.55 ? 3   DG  A N7    1 
ATOM   55  C  C5    . DG  A 1 3  ? 6.412   8.389   15.933  1.00 149.94 ? 3   DG  A C5    1 
ATOM   56  C  C6    . DG  A 1 3  ? 5.526   9.422   16.321  1.00 147.43 ? 3   DG  A C6    1 
ATOM   57  O  O6    . DG  A 1 3  ? 5.731   10.643  16.341  1.00 143.39 ? 3   DG  A O6    1 
ATOM   58  N  N1    . DG  A 1 3  ? 4.290   8.915   16.720  1.00 152.39 ? 3   DG  A N1    1 
ATOM   59  C  C2    . DG  A 1 3  ? 3.955   7.582   16.738  1.00 153.02 ? 3   DG  A C2    1 
ATOM   60  N  N2    . DG  A 1 3  ? 2.714   7.288   17.152  1.00 159.18 ? 3   DG  A N2    1 
ATOM   61  N  N3    . DG  A 1 3  ? 4.775   6.605   16.378  1.00 151.50 ? 3   DG  A N3    1 
ATOM   62  C  C4    . DG  A 1 3  ? 5.982   7.081   15.991  1.00 150.22 ? 3   DG  A C4    1 
ATOM   63  P  P     . DC  A 1 4  ? 7.784   1.421   13.319  1.00 167.49 ? 4   DC  A P     1 
ATOM   64  O  OP1   . DC  A 1 4  ? 7.860   -0.053  13.413  1.00 148.94 ? 4   DC  A OP1   1 
ATOM   65  O  OP2   . DC  A 1 4  ? 8.513   2.120   12.237  1.00 162.77 ? 4   DC  A OP2   1 
ATOM   66  O  "O5'" . DC  A 1 4  ? 6.238   1.830   13.255  1.00 154.34 ? 4   DC  A "O5'" 1 
ATOM   67  C  "C5'" . DC  A 1 4  ? 5.364   1.429   14.305  1.00 155.63 ? 4   DC  A "C5'" 1 
ATOM   68  C  "C4'" . DC  A 1 4  ? 3.929   1.850   14.029  1.00 161.31 ? 4   DC  A "C4'" 1 
ATOM   69  O  "O4'" . DC  A 1 4  ? 3.745   3.251   14.363  1.00 162.88 ? 4   DC  A "O4'" 1 
ATOM   70  C  "C3'" . DC  A 1 4  ? 3.460   1.694   12.579  1.00 157.49 ? 4   DC  A "C3'" 1 
ATOM   71  O  "O3'" . DC  A 1 4  ? 2.156   1.145   12.570  1.00 155.38 ? 4   DC  A "O3'" 1 
ATOM   72  C  "C2'" . DC  A 1 4  ? 3.456   3.134   12.066  1.00 157.14 ? 4   DC  A "C2'" 1 
ATOM   73  C  "C1'" . DC  A 1 4  ? 3.039   3.876   13.319  1.00 157.48 ? 4   DC  A "C1'" 1 
ATOM   74  N  N1    . DC  A 1 4  ? 3.385   5.322   13.309  1.00 155.76 ? 4   DC  A N1    1 
ATOM   75  C  C2    . DC  A 1 4  ? 2.447   6.258   13.752  1.00 158.42 ? 4   DC  A C2    1 
ATOM   76  O  O2    . DC  A 1 4  ? 1.341   5.864   14.140  1.00 162.51 ? 4   DC  A O2    1 
ATOM   77  N  N3    . DC  A 1 4  ? 2.776   7.573   13.742  1.00 157.81 ? 4   DC  A N3    1 
ATOM   78  C  C4    . DC  A 1 4  ? 3.980   7.956   13.315  1.00 155.58 ? 4   DC  A C4    1 
ATOM   79  N  N4    . DC  A 1 4  ? 4.259   9.265   13.323  1.00 153.50 ? 4   DC  A N4    1 
ATOM   80  C  C5    . DC  A 1 4  ? 4.949   7.016   12.858  1.00 156.53 ? 4   DC  A C5    1 
ATOM   81  C  C6    . DC  A 1 4  ? 4.613   5.722   12.874  1.00 156.02 ? 4   DC  A C6    1 
ATOM   82  P  P     . DA  A 1 5  ? 1.598   0.379   11.274  1.00 165.65 ? 5   DA  A P     1 
ATOM   83  O  OP1   . DA  A 1 5  ? 1.598   -1.070  11.576  1.00 158.98 ? 5   DA  A OP1   1 
ATOM   84  O  OP2   . DA  A 1 5  ? 2.330   0.880   10.091  1.00 165.10 ? 5   DA  A OP2   1 
ATOM   85  O  "O5'" . DA  A 1 5  ? 0.085   0.887   11.171  1.00 158.08 ? 5   DA  A "O5'" 1 
ATOM   86  C  "C5'" . DA  A 1 5  ? -0.796  0.709   12.273  1.00 150.63 ? 5   DA  A "C5'" 1 
ATOM   87  C  "C4'" . DA  A 1 5  ? -1.907  1.746   12.255  1.00 155.10 ? 5   DA  A "C4'" 1 
ATOM   88  O  "O4'" . DA  A 1 5  ? -1.337  3.073   12.394  1.00 148.06 ? 5   DA  A "O4'" 1 
ATOM   89  C  "C3'" . DA  A 1 5  ? -2.743  1.782   10.981  1.00 151.35 ? 5   DA  A "C3'" 1 
ATOM   90  O  "O3'" . DA  A 1 5  ? -4.088  2.092   11.303  1.00 147.74 ? 5   DA  A "O3'" 1 
ATOM   91  C  "C2'" . DA  A 1 5  ? -2.089  2.901   10.176  1.00 151.21 ? 5   DA  A "C2'" 1 
ATOM   92  C  "C1'" . DA  A 1 5  ? -1.679  3.866   11.277  1.00 147.17 ? 5   DA  A "C1'" 1 
ATOM   93  N  N9    . DA  A 1 5  ? -0.519  4.677   10.929  1.00 150.01 ? 5   DA  A N9    1 
ATOM   94  C  C8    . DA  A 1 5  ? 0.671   4.235   10.426  1.00 147.66 ? 5   DA  A C8    1 
ATOM   95  N  N7    . DA  A 1 5  ? 1.544   5.191   10.214  1.00 147.31 ? 5   DA  A N7    1 
ATOM   96  C  C5    . DA  A 1 5  ? 0.879   6.341   10.606  1.00 149.70 ? 5   DA  A C5    1 
ATOM   97  C  C6    . DA  A 1 5  ? 1.259   7.697   10.629  1.00 151.86 ? 5   DA  A C6    1 
ATOM   98  N  N6    . DA  A 1 5  ? 2.459   8.131   10.228  1.00 152.32 ? 5   DA  A N6    1 
ATOM   99  N  N1    . DA  A 1 5  ? 0.357   8.592   11.079  1.00 152.28 ? 5   DA  A N1    1 
ATOM   100 C  C2    . DA  A 1 5  ? -0.843  8.153   11.479  1.00 149.48 ? 5   DA  A C2    1 
ATOM   101 N  N3    . DA  A 1 5  ? -1.314  6.907   11.505  1.00 151.56 ? 5   DA  A N3    1 
ATOM   102 C  C4    . DA  A 1 5  ? -0.395  6.041   11.050  1.00 152.43 ? 5   DA  A C4    1 
ATOM   103 P  P     . DG  A 1 6  ? -5.221  2.072   10.165  1.00 165.60 ? 6   DG  A P     1 
ATOM   104 O  OP1   . DG  A 1 6  ? -6.448  1.499   10.760  1.00 157.64 ? 6   DG  A OP1   1 
ATOM   105 O  OP2   . DG  A 1 6  ? -4.632  1.467   8.950   1.00 165.33 ? 6   DG  A OP2   1 
ATOM   106 O  "O5'" . DG  A 1 6  ? -5.480  3.616   9.861   1.00 158.89 ? 6   DG  A "O5'" 1 
ATOM   107 C  "C5'" . DG  A 1 6  ? -5.970  4.468   10.883  1.00 154.56 ? 6   DG  A "C5'" 1 
ATOM   108 C  "C4'" . DG  A 1 6  ? -6.035  5.895   10.388  1.00 154.59 ? 6   DG  A "C4'" 1 
ATOM   109 O  "O4'" . DG  A 1 6  ? -4.686  6.404   10.215  1.00 153.59 ? 6   DG  A "O4'" 1 
ATOM   110 C  "C3'" . DG  A 1 6  ? -6.735  6.066   9.036   1.00 155.03 ? 6   DG  A "C3'" 1 
ATOM   111 O  "O3'" . DG  A 1 6  ? -7.653  7.149   9.085   1.00 156.05 ? 6   DG  A "O3'" 1 
ATOM   112 C  "C2'" . DG  A 1 6  ? -5.586  6.345   8.070   1.00 150.87 ? 6   DG  A "C2'" 1 
ATOM   113 C  "C1'" . DG  A 1 6  ? -4.591  7.050   8.971   1.00 149.95 ? 6   DG  A "C1'" 1 
ATOM   114 N  N9    . DG  A 1 6  ? -3.217  6.959   8.491   1.00 148.89 ? 6   DG  A N9    1 
ATOM   115 C  C8    . DG  A 1 6  ? -2.553  5.824   8.089   1.00 148.69 ? 6   DG  A C8    1 
ATOM   116 N  N7    . DG  A 1 6  ? -1.330  6.052   7.693   1.00 143.94 ? 6   DG  A N7    1 
ATOM   117 C  C5    . DG  A 1 6  ? -1.176  7.426   7.838   1.00 145.67 ? 6   DG  A C5    1 
ATOM   118 C  C6    . DG  A 1 6  ? -0.061  8.254   7.568   1.00 146.16 ? 6   DG  A C6    1 
ATOM   119 O  O6    . DG  A 1 6  ? 1.050   7.925   7.131   1.00 143.88 ? 6   DG  A O6    1 
ATOM   120 N  N1    . DG  A 1 6  ? -0.329  9.589   7.855   1.00 147.24 ? 6   DG  A N1    1 
ATOM   121 C  C2    . DG  A 1 6  ? -1.524  10.066  8.342   1.00 150.50 ? 6   DG  A C2    1 
ATOM   122 N  N2    . DG  A 1 6  ? -1.593  11.386  8.557   1.00 152.59 ? 6   DG  A N2    1 
ATOM   123 N  N3    . DG  A 1 6  ? -2.575  9.302   8.600   1.00 144.80 ? 6   DG  A N3    1 
ATOM   124 C  C4    . DG  A 1 6  ? -2.331  7.998   8.326   1.00 146.33 ? 6   DG  A C4    1 
ATOM   125 P  P     . DA  A 1 7  ? -8.823  7.267   7.987   1.00 168.23 ? 7   DA  A P     1 
ATOM   126 O  OP1   . DA  A 1 7  ? -10.119 7.188   8.695   1.00 163.99 ? 7   DA  A OP1   1 
ATOM   127 O  OP2   . DA  A 1 7  ? -8.530  6.317   6.894   1.00 165.35 ? 7   DA  A OP2   1 
ATOM   128 O  "O5'" . DA  A 1 7  ? -8.644  8.743   7.403   1.00 159.54 ? 7   DA  A "O5'" 1 
ATOM   129 C  "C5'" . DA  A 1 7  ? -8.592  9.849   8.289   1.00 154.45 ? 7   DA  A "C5'" 1 
ATOM   130 C  "C4'" . DA  A 1 7  ? -7.652  10.911  7.761   1.00 150.10 ? 7   DA  A "C4'" 1 
ATOM   131 O  "O4'" . DA  A 1 7  ? -6.337  10.336  7.564   1.00 140.86 ? 7   DA  A "O4'" 1 
ATOM   132 C  "C3'" . DA  A 1 7  ? -8.062  11.517  6.415   1.00 151.77 ? 7   DA  A "C3'" 1 
ATOM   133 O  "O3'" . DA  A 1 7  ? -8.212  12.924  6.538   1.00 154.51 ? 7   DA  A "O3'" 1 
ATOM   134 C  "C2'" . DA  A 1 7  ? -6.913  11.151  5.471   1.00 144.76 ? 7   DA  A "C2'" 1 
ATOM   135 C  "C1'" . DA  A 1 7  ? -5.760  10.926  6.434   1.00 142.93 ? 7   DA  A "C1'" 1 
ATOM   136 N  N9    . DA  A 1 7  ? -4.737  10.034  5.898   1.00 146.02 ? 7   DA  A N9    1 
ATOM   137 C  C8    . DA  A 1 7  ? -4.835  8.686   5.702   1.00 145.49 ? 7   DA  A C8    1 
ATOM   138 N  N7    . DA  A 1 7  ? -3.757  8.145   5.184   1.00 137.71 ? 7   DA  A N7    1 
ATOM   139 C  C5    . DA  A 1 7  ? -2.892  9.216   5.025   1.00 142.05 ? 7   DA  A C5    1 
ATOM   140 C  C6    . DA  A 1 7  ? -1.580  9.312   4.520   1.00 138.58 ? 7   DA  A C6    1 
ATOM   141 N  N6    . DA  A 1 7  ? -0.886  8.264   4.068   1.00 136.03 ? 7   DA  A N6    1 
ATOM   142 N  N1    . DA  A 1 7  ? -1.006  10.532  4.498   1.00 140.85 ? 7   DA  A N1    1 
ATOM   143 C  C2    . DA  A 1 7  ? -1.703  11.579  4.951   1.00 143.37 ? 7   DA  A C2    1 
ATOM   144 N  N3    . DA  A 1 7  ? -2.939  11.613  5.445   1.00 145.80 ? 7   DA  A N3    1 
ATOM   145 C  C4    . DA  A 1 7  ? -3.482  10.387  5.458   1.00 144.88 ? 7   DA  A C4    1 
ATOM   146 P  P     . DC  A 1 8  ? -8.795  13.784  5.311   1.00 160.21 ? 8   DC  A P     1 
ATOM   147 O  OP1   . DC  A 1 8  ? -9.314  15.058  5.855   1.00 166.72 ? 8   DC  A OP1   1 
ATOM   148 O  OP2   . DC  A 1 8  ? -9.687  12.899  4.531   1.00 159.45 ? 8   DC  A OP2   1 
ATOM   149 O  "O5'" . DC  A 1 8  ? -7.506  14.099  4.417   1.00 151.02 ? 8   DC  A "O5'" 1 
ATOM   150 C  "C5'" . DC  A 1 8  ? -6.399  14.776  4.990   1.00 148.08 ? 8   DC  A "C5'" 1 
ATOM   151 C  "C4'" . DC  A 1 8  ? -5.233  14.822  4.022   1.00 148.32 ? 8   DC  A "C4'" 1 
ATOM   152 O  "O4'" . DC  A 1 8  ? -4.627  13.523  3.923   1.00 144.82 ? 8   DC  A "O4'" 1 
ATOM   153 C  "C3'" . DC  A 1 8  ? -5.599  15.200  2.588   1.00 151.27 ? 8   DC  A "C3'" 1 
ATOM   154 O  "O3'" . DC  A 1 8  ? -5.303  16.569  2.353   1.00 155.23 ? 8   DC  A "O3'" 1 
ATOM   155 C  "C2'" . DC  A 1 8  ? -4.727  14.278  1.711   1.00 151.96 ? 8   DC  A "C2'" 1 
ATOM   156 C  "C1'" . DC  A 1 8  ? -3.902  13.486  2.725   1.00 144.29 ? 8   DC  A "C1'" 1 
ATOM   157 N  N1    . DC  A 1 8  ? -3.683  12.066  2.331   1.00 135.80 ? 8   DC  A N1    1 
ATOM   158 C  C2    . DC  A 1 8  ? -2.487  11.703  1.699   1.00 139.50 ? 8   DC  A C2    1 
ATOM   159 O  O2    . DC  A 1 8  ? -1.630  12.571  1.487   1.00 137.04 ? 8   DC  A O2    1 
ATOM   160 N  N3    . DC  A 1 8  ? -2.300  10.410  1.343   1.00 136.61 ? 8   DC  A N3    1 
ATOM   161 C  C4    . DC  A 1 8  ? -3.248  9.505   1.590   1.00 137.11 ? 8   DC  A C4    1 
ATOM   162 N  N4    . DC  A 1 8  ? -3.018  8.243   1.220   1.00 134.55 ? 8   DC  A N4    1 
ATOM   163 C  C5    . DC  A 1 8  ? -4.476  9.857   2.229   1.00 136.14 ? 8   DC  A C5    1 
ATOM   164 C  C6    . DC  A 1 8  ? -4.650  11.137  2.575   1.00 137.66 ? 8   DC  A C6    1 
ATOM   165 P  P     . DC  A 1 9  ? -5.693  17.246  0.950   1.00 160.74 ? 9   DC  A P     1 
ATOM   166 O  OP1   . DC  A 1 9  ? -5.847  18.698  1.184   1.00 159.99 ? 9   DC  A OP1   1 
ATOM   167 O  OP2   . DC  A 1 9  ? -6.822  16.466  0.394   1.00 163.19 ? 9   DC  A OP2   1 
ATOM   168 O  "O5'" . DC  A 1 9  ? -4.404  17.006  0.025   1.00 148.08 ? 9   DC  A "O5'" 1 
ATOM   169 C  "C5'" . DC  A 1 9  ? -3.156  17.593  0.383   1.00 149.78 ? 9   DC  A "C5'" 1 
ATOM   170 C  "C4'" . DC  A 1 9  ? -2.040  17.118  -0.534  1.00 158.27 ? 9   DC  A "C4'" 1 
ATOM   171 O  "O4'" . DC  A 1 9  ? -1.955  15.672  -0.504  1.00 158.69 ? 9   DC  A "O4'" 1 
ATOM   172 C  "C3'" . DC  A 1 9  ? -2.188  17.510  -2.010  1.00 160.63 ? 9   DC  A "C3'" 1 
ATOM   173 O  "O3'" . DC  A 1 9  ? -1.020  18.196  -2.442  1.00 165.13 ? 9   DC  A "O3'" 1 
ATOM   174 C  "C2'" . DC  A 1 9  ? -2.354  16.168  -2.733  1.00 160.38 ? 9   DC  A "C2'" 1 
ATOM   175 C  "C1'" . DC  A 1 9  ? -1.639  15.215  -1.793  1.00 156.12 ? 9   DC  A "C1'" 1 
ATOM   176 N  N1    . DC  A 1 9  ? -2.088  13.800  -1.921  1.00 153.77 ? 9   DC  A N1    1 
ATOM   177 C  C2    . DC  A 1 9  ? -1.257  12.863  -2.548  1.00 148.57 ? 9   DC  A C2    1 
ATOM   178 O  O2    . DC  A 1 9  ? -0.158  13.226  -2.987  1.00 154.18 ? 9   DC  A O2    1 
ATOM   179 N  N3    . DC  A 1 9  ? -1.682  11.579  -2.656  1.00 144.97 ? 9   DC  A N3    1 
ATOM   180 C  C4    . DC  A 1 9  ? -2.874  11.227  -2.169  1.00 143.47 ? 9   DC  A C4    1 
ATOM   181 N  N4    . DC  A 1 9  ? -3.250  9.950   -2.298  1.00 141.40 ? 9   DC  A N4    1 
ATOM   182 C  C5    . DC  A 1 9  ? -3.734  12.168  -1.528  1.00 144.17 ? 9   DC  A C5    1 
ATOM   183 C  C6    . DC  A 1 9  ? -3.304  13.431  -1.427  1.00 145.59 ? 9   DC  A C6    1 
ATOM   184 P  P     . DA  A 1 10 ? -0.904  18.734  -3.952  1.00 177.39 ? 10  DA  A P     1 
ATOM   185 O  OP1   . DA  A 1 10 ? -0.126  19.992  -3.908  1.00 175.08 ? 10  DA  A OP1   1 
ATOM   186 O  OP2   . DA  A 1 10 ? -2.256  18.727  -4.553  1.00 163.87 ? 10  DA  A OP2   1 
ATOM   187 O  "O5'" . DA  A 1 10 ? -0.028  17.618  -4.691  1.00 166.56 ? 10  DA  A "O5'" 1 
ATOM   188 C  "C5'" . DA  A 1 10 ? 1.313   17.373  -4.276  1.00 167.01 ? 10  DA  A "C5'" 1 
ATOM   189 C  "C4'" . DA  A 1 10 ? 2.109   16.697  -5.380  1.00 168.82 ? 10  DA  A "C4'" 1 
ATOM   190 O  "O4'" . DA  A 1 10 ? 1.806   15.278  -5.406  1.00 167.62 ? 10  DA  A "O4'" 1 
ATOM   191 C  "C3'" . DA  A 1 10 ? 1.833   17.211  -6.789  1.00 170.99 ? 10  DA  A "C3'" 1 
ATOM   192 O  "O3'" . DA  A 1 10 ? 3.034   17.198  -7.546  1.00 173.75 ? 10  DA  A "O3'" 1 
ATOM   193 C  "C2'" . DA  A 1 10 ? 0.813   16.208  -7.329  1.00 167.31 ? 10  DA  A "C2'" 1 
ATOM   194 C  "C1'" . DA  A 1 10 ? 1.263   14.915  -6.663  1.00 166.04 ? 10  DA  A "C1'" 1 
ATOM   195 N  N9    . DA  A 1 10 ? 0.178   13.965  -6.426  1.00 159.84 ? 10  DA  A N9    1 
ATOM   196 C  C8    . DA  A 1 10 ? -1.079  14.247  -5.966  1.00 157.22 ? 10  DA  A C8    1 
ATOM   197 N  N7    . DA  A 1 10 ? -1.844  13.188  -5.831  1.00 152.93 ? 10  DA  A N7    1 
ATOM   198 C  C5    . DA  A 1 10 ? -1.030  12.136  -6.223  1.00 155.00 ? 10  DA  A C5    1 
ATOM   199 C  C6    . DA  A 1 10 ? -1.247  10.745  -6.308  1.00 146.06 ? 10  DA  A C6    1 
ATOM   200 N  N6    . DA  A 1 10 ? -2.404  10.160  -5.987  1.00 142.21 ? 10  DA  A N6    1 
ATOM   201 N  N1    . DA  A 1 10 ? -0.224  9.978   -6.740  1.00 144.58 ? 10  DA  A N1    1 
ATOM   202 C  C2    . DA  A 1 10 ? 0.935   10.567  -7.062  1.00 148.06 ? 10  DA  A C2    1 
ATOM   203 N  N3    . DA  A 1 10 ? 1.256   11.861  -7.023  1.00 154.04 ? 10  DA  A N3    1 
ATOM   204 C  C4    . DA  A 1 10 ? 0.221   12.598  -6.592  1.00 154.75 ? 10  DA  A C4    1 
ATOM   205 P  P     . DG  A 1 11 ? 3.101   17.931  -8.974  1.00 192.01 ? 11  DG  A P     1 
ATOM   206 O  OP1   . DG  A 1 11 ? 4.363   18.701  -9.025  1.00 178.70 ? 11  DG  A OP1   1 
ATOM   207 O  OP2   . DG  A 1 11 ? 1.806   18.617  -9.194  1.00 169.96 ? 11  DG  A OP2   1 
ATOM   208 O  "O5'" . DG  A 1 11 ? 3.202   16.718  -10.010 1.00 179.97 ? 11  DG  A "O5'" 1 
ATOM   209 C  "C5'" . DG  A 1 11 ? 4.210   15.730  -9.845  1.00 167.98 ? 11  DG  A "C5'" 1 
ATOM   210 C  "C4'" . DG  A 1 11 ? 3.940   14.537  -10.741 1.00 165.20 ? 11  DG  A "C4'" 1 
ATOM   211 O  "O4'" . DG  A 1 11 ? 2.827   13.771  -10.206 1.00 165.95 ? 11  DG  A "O4'" 1 
ATOM   212 C  "C3'" . DG  A 1 11 ? 3.560   14.887  -12.186 1.00 163.51 ? 11  DG  A "C3'" 1 
ATOM   213 O  "O3'" . DG  A 1 11 ? 4.323   14.107  -13.096 1.00 163.31 ? 11  DG  A "O3'" 1 
ATOM   214 C  "C2'" . DG  A 1 11 ? 2.074   14.538  -12.263 1.00 156.85 ? 11  DG  A "C2'" 1 
ATOM   215 C  "C1'" . DG  A 1 11 ? 1.988   13.395  -11.269 1.00 158.55 ? 11  DG  A "C1'" 1 
ATOM   216 N  N9    . DG  A 1 11 ? 0.638   13.165  -10.759 1.00 151.77 ? 11  DG  A N9    1 
ATOM   217 C  C8    . DG  A 1 11 ? -0.282  14.116  -10.388 1.00 150.54 ? 11  DG  A C8    1 
ATOM   218 N  N7    . DG  A 1 11 ? -1.414  13.612  -9.979  1.00 147.14 ? 11  DG  A N7    1 
ATOM   219 C  C5    . DG  A 1 11 ? -1.235  12.239  -10.092 1.00 145.43 ? 11  DG  A C5    1 
ATOM   220 C  C6    . DG  A 1 11 ? -2.121  11.175  -9.793  1.00 144.71 ? 11  DG  A C6    1 
ATOM   221 O  O6    . DG  A 1 11 ? -3.279  11.240  -9.356  1.00 142.63 ? 11  DG  A O6    1 
ATOM   222 N  N1    . DG  A 1 11 ? -1.543  9.934   -10.050 1.00 141.84 ? 11  DG  A N1    1 
ATOM   223 C  C2    . DG  A 1 11 ? -0.271  9.746   -10.535 1.00 140.68 ? 11  DG  A C2    1 
ATOM   224 N  N2    . DG  A 1 11 ? 0.111   8.474   -10.720 1.00 134.71 ? 11  DG  A N2    1 
ATOM   225 N  N3    . DG  A 1 11 ? 0.568   10.733  -10.819 1.00 146.17 ? 11  DG  A N3    1 
ATOM   226 C  C4    . DG  A 1 11 ? 0.021   11.947  -10.573 1.00 147.89 ? 11  DG  A C4    1 
ATOM   227 P  P     . DA  A 1 12 ? 4.557   14.624  -14.600 1.00 167.29 ? 12  DA  A P     1 
ATOM   228 O  OP1   . DA  A 1 12 ? 5.548   13.731  -15.232 1.00 160.78 ? 12  DA  A OP1   1 
ATOM   229 O  OP2   . DA  A 1 12 ? 4.820   16.081  -14.526 1.00 162.71 ? 12  DA  A OP2   1 
ATOM   230 O  "O5'" . DA  A 1 12 ? 3.135   14.415  -15.308 1.00 153.46 ? 12  DA  A "O5'" 1 
ATOM   231 C  "C5'" . DA  A 1 12 ? 2.916   13.316  -16.192 1.00 148.33 ? 12  DA  A "C5'" 1 
ATOM   232 C  "C4'" . DA  A 1 12 ? 2.828   12.008  -15.429 1.00 146.02 ? 12  DA  A "C4'" 1 
ATOM   233 O  "O4'" . DA  A 1 12 ? 1.864   12.141  -14.355 1.00 146.34 ? 12  DA  A "O4'" 1 
ATOM   234 C  "C3'" . DA  A 1 12 ? 2.376   10.809  -16.260 1.00 139.45 ? 12  DA  A "C3'" 1 
ATOM   235 O  "O3'" . DA  A 1 12 ? 3.109   9.651   -15.885 1.00 141.26 ? 12  DA  A "O3'" 1 
ATOM   236 C  "C2'" . DA  A 1 12 ? 0.897   10.679  -15.906 1.00 139.81 ? 12  DA  A "C2'" 1 
ATOM   237 C  "C1'" . DA  A 1 12 ? 0.903   11.116  -14.448 1.00 141.85 ? 12  DA  A "C1'" 1 
ATOM   238 N  N9    . DA  A 1 12 ? -0.377  11.645  -13.985 1.00 142.58 ? 12  DA  A N9    1 
ATOM   239 C  C8    . DA  A 1 12 ? -0.713  12.959  -13.824 1.00 143.07 ? 12  DA  A C8    1 
ATOM   240 N  N7    . DA  A 1 12 ? -1.938  13.143  -13.393 1.00 143.44 ? 12  DA  A N7    1 
ATOM   241 C  C5    . DA  A 1 12 ? -2.442  11.862  -13.263 1.00 143.94 ? 12  DA  A C5    1 
ATOM   242 C  C6    . DA  A 1 12 ? -3.698  11.374  -12.846 1.00 141.93 ? 12  DA  A C6    1 
ATOM   243 N  N6    . DA  A 1 12 ? -4.709  12.163  -12.467 1.00 139.85 ? 12  DA  A N6    1 
ATOM   244 N  N1    . DA  A 1 12 ? -3.873  10.040  -12.834 1.00 141.84 ? 12  DA  A N1    1 
ATOM   245 C  C2    . DA  A 1 12 ? -2.862  9.252   -13.213 1.00 143.97 ? 12  DA  A C2    1 
ATOM   246 N  N3    . DA  A 1 12 ? -1.640  9.593   -13.624 1.00 148.87 ? 12  DA  A N3    1 
ATOM   247 C  C4    . DA  A 1 12 ? -1.494  10.925  -13.626 1.00 145.65 ? 12  DA  A C4    1 
ATOM   248 P  P     . DC  B 2 1  ? -2.701  -5.581  -22.090 1.00 157.68 ? 12  DC  B P     1 
ATOM   249 O  OP1   . DC  B 2 1  ? -3.126  -6.035  -23.431 1.00 144.58 ? 12  DC  B OP1   1 
ATOM   250 O  OP2   . DC  B 2 1  ? -3.680  -5.522  -20.979 1.00 157.33 ? 12  DC  B OP2   1 
ATOM   251 O  "O5'" . DC  B 2 1  ? -1.444  -6.454  -21.616 1.00 131.96 ? 12  DC  B "O5'" 1 
ATOM   252 C  "C5'" . DC  B 2 1  ? -0.820  -7.362  -22.506 1.00 139.03 ? 12  DC  B "C5'" 1 
ATOM   253 C  "C4'" . DC  B 2 1  ? 0.182   -8.223  -21.759 1.00 144.39 ? 12  DC  B "C4'" 1 
ATOM   254 O  "O4'" . DC  B 2 1  ? 1.156   -7.376  -21.104 1.00 144.58 ? 12  DC  B "O4'" 1 
ATOM   255 C  "C3'" . DC  B 2 1  ? -0.419  -9.103  -20.651 1.00 152.00 ? 12  DC  B "C3'" 1 
ATOM   256 O  "O3'" . DC  B 2 1  ? -0.121  -10.477 -20.882 1.00 159.50 ? 12  DC  B "O3'" 1 
ATOM   257 C  "C2'" . DC  B 2 1  ? 0.254   -8.600  -19.373 1.00 145.65 ? 12  DC  B "C2'" 1 
ATOM   258 C  "C1'" . DC  B 2 1  ? 1.537   -8.005  -19.917 1.00 142.44 ? 12  DC  B "C1'" 1 
ATOM   259 N  N1    . DC  B 2 1  ? 2.144   -7.010  -19.007 1.00 147.74 ? 12  DC  B N1    1 
ATOM   260 C  C2    . DC  B 2 1  ? 3.389   -7.275  -18.437 1.00 154.45 ? 12  DC  B C2    1 
ATOM   261 O  O2    . DC  B 2 1  ? 3.965   -8.323  -18.733 1.00 154.18 ? 12  DC  B O2    1 
ATOM   262 N  N3    . DC  B 2 1  ? 3.930   -6.371  -17.585 1.00 153.68 ? 12  DC  B N3    1 
ATOM   263 C  C4    . DC  B 2 1  ? 3.265   -5.252  -17.300 1.00 152.13 ? 12  DC  B C4    1 
ATOM   264 N  N4    . DC  B 2 1  ? 3.835   -4.388  -16.455 1.00 150.57 ? 12  DC  B N4    1 
ATOM   265 C  C5    . DC  B 2 1  ? 1.986   -4.970  -17.869 1.00 147.60 ? 12  DC  B C5    1 
ATOM   266 C  C6    . DC  B 2 1  ? 1.468   -5.871  -18.705 1.00 144.68 ? 12  DC  B C6    1 
ATOM   267 P  P     . DG  B 2 2  ? -1.071  -11.616 -20.256 1.00 156.05 ? 13  DG  B P     1 
ATOM   268 O  OP1   . DG  B 2 2  ? -0.569  -12.944 -20.663 1.00 145.18 ? 13  DG  B OP1   1 
ATOM   269 O  OP2   . DG  B 2 2  ? -2.455  -11.224 -20.591 1.00 152.88 ? 13  DG  B OP2   1 
ATOM   270 O  "O5'" . DG  B 2 2  ? -0.896  -11.466 -18.673 1.00 140.32 ? 13  DG  B "O5'" 1 
ATOM   271 C  "C5'" . DG  B 2 2  ? -0.601  -12.607 -17.877 1.00 143.46 ? 13  DG  B "C5'" 1 
ATOM   272 C  "C4'" . DG  B 2 2  ? 0.899   -12.784 -17.740 1.00 148.60 ? 13  DG  B "C4'" 1 
ATOM   273 O  "O4'" . DG  B 2 2  ? 1.534   -11.497 -17.855 1.00 148.11 ? 13  DG  B "O4'" 1 
ATOM   274 C  "C3'" . DG  B 2 2  ? 1.355   -13.363 -16.411 1.00 151.68 ? 13  DG  B "C3'" 1 
ATOM   275 O  "O3'" . DG  B 2 2  ? 1.458   -14.785 -16.532 1.00 154.89 ? 13  DG  B "O3'" 1 
ATOM   276 C  "C2'" . DG  B 2 2  ? 2.724   -12.713 -16.186 1.00 139.50 ? 13  DG  B "C2'" 1 
ATOM   277 C  "C1'" . DG  B 2 2  ? 2.647   -11.413 -16.991 1.00 143.29 ? 13  DG  B "C1'" 1 
ATOM   278 N  N9    . DG  B 2 2  ? 2.501   -10.207 -16.182 1.00 145.96 ? 13  DG  B N9    1 
ATOM   279 C  C8    . DG  B 2 2  ? 1.428   -9.351  -16.175 1.00 143.32 ? 13  DG  B C8    1 
ATOM   280 N  N7    . DG  B 2 2  ? 1.572   -8.340  -15.366 1.00 146.77 ? 13  DG  B N7    1 
ATOM   281 C  C5    . DG  B 2 2  ? 2.827   -8.532  -14.802 1.00 151.37 ? 13  DG  B C5    1 
ATOM   282 C  C6    . DG  B 2 2  ? 3.526   -7.753  -13.848 1.00 149.46 ? 13  DG  B C6    1 
ATOM   283 O  O6    . DG  B 2 2  ? 3.162   -6.707  -13.292 1.00 144.10 ? 13  DG  B O6    1 
ATOM   284 N  N1    . DG  B 2 2  ? 4.769   -8.306  -13.543 1.00 147.71 ? 13  DG  B N1    1 
ATOM   285 C  C2    . DG  B 2 2  ? 5.274   -9.460  -14.092 1.00 146.93 ? 13  DG  B C2    1 
ATOM   286 N  N2    . DG  B 2 2  ? 6.494   -9.833  -13.674 1.00 142.30 ? 13  DG  B N2    1 
ATOM   287 N  N3    . DG  B 2 2  ? 4.629   -10.199 -14.989 1.00 149.21 ? 13  DG  B N3    1 
ATOM   288 C  C4    . DG  B 2 2  ? 3.415   -9.675  -15.297 1.00 149.65 ? 13  DG  B C4    1 
ATOM   289 P  P     . DG  B 2 3  ? 2.188   -15.662 -15.400 1.00 157.35 ? 14  DG  B P     1 
ATOM   290 O  OP1   . DG  B 2 3  ? 3.645   -15.595 -15.650 1.00 144.61 ? 14  DG  B OP1   1 
ATOM   291 O  OP2   . DG  B 2 3  ? 1.511   -16.978 -15.355 1.00 153.57 ? 14  DG  B OP2   1 
ATOM   292 O  "O5'" . DG  B 2 3  ? 1.834   -14.903 -14.037 1.00 153.07 ? 14  DG  B "O5'" 1 
ATOM   293 C  "C5'" . DG  B 2 3  ? 2.294   -15.419 -12.798 1.00 147.46 ? 14  DG  B "C5'" 1 
ATOM   294 C  "C4'" . DG  B 2 3  ? 3.694   -14.918 -12.490 1.00 147.18 ? 14  DG  B "C4'" 1 
ATOM   295 O  "O4'" . DG  B 2 3  ? 3.917   -13.658 -13.168 1.00 149.71 ? 14  DG  B "O4'" 1 
ATOM   296 C  "C3'" . DG  B 2 3  ? 3.969   -14.675 -11.011 1.00 151.70 ? 14  DG  B "C3'" 1 
ATOM   297 O  "O3'" . DG  B 2 3  ? 4.639   -15.806 -10.462 1.00 157.76 ? 14  DG  B "O3'" 1 
ATOM   298 C  "C2'" . DG  B 2 3  ? 4.873   -13.442 -10.998 1.00 150.36 ? 14  DG  B "C2'" 1 
ATOM   299 C  "C1'" . DG  B 2 3  ? 4.523   -12.722 -12.302 1.00 147.84 ? 14  DG  B "C1'" 1 
ATOM   300 N  N9    . DG  B 2 3  ? 3.619   -11.578 -12.148 1.00 151.20 ? 14  DG  B N9    1 
ATOM   301 C  C8    . DG  B 2 3  ? 2.443   -11.367 -12.827 1.00 147.63 ? 14  DG  B C8    1 
ATOM   302 N  N7    . DG  B 2 3  ? 1.843   -10.255 -12.501 1.00 144.15 ? 14  DG  B N7    1 
ATOM   303 C  C5    . DG  B 2 3  ? 2.675   -9.688  -11.543 1.00 147.14 ? 14  DG  B C5    1 
ATOM   304 C  C6    . DG  B 2 3  ? 2.539   -8.474  -10.828 1.00 145.57 ? 14  DG  B C6    1 
ATOM   305 O  O6    . DG  B 2 3  ? 1.631   -7.634  -10.900 1.00 142.39 ? 14  DG  B O6    1 
ATOM   306 N  N1    . DG  B 2 3  ? 3.605   -8.271  -9.957  1.00 144.36 ? 14  DG  B N1    1 
ATOM   307 C  C2    . DG  B 2 3  ? 4.669   -9.128  -9.801  1.00 142.97 ? 14  DG  B C2    1 
ATOM   308 N  N2    . DG  B 2 3  ? 5.597   -8.765  -8.904  1.00 145.79 ? 14  DG  B N2    1 
ATOM   309 N  N3    . DG  B 2 3  ? 4.806   -10.272 -10.463 1.00 144.55 ? 14  DG  B N3    1 
ATOM   310 C  C4    . DG  B 2 3  ? 3.775   -10.485 -11.318 1.00 149.46 ? 14  DG  B C4    1 
ATOM   311 P  P     . DG  B 2 4  ? 4.397   -16.233 -8.931  1.00 167.54 ? 15  DG  B P     1 
ATOM   312 O  OP1   . DG  B 2 4  ? 4.946   -17.594 -8.755  1.00 170.34 ? 15  DG  B OP1   1 
ATOM   313 O  OP2   . DG  B 2 4  ? 2.981   -15.959 -8.604  1.00 166.05 ? 15  DG  B OP2   1 
ATOM   314 O  "O5'" . DG  B 2 4  ? 5.304   -15.217 -8.098  1.00 155.60 ? 15  DG  B "O5'" 1 
ATOM   315 C  "C5'" . DG  B 2 4  ? 6.707   -15.419 -8.021  1.00 154.26 ? 15  DG  B "C5'" 1 
ATOM   316 C  "C4'" . DG  B 2 4  ? 7.360   -14.357 -7.151  1.00 156.43 ? 15  DG  B "C4'" 1 
ATOM   317 O  "O4'" . DG  B 2 4  ? 6.850   -13.047 -7.521  1.00 156.53 ? 15  DG  B "O4'" 1 
ATOM   318 C  "C3'" . DG  B 2 4  ? 7.087   -14.483 -5.657  1.00 150.72 ? 15  DG  B "C3'" 1 
ATOM   319 O  "O3'" . DG  B 2 4  ? 8.172   -13.911 -4.927  1.00 155.55 ? 15  DG  B "O3'" 1 
ATOM   320 C  "C2'" . DG  B 2 4  ? 5.822   -13.651 -5.507  1.00 145.26 ? 15  DG  B "C2'" 1 
ATOM   321 C  "C1'" . DG  B 2 4  ? 6.148   -12.486 -6.427  1.00 150.35 ? 15  DG  B "C1'" 1 
ATOM   322 N  N9    . DG  B 2 4  ? 4.977   -11.777 -6.941  1.00 150.09 ? 15  DG  B N9    1 
ATOM   323 C  C8    . DG  B 2 4  ? 4.139   -12.183 -7.951  1.00 147.09 ? 15  DG  B C8    1 
ATOM   324 N  N7    . DG  B 2 4  ? 3.181   -11.336 -8.207  1.00 143.47 ? 15  DG  B N7    1 
ATOM   325 C  C5    . DG  B 2 4  ? 3.394   -10.298 -7.308  1.00 144.56 ? 15  DG  B C5    1 
ATOM   326 C  C6    . DG  B 2 4  ? 2.675   -9.092  -7.124  1.00 137.64 ? 15  DG  B C6    1 
ATOM   327 O  O6    . DG  B 2 4  ? 1.668   -8.694  -7.731  1.00 132.55 ? 15  DG  B O6    1 
ATOM   328 N  N1    . DG  B 2 4  ? 3.232   -8.313  -6.111  1.00 141.01 ? 15  DG  B N1    1 
ATOM   329 C  C2    . DG  B 2 4  ? 4.343   -8.655  -5.377  1.00 137.81 ? 15  DG  B C2    1 
ATOM   330 N  N2    . DG  B 2 4  ? 4.729   -7.774  -4.443  1.00 137.98 ? 15  DG  B N2    1 
ATOM   331 N  N3    . DG  B 2 4  ? 5.030   -9.779  -5.544  1.00 145.30 ? 15  DG  B N3    1 
ATOM   332 C  C4    . DG  B 2 4  ? 4.502   -10.550 -6.526  1.00 147.80 ? 15  DG  B C4    1 
ATOM   333 P  P     . DA  B 2 5  ? 8.444   -14.328 -3.398  1.00 174.68 ? 16  DA  B P     1 
ATOM   334 O  OP1   . DA  B 2 5  ? 9.513   -13.448 -2.874  1.00 152.52 ? 16  DA  B OP1   1 
ATOM   335 O  OP2   . DA  B 2 5  ? 8.620   -15.796 -3.355  1.00 169.14 ? 16  DA  B OP2   1 
ATOM   336 O  "O5'" . DA  B 2 5  ? 7.071   -13.977 -2.659  1.00 153.49 ? 16  DA  B "O5'" 1 
ATOM   337 C  "C5'" . DA  B 2 5  ? 6.986   -14.057 -1.251  1.00 143.79 ? 16  DA  B "C5'" 1 
ATOM   338 C  "C4'" . DA  B 2 5  ? 7.210   -12.696 -0.627  1.00 139.41 ? 16  DA  B "C4'" 1 
ATOM   339 O  "O4'" . DA  B 2 5  ? 6.661   -11.674 -1.490  1.00 139.84 ? 16  DA  B "O4'" 1 
ATOM   340 C  "C3'" . DA  B 2 5  ? 6.511   -12.490 0.697   1.00 138.56 ? 16  DA  B "C3'" 1 
ATOM   341 O  "O3'" . DA  B 2 5  ? 7.135   -11.441 1.401   1.00 144.80 ? 16  DA  B "O3'" 1 
ATOM   342 C  "C2'" . DA  B 2 5  ? 5.111   -12.099 0.247   1.00 133.06 ? 16  DA  B "C2'" 1 
ATOM   343 C  "C1'" . DA  B 2 5  ? 5.408   -11.242 -0.982  1.00 137.10 ? 16  DA  B "C1'" 1 
ATOM   344 N  N9    . DA  B 2 5  ? 4.418   -11.380 -2.043  1.00 134.02 ? 16  DA  B N9    1 
ATOM   345 C  C8    . DA  B 2 5  ? 4.302   -12.416 -2.921  1.00 139.89 ? 16  DA  B C8    1 
ATOM   346 N  N7    . DA  B 2 5  ? 3.323   -12.277 -3.784  1.00 138.93 ? 16  DA  B N7    1 
ATOM   347 C  C5    . DA  B 2 5  ? 2.757   -11.061 -3.447  1.00 135.14 ? 16  DA  B C5    1 
ATOM   348 C  C6    . DA  B 2 5  ? 1.671   -10.338 -3.982  1.00 131.33 ? 16  DA  B C6    1 
ATOM   349 N  N6    . DA  B 2 5  ? 0.939   -10.765 -5.016  1.00 127.83 ? 16  DA  B N6    1 
ATOM   350 N  N1    . DA  B 2 5  ? 1.368   -9.155  -3.407  1.00 127.32 ? 16  DA  B N1    1 
ATOM   351 C  C2    . DA  B 2 5  ? 2.105   -8.730  -2.372  1.00 130.23 ? 16  DA  B C2    1 
ATOM   352 N  N3    . DA  B 2 5  ? 3.145   -9.322  -1.784  1.00 133.49 ? 16  DA  B N3    1 
ATOM   353 C  C4    . DA  B 2 5  ? 3.424   -10.491 -2.377  1.00 131.26 ? 16  DA  B C4    1 
ATOM   354 P  P     . DC  B 2 6  ? 6.990   -11.357 2.995   1.00 150.50 ? 17  DC  B P     1 
ATOM   355 O  OP1   . DC  B 2 6  ? 8.017   -10.415 3.493   1.00 149.37 ? 17  DC  B OP1   1 
ATOM   356 O  OP2   . DC  B 2 6  ? 6.955   -12.747 3.500   1.00 150.22 ? 17  DC  B OP2   1 
ATOM   357 O  "O5'" . DC  B 2 6  ? 5.543   -10.714 3.207   1.00 147.56 ? 17  DC  B "O5'" 1 
ATOM   358 C  "C5'" . DC  B 2 6  ? 5.305   -9.374  2.800   1.00 143.01 ? 17  DC  B "C5'" 1 
ATOM   359 C  "C4'" . DC  B 2 6  ? 3.841   -9.014  2.956   1.00 139.02 ? 17  DC  B "C4'" 1 
ATOM   360 O  "O4'" . DC  B 2 6  ? 3.161   -9.228  1.709   1.00 136.96 ? 17  DC  B "O4'" 1 
ATOM   361 C  "C3'" . DC  B 2 6  ? 3.082   -9.842  3.988   1.00 132.63 ? 17  DC  B "C3'" 1 
ATOM   362 O  "O3'" . DC  B 2 6  ? 2.882   -9.071  5.171   1.00 146.21 ? 17  DC  B "O3'" 1 
ATOM   363 C  "C2'" . DC  B 2 6  ? 1.750   -10.196 3.303   1.00 131.01 ? 17  DC  B "C2'" 1 
ATOM   364 C  "C1'" . DC  B 2 6  ? 1.803   -9.447  1.976   1.00 125.51 ? 17  DC  B "C1'" 1 
ATOM   365 N  N1    . DC  B 2 6  ? 1.231   -10.212 0.830   1.00 117.61 ? 17  DC  B N1    1 
ATOM   366 C  C2    . DC  B 2 6  ? 0.121   -9.711  0.144   1.00 119.07 ? 17  DC  B C2    1 
ATOM   367 O  O2    . DC  B 2 6  ? -0.379  -8.643  0.510   1.00 124.04 ? 17  DC  B O2    1 
ATOM   368 N  N3    . DC  B 2 6  ? -0.377  -10.413 -0.905  1.00 118.73 ? 17  DC  B N3    1 
ATOM   369 C  C4    . DC  B 2 6  ? 0.192   -11.563 -1.269  1.00 117.87 ? 17  DC  B C4    1 
ATOM   370 N  N4    . DC  B 2 6  ? -0.335  -12.221 -2.309  1.00 112.12 ? 17  DC  B N4    1 
ATOM   371 C  C5    . DC  B 2 6  ? 1.324   -12.089 -0.580  1.00 123.10 ? 17  DC  B C5    1 
ATOM   372 C  C6    . DC  B 2 6  ? 1.807   -11.385 0.449   1.00 123.70 ? 17  DC  B C6    1 
ATOM   373 P  P     . DT  B 2 7  ? 1.909   -9.589  6.342   1.00 170.79 ? 18  DT  B P     1 
ATOM   374 O  OP1   . DT  B 2 7  ? 2.397   -8.980  7.599   1.00 162.66 ? 18  DT  B OP1   1 
ATOM   375 O  OP2   . DT  B 2 7  ? 1.764   -11.060 6.259   1.00 157.41 ? 18  DT  B OP2   1 
ATOM   376 O  "O5'" . DT  B 2 7  ? 0.503   -8.928  5.981   1.00 133.15 ? 18  DT  B "O5'" 1 
ATOM   377 C  "C5'" . DT  B 2 7  ? 0.442   -7.541  5.695   1.00 135.11 ? 18  DT  B "C5'" 1 
ATOM   378 C  "C4'" . DT  B 2 7  ? -0.970  -7.127  5.350   1.00 131.89 ? 18  DT  B "C4'" 1 
ATOM   379 O  "O4'" . DT  B 2 7  ? -1.353  -7.712  4.078   1.00 128.78 ? 18  DT  B "O4'" 1 
ATOM   380 C  "C3'" . DT  B 2 7  ? -2.028  -7.571  6.353   1.00 134.02 ? 18  DT  B "C3'" 1 
ATOM   381 O  "O3'" . DT  B 2 7  ? -2.979  -6.537  6.520   1.00 140.55 ? 18  DT  B "O3'" 1 
ATOM   382 C  "C2'" . DT  B 2 7  ? -2.642  -8.799  5.684   1.00 134.79 ? 18  DT  B "C2'" 1 
ATOM   383 C  "C1'" . DT  B 2 7  ? -2.580  -8.390  4.225   1.00 123.02 ? 18  DT  B "C1'" 1 
ATOM   384 N  N1    . DT  B 2 7  ? -2.604  -9.530  3.260   1.00 117.03 ? 18  DT  B N1    1 
ATOM   385 C  C2    . DT  B 2 7  ? -3.548  -9.535  2.262   1.00 122.59 ? 18  DT  B C2    1 
ATOM   386 O  O2    . DT  B 2 7  ? -4.384  -8.660  2.134   1.00 128.70 ? 18  DT  B O2    1 
ATOM   387 N  N3    . DT  B 2 7  ? -3.484  -10.607 1.412   1.00 117.05 ? 18  DT  B N3    1 
ATOM   388 C  C4    . DT  B 2 7  ? -2.585  -11.655 1.458   1.00 114.75 ? 18  DT  B C4    1 
ATOM   389 O  O4    . DT  B 2 7  ? -2.609  -12.576 0.646   1.00 114.09 ? 18  DT  B O4    1 
ATOM   390 C  C5    . DT  B 2 7  ? -1.615  -11.592 2.526   1.00 110.41 ? 18  DT  B C5    1 
ATOM   391 C  C7    . DT  B 2 7  ? -0.593  -12.680 2.673   1.00 113.27 ? 18  DT  B C7    1 
ATOM   392 C  C6    . DT  B 2 7  ? -1.669  -10.542 3.368   1.00 117.27 ? 18  DT  B C6    1 
ATOM   393 P  P     . DC  B 2 8  ? -3.974  -6.549  7.779   1.00 153.34 ? 19  DC  B P     1 
ATOM   394 O  OP1   . DC  B 2 8  ? -4.170  -5.148  8.215   1.00 144.27 ? 19  DC  B OP1   1 
ATOM   395 O  OP2   . DC  B 2 8  ? -3.477  -7.564  8.734   1.00 141.97 ? 19  DC  B OP2   1 
ATOM   396 O  "O5'" . DC  B 2 8  ? -5.344  -7.085  7.166   1.00 131.59 ? 19  DC  B "O5'" 1 
ATOM   397 C  "C5'" . DC  B 2 8  ? -5.879  -6.472  6.003   1.00 140.39 ? 19  DC  B "C5'" 1 
ATOM   398 C  "C4'" . DC  B 2 8  ? -7.056  -7.268  5.482   1.00 137.22 ? 19  DC  B "C4'" 1 
ATOM   399 O  "O4'" . DC  B 2 8  ? -6.573  -8.393  4.699   1.00 134.62 ? 19  DC  B "O4'" 1 
ATOM   400 C  "C3'" . DC  B 2 8  ? -7.948  -7.864  6.570   1.00 133.49 ? 19  DC  B "C3'" 1 
ATOM   401 O  "O3'" . DC  B 2 8  ? -9.299  -7.744  6.195   1.00 126.59 ? 19  DC  B "O3'" 1 
ATOM   402 C  "C2'" . DC  B 2 8  ? -7.512  -9.325  6.612   1.00 132.80 ? 19  DC  B "C2'" 1 
ATOM   403 C  "C1'" . DC  B 2 8  ? -7.200  -9.571  5.148   1.00 126.74 ? 19  DC  B "C1'" 1 
ATOM   404 N  N1    . DC  B 2 8  ? -6.284  -10.712 4.921   1.00 123.74 ? 19  DC  B N1    1 
ATOM   405 C  C2    . DC  B 2 8  ? -6.470  -11.535 3.806   1.00 122.87 ? 19  DC  B C2    1 
ATOM   406 O  O2    . DC  B 2 8  ? -7.397  -11.293 3.023   1.00 121.20 ? 19  DC  B O2    1 
ATOM   407 N  N3    . DC  B 2 8  ? -5.623  -12.577 3.614   1.00 120.13 ? 19  DC  B N3    1 
ATOM   408 C  C4    . DC  B 2 8  ? -4.635  -12.805 4.482   1.00 119.83 ? 19  DC  B C4    1 
ATOM   409 N  N4    . DC  B 2 8  ? -3.827  -13.845 4.249   1.00 112.95 ? 19  DC  B N4    1 
ATOM   410 C  C5    . DC  B 2 8  ? -4.433  -11.976 5.625   1.00 119.68 ? 19  DC  B C5    1 
ATOM   411 C  C6    . DC  B 2 8  ? -5.275  -10.954 5.804   1.00 123.65 ? 19  DC  B C6    1 
ATOM   412 P  P     . DA  B 2 9  ? -10.433 -7.612  7.322   1.00 141.13 ? 20  DA  B P     1 
ATOM   413 O  OP1   . DA  B 2 9  ? -10.364 -6.238  7.873   1.00 136.75 ? 20  DA  B OP1   1 
ATOM   414 O  OP2   . DA  B 2 9  ? -10.285 -8.776  8.224   1.00 135.50 ? 20  DA  B OP2   1 
ATOM   415 O  "O5'" . DA  B 2 9  ? -11.796 -7.792  6.504   1.00 134.35 ? 20  DA  B "O5'" 1 
ATOM   416 C  "C5'" . DA  B 2 9  ? -11.911 -7.270  5.186   1.00 131.78 ? 20  DA  B "C5'" 1 
ATOM   417 C  "C4'" . DA  B 2 9  ? -12.518 -8.300  4.248   1.00 134.31 ? 20  DA  B "C4'" 1 
ATOM   418 O  "O4'" . DA  B 2 9  ? -11.542 -9.336  3.963   1.00 140.61 ? 20  DA  B "O4'" 1 
ATOM   419 C  "C3'" . DA  B 2 9  ? -13.751 -9.026  4.788   1.00 136.46 ? 20  DA  B "C3'" 1 
ATOM   420 O  "O3'" . DA  B 2 9  ? -14.676 -9.254  3.733   1.00 133.77 ? 20  DA  B "O3'" 1 
ATOM   421 C  "C2'" . DA  B 2 9  ? -13.170 -10.336 5.311   1.00 135.10 ? 20  DA  B "C2'" 1 
ATOM   422 C  "C1'" . DA  B 2 9  ? -12.086 -10.600 4.281   1.00 137.05 ? 20  DA  B "C1'" 1 
ATOM   423 N  N9    . DA  B 2 9  ? -11.009 -11.460 4.763   1.00 135.88 ? 20  DA  B N9    1 
ATOM   424 C  C8    . DA  B 2 9  ? -10.293 -11.318 5.920   1.00 135.34 ? 20  DA  B C8    1 
ATOM   425 N  N7    . DA  B 2 9  ? -9.375  -12.240 6.090   1.00 132.45 ? 20  DA  B N7    1 
ATOM   426 C  C5    . DA  B 2 9  ? -9.498  -13.043 4.967   1.00 135.51 ? 20  DA  B C5    1 
ATOM   427 C  C6    . DA  B 2 9  ? -8.809  -14.201 4.544   1.00 133.33 ? 20  DA  B C6    1 
ATOM   428 N  N6    . DA  B 2 9  ? -7.818  -14.766 5.244   1.00 125.32 ? 20  DA  B N6    1 
ATOM   429 N  N1    . DA  B 2 9  ? -9.183  -14.759 3.370   1.00 129.29 ? 20  DA  B N1    1 
ATOM   430 C  C2    . DA  B 2 9  ? -10.176 -14.191 2.673   1.00 130.75 ? 20  DA  B C2    1 
ATOM   431 N  N3    . DA  B 2 9  ? -10.895 -13.106 2.968   1.00 130.20 ? 20  DA  B N3    1 
ATOM   432 C  C4    . DA  B 2 9  ? -10.501 -12.576 4.138   1.00 132.87 ? 20  DA  B C4    1 
ATOM   433 P  P     . DT  C 3 1  ? -11.641 6.344   -10.239 1.00 154.36 ? 0   DT  C P     1 
ATOM   434 O  OP1   . DT  C 3 1  ? -12.480 6.469   -11.452 1.00 137.65 ? 0   DT  C OP1   1 
ATOM   435 O  OP2   . DT  C 3 1  ? -12.206 6.644   -8.904  1.00 146.07 ? 0   DT  C OP2   1 
ATOM   436 O  "O5'" . DT  C 3 1  ? -11.018 4.873   -10.200 1.00 136.88 ? 0   DT  C "O5'" 1 
ATOM   437 C  "C5'" . DT  C 3 1  ? -11.176 4.015   -11.314 1.00 141.45 ? 0   DT  C "C5'" 1 
ATOM   438 C  "C4'" . DT  C 3 1  ? -9.842  3.750   -11.981 1.00 138.34 ? 0   DT  C "C4'" 1 
ATOM   439 O  "O4'" . DT  C 3 1  ? -9.198  5.009   -12.319 1.00 142.50 ? 0   DT  C "O4'" 1 
ATOM   440 C  "C3'" . DT  C 3 1  ? -8.834  2.990   -11.122 1.00 135.19 ? 0   DT  C "C3'" 1 
ATOM   441 O  "O3'" . DT  C 3 1  ? -8.113  2.088   -11.934 1.00 143.61 ? 0   DT  C "O3'" 1 
ATOM   442 C  "C2'" . DT  C 3 1  ? -7.930  4.101   -10.603 1.00 140.75 ? 0   DT  C "C2'" 1 
ATOM   443 C  "C1'" . DT  C 3 1  ? -7.879  4.993   -11.824 1.00 140.39 ? 0   DT  C "C1'" 1 
ATOM   444 N  N1    . DT  C 3 1  ? -7.455  6.387   -11.540 1.00 143.56 ? 0   DT  C N1    1 
ATOM   445 C  C2    . DT  C 3 1  ? -6.209  6.799   -11.944 1.00 145.22 ? 0   DT  C C2    1 
ATOM   446 O  O2    . DT  C 3 1  ? -5.418  6.069   -12.513 1.00 147.77 ? 0   DT  C O2    1 
ATOM   447 N  N3    . DT  C 3 1  ? -5.910  8.100   -11.641 1.00 147.09 ? 0   DT  C N3    1 
ATOM   448 C  C4    . DT  C 3 1  ? -6.721  9.015   -10.996 1.00 147.78 ? 0   DT  C C4    1 
ATOM   449 O  O4    . DT  C 3 1  ? -6.362  10.168  -10.773 1.00 147.26 ? 0   DT  C O4    1 
ATOM   450 C  C5    . DT  C 3 1  ? -8.019  8.519   -10.603 1.00 146.94 ? 0   DT  C C5    1 
ATOM   451 C  C7    . DT  C 3 1  ? -8.983  9.417   -9.887  1.00 144.19 ? 0   DT  C C7    1 
ATOM   452 C  C6    . DT  C 3 1  ? -8.320  7.243   -10.891 1.00 143.62 ? 0   DT  C C6    1 
ATOM   453 P  P     . DC  C 3 2  ? -7.677  0.656   -11.359 1.00 164.50 ? 1   DC  C P     1 
ATOM   454 O  OP1   . DC  C 3 2  ? -8.273  -0.373  -12.237 1.00 168.45 ? 1   DC  C OP1   1 
ATOM   455 O  OP2   . DC  C 3 2  ? -7.984  0.648   -9.911  1.00 154.21 ? 1   DC  C OP2   1 
ATOM   456 O  "O5'" . DC  C 3 2  ? -6.087  0.639   -11.538 1.00 131.55 ? 1   DC  C "O5'" 1 
ATOM   457 C  "C5'" . DC  C 3 2  ? -5.291  1.589   -10.852 1.00 132.53 ? 1   DC  C "C5'" 1 
ATOM   458 C  "C4'" . DC  C 3 2  ? -3.876  1.592   -11.392 1.00 140.09 ? 1   DC  C "C4'" 1 
ATOM   459 O  "O4'" . DC  C 3 2  ? -3.476  2.954   -11.678 1.00 146.21 ? 1   DC  C "O4'" 1 
ATOM   460 C  "C3'" . DC  C 3 2  ? -2.824  1.068   -10.435 1.00 134.79 ? 1   DC  C "C3'" 1 
ATOM   461 O  "O3'" . DC  C 3 2  ? -1.700  0.587   -11.184 1.00 129.29 ? 1   DC  C "O3'" 1 
ATOM   462 C  "C2'" . DC  C 3 2  ? -2.495  2.322   -9.625  1.00 136.40 ? 1   DC  C "C2'" 1 
ATOM   463 C  "C1'" . DC  C 3 2  ? -2.554  3.403   -10.697 1.00 140.74 ? 1   DC  C "C1'" 1 
ATOM   464 N  N1    . DC  C 3 2  ? -3.025  4.728   -10.201 1.00 137.32 ? 1   DC  C N1    1 
ATOM   465 C  C2    . DC  C 3 2  ? -2.183  5.845   -10.290 1.00 138.95 ? 1   DC  C C2    1 
ATOM   466 O  O2    . DC  C 3 2  ? -1.046  5.708   -10.758 1.00 138.69 ? 1   DC  C O2    1 
ATOM   467 N  N3    . DC  C 3 2  ? -2.639  7.046   -9.853  1.00 139.68 ? 1   DC  C N3    1 
ATOM   468 C  C4    . DC  C 3 2  ? -3.871  7.149   -9.356  1.00 139.84 ? 1   DC  C C4    1 
ATOM   469 N  N4    . DC  C 3 2  ? -4.278  8.351   -8.937  1.00 141.85 ? 1   DC  C N4    1 
ATOM   470 C  C5    . DC  C 3 2  ? -4.741  6.025   -9.260  1.00 139.21 ? 1   DC  C C5    1 
ATOM   471 C  C6    . DC  C 3 2  ? -4.284  4.849   -9.698  1.00 136.13 ? 1   DC  C C6    1 
ATOM   472 P  P     . DT  C 3 3  ? -0.228  0.510   -10.539 1.00 144.92 ? 2   DT  C P     1 
ATOM   473 O  OP1   . DT  C 3 3  ? 0.563   -0.433  -11.360 1.00 144.09 ? 2   DT  C OP1   1 
ATOM   474 O  OP2   . DT  C 3 3  ? -0.345  0.257   -9.086  1.00 142.19 ? 2   DT  C OP2   1 
ATOM   475 O  "O5'" . DT  C 3 3  ? 0.358   1.981   -10.768 1.00 139.33 ? 2   DT  C "O5'" 1 
ATOM   476 C  "C5'" . DT  C 3 3  ? 1.752   2.179   -10.955 1.00 142.76 ? 2   DT  C "C5'" 1 
ATOM   477 C  "C4'" . DT  C 3 3  ? 2.364   2.797   -9.717  1.00 139.14 ? 2   DT  C "C4'" 1 
ATOM   478 O  "O4'" . DT  C 3 3  ? 1.646   3.995   -9.389  1.00 141.40 ? 2   DT  C "O4'" 1 
ATOM   479 C  "C3'" . DT  C 3 3  ? 2.260   1.940   -8.467  1.00 132.80 ? 2   DT  C "C3'" 1 
ATOM   480 O  "O3'" . DT  C 3 3  ? 3.417   1.105   -8.327  1.00 132.75 ? 2   DT  C "O3'" 1 
ATOM   481 C  "C2'" . DT  C 3 3  ? 2.145   2.958   -7.321  1.00 136.33 ? 2   DT  C "C2'" 1 
ATOM   482 C  "C1'" . DT  C 3 3  ? 1.841   4.282   -8.029  1.00 131.06 ? 2   DT  C "C1'" 1 
ATOM   483 N  N1    . DT  C 3 3  ? 0.628   4.970   -7.516  1.00 124.45 ? 2   DT  C N1    1 
ATOM   484 C  C2    . DT  C 3 3  ? 0.648   6.333   -7.373  1.00 129.14 ? 2   DT  C C2    1 
ATOM   485 O  O2    . DT  C 3 3  ? 1.618   7.016   -7.641  1.00 136.27 ? 2   DT  C O2    1 
ATOM   486 N  N3    . DT  C 3 3  ? -0.514  6.878   -6.899  1.00 128.36 ? 2   DT  C N3    1 
ATOM   487 C  C4    . DT  C 3 3  ? -1.673  6.208   -6.562  1.00 135.33 ? 2   DT  C C4    1 
ATOM   488 O  O4    . DT  C 3 3  ? -2.669  6.792   -6.143  1.00 137.41 ? 2   DT  C O4    1 
ATOM   489 C  C5    . DT  C 3 3  ? -1.629  4.777   -6.737  1.00 136.46 ? 2   DT  C C5    1 
ATOM   490 C  C7    . DT  C 3 3  ? -2.830  3.943   -6.403  1.00 128.70 ? 2   DT  C C7    1 
ATOM   491 C  C6    . DT  C 3 3  ? -0.493  4.232   -7.202  1.00 129.19 ? 2   DT  C C6    1 
ATOM   492 P  P     . DC  C 3 4  ? 4.885   1.621   -8.750  1.00 155.51 ? 3   DC  C P     1 
ATOM   493 O  OP1   . DC  C 3 4  ? 5.090   3.000   -8.251  1.00 147.84 ? 3   DC  C OP1   1 
ATOM   494 O  OP2   . DC  C 3 4  ? 5.095   1.316   -10.183 1.00 148.47 ? 3   DC  C OP2   1 
ATOM   495 O  "O5'" . DC  C 3 4  ? 5.856   0.673   -7.908  1.00 146.56 ? 3   DC  C "O5'" 1 
ATOM   496 C  "C5'" . DC  C 3 4  ? 5.577   0.421   -6.528  1.00 145.15 ? 3   DC  C "C5'" 1 
ATOM   497 C  "C4'" . DC  C 3 4  ? 6.097   -0.938  -6.110  1.00 144.80 ? 3   DC  C "C4'" 1 
ATOM   498 O  "O4'" . DC  C 3 4  ? 5.000   -1.873  -6.033  1.00 145.56 ? 3   DC  C "O4'" 1 
ATOM   499 C  "C3'" . DC  C 3 4  ? 7.073   -1.559  -7.084  1.00 143.75 ? 3   DC  C "C3'" 1 
ATOM   500 O  "O3'" . DC  C 3 4  ? 8.374   -1.114  -6.784  1.00 147.62 ? 3   DC  C "O3'" 1 
ATOM   501 C  "C2'" . DC  C 3 4  ? 6.914   -3.047  -6.800  1.00 138.81 ? 3   DC  C "C2'" 1 
ATOM   502 C  "C1'" . DC  C 3 4  ? 5.430   -3.156  -6.450  1.00 145.80 ? 3   DC  C "C1'" 1 
ATOM   503 N  N1    . DC  C 3 4  ? 4.560   -3.602  -7.585  1.00 140.94 ? 3   DC  C N1    1 
ATOM   504 C  C2    . DC  C 3 4  ? 4.660   -4.912  -8.076  1.00 141.60 ? 3   DC  C C2    1 
ATOM   505 O  O2    . DC  C 3 4  ? 5.483   -5.687  -7.573  1.00 149.23 ? 3   DC  C O2    1 
ATOM   506 N  N3    . DC  C 3 4  ? 3.851   -5.294  -9.095  1.00 135.99 ? 3   DC  C N3    1 
ATOM   507 C  C4    . DC  C 3 4  ? 2.975   -4.431  -9.609  1.00 138.51 ? 3   DC  C C4    1 
ATOM   508 N  N4    . DC  C 3 4  ? 2.198   -4.848  -10.612 1.00 142.31 ? 3   DC  C N4    1 
ATOM   509 C  C5    . DC  C 3 4  ? 2.857   -3.098  -9.118  1.00 136.72 ? 3   DC  C C5    1 
ATOM   510 C  C6    . DC  C 3 4  ? 3.659   -2.732  -8.116  1.00 133.87 ? 3   DC  C C6    1 
ATOM   511 P  P     . DC  C 3 5  ? 9.352   -0.616  -7.953  1.00 140.06 ? 4   DC  C P     1 
ATOM   512 O  OP1   . DC  C 3 5  ? 9.559   0.838   -7.761  1.00 136.40 ? 4   DC  C OP1   1 
ATOM   513 O  OP2   . DC  C 3 5  ? 8.828   -1.129  -9.238  1.00 133.32 ? 4   DC  C OP2   1 
ATOM   514 O  "O5'" . DC  C 3 5  ? 10.717  -1.383  -7.634  1.00 135.54 ? 4   DC  C "O5'" 1 
ATOM   515 C  "C5'" . DC  C 3 5  ? 10.705  -2.508  -6.760  1.00 135.82 ? 4   DC  C "C5'" 1 
ATOM   516 C  "C4'" . DC  C 3 5  ? 10.943  -3.795  -7.529  1.00 143.56 ? 4   DC  C "C4'" 1 
ATOM   517 O  "O4'" . DC  C 3 5  ? 9.689   -4.300  -8.049  1.00 148.91 ? 4   DC  C "O4'" 1 
ATOM   518 C  "C3'" . DC  C 3 5  ? 11.882  -3.665  -8.735  1.00 151.14 ? 4   DC  C "C3'" 1 
ATOM   519 O  "O3'" . DC  C 3 5  ? 12.997  -4.531  -8.583  1.00 165.14 ? 4   DC  C "O3'" 1 
ATOM   520 C  "C2'" . DC  C 3 5  ? 11.016  -4.071  -9.934  1.00 148.02 ? 4   DC  C "C2'" 1 
ATOM   521 C  "C1'" . DC  C 3 5  ? 9.947   -4.924  -9.279  1.00 151.63 ? 4   DC  C "C1'" 1 
ATOM   522 N  N1    . DC  C 3 5  ? 8.681   -4.994  -10.065 1.00 146.74 ? 4   DC  C N1    1 
ATOM   523 C  C2    . DC  C 3 5  ? 8.372   -6.161  -10.772 1.00 145.46 ? 4   DC  C C2    1 
ATOM   524 O  O2    . DC  C 3 5  ? 9.155   -7.118  -10.727 1.00 145.94 ? 4   DC  C O2    1 
ATOM   525 N  N3    . DC  C 3 5  ? 7.222   -6.210  -11.488 1.00 142.24 ? 4   DC  C N3    1 
ATOM   526 C  C4    . DC  C 3 5  ? 6.407   -5.156  -11.512 1.00 147.82 ? 4   DC  C C4    1 
ATOM   527 N  N4    . DC  C 3 5  ? 5.282   -5.252  -12.232 1.00 147.97 ? 4   DC  C N4    1 
ATOM   528 C  C5    . DC  C 3 5  ? 6.707   -3.956  -10.800 1.00 149.88 ? 4   DC  C C5    1 
ATOM   529 C  C6    . DC  C 3 5  ? 7.845   -3.920  -10.098 1.00 143.50 ? 4   DC  C C6    1 
ATOM   530 P  P     . DG  C 3 6  ? 14.168  -4.543  -9.683  1.00 178.36 ? 5   DG  C P     1 
ATOM   531 O  OP1   . DG  C 3 6  ? 15.429  -4.898  -8.993  1.00 171.60 ? 5   DG  C OP1   1 
ATOM   532 O  OP2   . DG  C 3 6  ? 14.084  -3.278  -10.447 1.00 166.97 ? 5   DG  C OP2   1 
ATOM   533 O  "O5'" . DG  C 3 6  ? 13.762  -5.741  -10.660 1.00 155.41 ? 5   DG  C "O5'" 1 
ATOM   534 C  "C5'" . DG  C 3 6  ? 13.664  -7.064  -10.153 1.00 149.35 ? 5   DG  C "C5'" 1 
ATOM   535 C  "C4'" . DG  C 3 6  ? 13.338  -8.042  -11.264 1.00 147.26 ? 5   DG  C "C4'" 1 
ATOM   536 O  "O4'" . DG  C 3 6  ? 11.961  -7.859  -11.686 1.00 153.04 ? 5   DG  C "O4'" 1 
ATOM   537 C  "C3'" . DG  C 3 6  ? 14.189  -7.890  -12.525 1.00 148.88 ? 5   DG  C "C3'" 1 
ATOM   538 O  "O3'" . DG  C 3 6  ? 14.506  -9.171  -13.049 1.00 151.09 ? 5   DG  C "O3'" 1 
ATOM   539 C  "C2'" . DG  C 3 6  ? 13.267  -7.116  -13.463 1.00 145.61 ? 5   DG  C "C2'" 1 
ATOM   540 C  "C1'" . DG  C 3 6  ? 11.920  -7.701  -13.085 1.00 138.84 ? 5   DG  C "C1'" 1 
ATOM   541 N  N9    . DG  C 3 6  ? 10.791  -6.844  -13.424 1.00 138.03 ? 5   DG  C N9    1 
ATOM   542 C  C8    . DG  C 3 6  ? 10.560  -5.563  -12.985 1.00 143.51 ? 5   DG  C C8    1 
ATOM   543 N  N7    . DG  C 3 6  ? 9.462   -5.043  -13.458 1.00 151.42 ? 5   DG  C N7    1 
ATOM   544 C  C5    . DG  C 3 6  ? 8.932   -6.041  -14.265 1.00 147.47 ? 5   DG  C C5    1 
ATOM   545 C  C6    . DG  C 3 6  ? 7.750   -6.055  -15.045 1.00 145.17 ? 5   DG  C C6    1 
ATOM   546 O  O6    . DG  C 3 6  ? 6.906   -5.156  -15.178 1.00 144.53 ? 5   DG  C O6    1 
ATOM   547 N  N1    . DG  C 3 6  ? 7.588   -7.266  -15.712 1.00 148.83 ? 5   DG  C N1    1 
ATOM   548 C  C2    . DG  C 3 6  ? 8.457   -8.329  -15.637 1.00 146.39 ? 5   DG  C C2    1 
ATOM   549 N  N2    . DG  C 3 6  ? 8.132   -9.415  -16.353 1.00 148.31 ? 5   DG  C N2    1 
ATOM   550 N  N3    . DG  C 3 6  ? 9.569   -8.328  -14.911 1.00 142.10 ? 5   DG  C N3    1 
ATOM   551 C  C4    . DG  C 3 6  ? 9.736   -7.159  -14.248 1.00 145.00 ? 5   DG  C C4    1 
ATOM   552 O  "O5'" . DT  D 4 1  ? -4.723  -23.787 12.325  1.00 156.22 ? 2   DT  D "O5'" 1 
ATOM   553 C  "C5'" . DT  D 4 1  ? -4.869  -24.991 11.587  1.00 153.82 ? 2   DT  D "C5'" 1 
ATOM   554 C  "C4'" . DT  D 4 1  ? -5.335  -24.701 10.173  1.00 152.11 ? 2   DT  D "C4'" 1 
ATOM   555 O  "O4'" . DT  D 4 1  ? -6.580  -23.980 10.215  1.00 152.57 ? 2   DT  D "O4'" 1 
ATOM   556 C  "C3'" . DT  D 4 1  ? -4.397  -23.814 9.350   1.00 153.07 ? 2   DT  D "C3'" 1 
ATOM   557 O  "O3'" . DT  D 4 1  ? -3.559  -24.597 8.474   1.00 157.62 ? 2   DT  D "O3'" 1 
ATOM   558 C  "C2'" . DT  D 4 1  ? -5.329  -22.876 8.566   1.00 148.91 ? 2   DT  D "C2'" 1 
ATOM   559 C  "C1'" . DT  D 4 1  ? -6.731  -23.312 8.992   1.00 145.75 ? 2   DT  D "C1'" 1 
ATOM   560 N  N1    . DT  D 4 1  ? -7.662  -22.171 9.167   1.00 149.53 ? 2   DT  D N1    1 
ATOM   561 C  C2    . DT  D 4 1  ? -8.741  -22.050 8.324   1.00 148.73 ? 2   DT  D C2    1 
ATOM   562 O  O2    . DT  D 4 1  ? -8.990  -22.849 7.439   1.00 147.80 ? 2   DT  D O2    1 
ATOM   563 N  N3    . DT  D 4 1  ? -9.529  -20.954 8.556   1.00 149.13 ? 2   DT  D N3    1 
ATOM   564 C  C4    . DT  D 4 1  ? -9.346  -19.983 9.524   1.00 152.29 ? 2   DT  D C4    1 
ATOM   565 O  O4    . DT  D 4 1  ? -10.113 -19.034 9.655   1.00 148.88 ? 2   DT  D O4    1 
ATOM   566 C  C5    . DT  D 4 1  ? -8.189  -20.167 10.369  1.00 155.89 ? 2   DT  D C5    1 
ATOM   567 C  C7    . DT  D 4 1  ? -7.885  -19.179 11.455  1.00 158.84 ? 2   DT  D C7    1 
ATOM   568 C  C6    . DT  D 4 1  ? -7.409  -21.237 10.149  1.00 152.91 ? 2   DT  D C6    1 
ATOM   569 P  P     . DC  D 4 2  ? -4.158  -25.665 7.425   1.00 166.09 ? 3   DC  D P     1 
ATOM   570 O  OP1   . DC  D 4 2  ? -5.636  -25.639 7.345   1.00 144.71 ? 3   DC  D OP1   1 
ATOM   571 O  OP2   . DC  D 4 2  ? -3.496  -26.937 7.779   1.00 162.68 ? 3   DC  D OP2   1 
ATOM   572 O  "O5'" . DC  D 4 2  ? -3.580  -25.187 6.007   1.00 150.42 ? 3   DC  D "O5'" 1 
ATOM   573 C  "C5'" . DC  D 4 2  ? -4.120  -24.038 5.350   1.00 140.62 ? 3   DC  D "C5'" 1 
ATOM   574 C  "C4'" . DC  D 4 2  ? -5.381  -24.395 4.581   1.00 143.78 ? 3   DC  D "C4'" 1 
ATOM   575 O  "O4'" . DC  D 4 2  ? -6.511  -23.688 5.159   1.00 139.63 ? 3   DC  D "O4'" 1 
ATOM   576 C  "C3'" . DC  D 4 2  ? -5.381  -24.006 3.112   1.00 143.38 ? 3   DC  D "C3'" 1 
ATOM   577 O  "O3'" . DC  D 4 2  ? -6.267  -24.858 2.395   1.00 151.97 ? 3   DC  D "O3'" 1 
ATOM   578 C  "C2'" . DC  D 4 2  ? -5.919  -22.586 3.178   1.00 144.23 ? 3   DC  D "C2'" 1 
ATOM   579 C  "C1'" . DC  D 4 2  ? -7.005  -22.743 4.228   1.00 133.72 ? 3   DC  D "C1'" 1 
ATOM   580 N  N1    . DC  D 4 2  ? -7.308  -21.487 4.954   1.00 128.50 ? 3   DC  D N1    1 
ATOM   581 C  C2    . DC  D 4 2  ? -8.409  -20.715 4.573   1.00 133.57 ? 3   DC  D C2    1 
ATOM   582 O  O2    . DC  D 4 2  ? -9.115  -21.095 3.631   1.00 134.30 ? 3   DC  D O2    1 
ATOM   583 N  N3    . DC  D 4 2  ? -8.673  -19.571 5.251   1.00 137.65 ? 3   DC  D N3    1 
ATOM   584 C  C4    . DC  D 4 2  ? -7.885  -19.198 6.262   1.00 137.14 ? 3   DC  D C4    1 
ATOM   585 N  N4    . DC  D 4 2  ? -8.184  -18.062 6.901   1.00 139.05 ? 3   DC  D N4    1 
ATOM   586 C  C5    . DC  D 4 2  ? -6.758  -19.973 6.661   1.00 133.69 ? 3   DC  D C5    1 
ATOM   587 C  C6    . DC  D 4 2  ? -6.509  -21.097 5.985   1.00 131.01 ? 3   DC  D C6    1 
ATOM   588 P  P     . DT  D 4 3  ? -6.179  -24.976 0.795   1.00 166.12 ? 4   DT  D P     1 
ATOM   589 O  OP1   . DT  D 4 3  ? -7.538  -25.297 0.302   1.00 160.35 ? 4   DT  D OP1   1 
ATOM   590 O  OP2   . DT  D 4 3  ? -5.055  -25.885 0.477   1.00 173.96 ? 4   DT  D OP2   1 
ATOM   591 O  "O5'" . DT  D 4 3  ? -5.778  -23.503 0.316   1.00 154.33 ? 4   DT  D "O5'" 1 
ATOM   592 C  "C5'" . DT  D 4 3  ? -5.999  -23.101 -1.024  1.00 150.74 ? 4   DT  D "C5'" 1 
ATOM   593 C  "C4'" . DT  D 4 3  ? -7.379  -22.492 -1.184  1.00 153.08 ? 4   DT  D "C4'" 1 
ATOM   594 O  "O4'" . DT  D 4 3  ? -7.713  -21.715 -0.002  1.00 143.39 ? 4   DT  D "O4'" 1 
ATOM   595 C  "C3'" . DT  D 4 3  ? -7.517  -21.540 -2.371  1.00 149.34 ? 4   DT  D "C3'" 1 
ATOM   596 O  "O3'" . DT  D 4 3  ? -8.726  -21.787 -3.059  1.00 146.98 ? 4   DT  D "O3'" 1 
ATOM   597 C  "C2'" . DT  D 4 3  ? -7.519  -20.164 -1.719  1.00 142.45 ? 4   DT  D "C2'" 1 
ATOM   598 C  "C1'" . DT  D 4 3  ? -8.203  -20.459 -0.401  1.00 136.56 ? 4   DT  D "C1'" 1 
ATOM   599 N  N1    . DT  D 4 3  ? -7.901  -19.463 0.666   1.00 130.43 ? 4   DT  D N1    1 
ATOM   600 C  C2    . DT  D 4 3  ? -8.722  -18.369 0.816   1.00 128.62 ? 4   DT  D C2    1 
ATOM   601 O  O2    . DT  D 4 3  ? -9.693  -18.162 0.114   1.00 130.49 ? 4   DT  D O2    1 
ATOM   602 N  N3    . DT  D 4 3  ? -8.363  -17.519 1.827   1.00 122.54 ? 4   DT  D N3    1 
ATOM   603 C  C4    . DT  D 4 3  ? -7.288  -17.650 2.687   1.00 123.19 ? 4   DT  D C4    1 
ATOM   604 O  O4    . DT  D 4 3  ? -7.046  -16.829 3.569   1.00 122.36 ? 4   DT  D O4    1 
ATOM   605 C  C5    . DT  D 4 3  ? -6.467  -18.818 2.476   1.00 120.22 ? 4   DT  D C5    1 
ATOM   606 C  C7    . DT  D 4 3  ? -5.273  -19.063 3.346   1.00 125.91 ? 4   DT  D C7    1 
ATOM   607 C  C6    . DT  D 4 3  ? -6.809  -19.659 1.487   1.00 126.25 ? 4   DT  D C6    1 
ATOM   608 P  P     . DG  D 4 4  ? -8.879  -21.314 -4.585  1.00 166.84 ? 5   DG  D P     1 
ATOM   609 O  OP1   . DG  D 4 4  ? -10.099 -21.945 -5.139  1.00 167.53 ? 5   DG  D OP1   1 
ATOM   610 O  OP2   . DG  D 4 4  ? -7.571  -21.536 -5.238  1.00 160.38 ? 5   DG  D OP2   1 
ATOM   611 O  "O5'" . DG  D 4 4  ? -9.111  -19.736 -4.478  1.00 148.37 ? 5   DG  D "O5'" 1 
ATOM   612 C  "C5'" . DG  D 4 4  ? -10.251 -19.231 -3.792  1.00 151.06 ? 5   DG  D "C5'" 1 
ATOM   613 C  "C4'" . DG  D 4 4  ? -10.227 -17.716 -3.756  1.00 149.36 ? 5   DG  D "C4'" 1 
ATOM   614 O  "O4'" . DG  D 4 4  ? -9.537  -17.260 -2.561  1.00 143.25 ? 5   DG  D "O4'" 1 
ATOM   615 C  "C3'" . DG  D 4 4  ? -9.506  -17.056 -4.934  1.00 136.11 ? 5   DG  D "C3'" 1 
ATOM   616 O  "O3'" . DG  D 4 4  ? -10.251 -15.934 -5.381  1.00 137.61 ? 5   DG  D "O3'" 1 
ATOM   617 C  "C2'" . DG  D 4 4  ? -8.173  -16.633 -4.323  1.00 126.95 ? 5   DG  D "C2'" 1 
ATOM   618 C  "C1'" . DG  D 4 4  ? -8.618  -16.260 -2.925  1.00 123.36 ? 5   DG  D "C1'" 1 
ATOM   619 N  N9    . DG  D 4 4  ? -7.542  -16.230 -1.943  1.00 115.47 ? 5   DG  D N9    1 
ATOM   620 C  C8    . DG  D 4 4  ? -6.509  -17.124 -1.814  1.00 112.63 ? 5   DG  D C8    1 
ATOM   621 N  N7    . DG  D 4 4  ? -5.699  -16.844 -0.832  1.00 109.66 ? 5   DG  D N7    1 
ATOM   622 C  C5    . DG  D 4 4  ? -6.227  -15.684 -0.279  1.00 114.18 ? 5   DG  D C5    1 
ATOM   623 C  C6    . DG  D 4 4  ? -5.775  -14.908 0.814   1.00 117.39 ? 5   DG  D C6    1 
ATOM   624 O  O6    . DG  D 4 4  ? -4.785  -15.097 1.534   1.00 111.90 ? 5   DG  D O6    1 
ATOM   625 N  N1    . DG  D 4 4  ? -6.603  -13.812 1.042   1.00 119.74 ? 5   DG  D N1    1 
ATOM   626 C  C2    . DG  D 4 4  ? -7.724  -13.506 0.308   1.00 114.58 ? 5   DG  D C2    1 
ATOM   627 N  N2    . DG  D 4 4  ? -8.395  -12.406 0.680   1.00 116.99 ? 5   DG  D N2    1 
ATOM   628 N  N3    . DG  D 4 4  ? -8.158  -14.225 -0.718  1.00 112.62 ? 5   DG  D N3    1 
ATOM   629 C  C4    . DG  D 4 4  ? -7.363  -15.296 -0.952  1.00 113.91 ? 5   DG  D C4    1 
ATOM   630 P  P     . DA  D 4 5  ? -10.139 -15.443 -6.906  1.00 154.93 ? 6   DA  D P     1 
ATOM   631 O  OP1   . DA  D 4 5  ? -10.648 -16.531 -7.773  1.00 146.54 ? 6   DA  D OP1   1 
ATOM   632 O  OP2   . DA  D 4 5  ? -8.772  -14.910 -7.102  1.00 133.49 ? 6   DA  D OP2   1 
ATOM   633 O  "O5'" . DA  D 4 5  ? -11.152 -14.209 -6.986  1.00 148.54 ? 6   DA  D "O5'" 1 
ATOM   634 C  "C5'" . DA  D 4 5  ? -10.664 -12.908 -7.277  1.00 141.44 ? 6   DA  D "C5'" 1 
ATOM   635 C  "C4'" . DA  D 4 5  ? -10.959 -11.954 -6.135  1.00 139.23 ? 6   DA  D "C4'" 1 
ATOM   636 O  "O4'" . DA  D 4 5  ? -10.274 -12.405 -4.937  1.00 129.78 ? 6   DA  D "O4'" 1 
ATOM   637 C  "C3'" . DA  D 4 5  ? -10.490 -10.525 -6.362  1.00 141.32 ? 6   DA  D "C3'" 1 
ATOM   638 O  "O3'" . DA  D 4 5  ? -11.354 -9.622  -5.692  1.00 145.45 ? 6   DA  D "O3'" 1 
ATOM   639 C  "C2'" . DA  D 4 5  ? -9.099  -10.533 -5.740  1.00 131.34 ? 6   DA  D "C2'" 1 
ATOM   640 C  "C1'" . DA  D 4 5  ? -9.317  -11.441 -4.538  1.00 121.64 ? 6   DA  D "C1'" 1 
ATOM   641 N  N9    . DA  D 4 5  ? -8.112  -12.142 -4.108  1.00 118.37 ? 6   DA  D N9    1 
ATOM   642 C  C8    . DA  D 4 5  ? -7.614  -13.306 -4.620  1.00 119.84 ? 6   DA  D C8    1 
ATOM   643 N  N7    . DA  D 4 5  ? -6.515  -13.716 -4.032  1.00 112.62 ? 6   DA  D N7    1 
ATOM   644 C  C5    . DA  D 4 5  ? -6.276  -12.754 -3.065  1.00 110.45 ? 6   DA  D C5    1 
ATOM   645 C  C6    . DA  D 4 5  ? -5.259  -12.607 -2.103  1.00 109.25 ? 6   DA  D C6    1 
ATOM   646 N  N6    . DA  D 4 5  ? -4.252  -13.475 -1.957  1.00 109.56 ? 6   DA  D N6    1 
ATOM   647 N  N1    . DA  D 4 5  ? -5.316  -11.531 -1.292  1.00 111.24 ? 6   DA  D N1    1 
ATOM   648 C  C2    . DA  D 4 5  ? -6.326  -10.664 -1.440  1.00 114.92 ? 6   DA  D C2    1 
ATOM   649 N  N3    . DA  D 4 5  ? -7.337  -10.696 -2.307  1.00 114.12 ? 6   DA  D N3    1 
ATOM   650 C  C4    . DA  D 4 5  ? -7.253  -11.777 -3.098  1.00 114.93 ? 6   DA  D C4    1 
ATOM   651 P  P     . DG  D 4 6  ? -11.442 -8.091  -6.167  1.00 159.02 ? 7   DG  D P     1 
ATOM   652 O  OP1   . DG  D 4 6  ? -12.664 -7.506  -5.572  1.00 156.09 ? 7   DG  D OP1   1 
ATOM   653 O  OP2   . DG  D 4 6  ? -11.238 -8.064  -7.633  1.00 151.73 ? 7   DG  D OP2   1 
ATOM   654 O  "O5'" . DG  D 4 6  ? -10.165 -7.408  -5.492  1.00 138.03 ? 7   DG  D "O5'" 1 
ATOM   655 C  "C5'" . DG  D 4 6  ? -10.035 -7.394  -4.078  1.00 135.60 ? 7   DG  D "C5'" 1 
ATOM   656 C  "C4'" . DG  D 4 6  ? -8.810  -6.603  -3.671  1.00 136.58 ? 7   DG  D "C4'" 1 
ATOM   657 O  "O4'" . DG  D 4 6  ? -7.744  -7.512  -3.284  1.00 133.57 ? 7   DG  D "O4'" 1 
ATOM   658 C  "C3'" . DG  D 4 6  ? -8.235  -5.718  -4.775  1.00 138.19 ? 7   DG  D "C3'" 1 
ATOM   659 O  "O3'" . DG  D 4 6  ? -7.903  -4.449  -4.252  1.00 141.21 ? 7   DG  D "O3'" 1 
ATOM   660 C  "C2'" . DG  D 4 6  ? -6.993  -6.480  -5.229  1.00 125.62 ? 7   DG  D "C2'" 1 
ATOM   661 C  "C1'" . DG  D 4 6  ? -6.555  -7.129  -3.930  1.00 120.78 ? 7   DG  D "C1'" 1 
ATOM   662 N  N9    . DG  D 4 6  ? -5.724  -8.314  -4.117  1.00 117.34 ? 7   DG  D N9    1 
ATOM   663 C  C8    . DG  D 4 6  ? -5.933  -9.340  -5.006  1.00 117.21 ? 7   DG  D C8    1 
ATOM   664 N  N7    . DG  D 4 6  ? -5.019  -10.270 -4.948  1.00 114.40 ? 7   DG  D N7    1 
ATOM   665 C  C5    . DG  D 4 6  ? -4.151  -9.832  -3.956  1.00 112.92 ? 7   DG  D C5    1 
ATOM   666 C  C6    . DG  D 4 6  ? -2.970  -10.425 -3.448  1.00 111.82 ? 7   DG  D C6    1 
ATOM   667 O  O6    . DG  D 4 6  ? -2.439  -11.492 -3.787  1.00 112.50 ? 7   DG  D O6    1 
ATOM   668 N  N1    . DG  D 4 6  ? -2.393  -9.650  -2.446  1.00 113.05 ? 7   DG  D N1    1 
ATOM   669 C  C2    . DG  D 4 6  ? -2.893  -8.453  -1.991  1.00 116.76 ? 7   DG  D C2    1 
ATOM   670 N  N2    . DG  D 4 6  ? -2.198  -7.847  -1.018  1.00 117.56 ? 7   DG  D N2    1 
ATOM   671 N  N3    . DG  D 4 6  ? -3.997  -7.886  -2.458  1.00 117.30 ? 7   DG  D N3    1 
ATOM   672 C  C4    . DG  D 4 6  ? -4.571  -8.629  -3.435  1.00 116.58 ? 7   DG  D C4    1 
ATOM   673 P  P     . DT  D 4 7  ? -7.845  -3.174  -5.225  1.00 153.87 ? 8   DT  D P     1 
ATOM   674 O  OP1   . DT  D 4 7  ? -8.920  -2.243  -4.815  1.00 135.87 ? 8   DT  D OP1   1 
ATOM   675 O  OP2   . DT  D 4 7  ? -7.797  -3.673  -6.616  1.00 145.91 ? 8   DT  D OP2   1 
ATOM   676 O  "O5'" . DT  D 4 7  ? -6.432  -2.512  -4.895  1.00 138.90 ? 8   DT  D "O5'" 1 
ATOM   677 C  "C5'" . DT  D 4 7  ? -6.185  -2.012  -3.597  1.00 136.61 ? 8   DT  D "C5'" 1 
ATOM   678 C  "C4'" . DT  D 4 7  ? -4.712  -2.103  -3.258  1.00 133.72 ? 8   DT  D "C4'" 1 
ATOM   679 O  "O4'" . DT  D 4 7  ? -4.269  -3.478  -3.353  1.00 134.48 ? 8   DT  D "O4'" 1 
ATOM   680 C  "C3'" . DT  D 4 7  ? -3.778  -1.294  -4.171  1.00 122.20 ? 8   DT  D "C3'" 1 
ATOM   681 O  "O3'" . DT  D 4 7  ? -3.077  -0.298  -3.388  1.00 120.74 ? 8   DT  D "O3'" 1 
ATOM   682 C  "C2'" . DT  D 4 7  ? -2.843  -2.355  -4.776  1.00 133.77 ? 8   DT  D "C2'" 1 
ATOM   683 C  "C1'" . DT  D 4 7  ? -2.925  -3.462  -3.745  1.00 131.61 ? 8   DT  D "C1'" 1 
ATOM   684 N  N1    . DT  D 4 7  ? -2.540  -4.803  -4.268  1.00 125.53 ? 8   DT  D N1    1 
ATOM   685 C  C2    . DT  D 4 7  ? -1.405  -5.406  -3.780  1.00 126.73 ? 8   DT  D C2    1 
ATOM   686 O  O2    . DT  D 4 7  ? -0.698  -4.902  -2.926  1.00 123.09 ? 8   DT  D O2    1 
ATOM   687 N  N3    . DT  D 4 7  ? -1.127  -6.631  -4.323  1.00 125.79 ? 8   DT  D N3    1 
ATOM   688 C  C4    . DT  D 4 7  ? -1.853  -7.299  -5.290  1.00 123.09 ? 8   DT  D C4    1 
ATOM   689 O  O4    . DT  D 4 7  ? -1.520  -8.402  -5.716  1.00 125.68 ? 8   DT  D O4    1 
ATOM   690 C  C5    . DT  D 4 7  ? -3.030  -6.609  -5.765  1.00 116.02 ? 8   DT  D C5    1 
ATOM   691 C  C7    . DT  D 4 7  ? -3.895  -7.236  -6.816  1.00 118.34 ? 8   DT  D C7    1 
ATOM   692 C  C6    . DT  D 4 7  ? -3.314  -5.406  -5.239  1.00 117.30 ? 8   DT  D C6    1 
ATOM   693 P  P     . DC  D 4 8  ? -1.517  0.039   -3.614  1.00 148.57 ? 9   DC  D P     1 
ATOM   694 O  OP1   . DC  D 4 8  ? -1.226  1.241   -2.802  1.00 138.61 ? 9   DC  D OP1   1 
ATOM   695 O  OP2   . DC  D 4 8  ? -1.197  0.067   -5.060  1.00 141.80 ? 9   DC  D OP2   1 
ATOM   696 O  "O5'" . DC  D 4 8  ? -0.754  -1.191  -2.933  1.00 138.50 ? 9   DC  D "O5'" 1 
ATOM   697 C  "C5'" . DC  D 4 8  ? 0.375   -0.961  -2.099  1.00 138.89 ? 9   DC  D "C5'" 1 
ATOM   698 C  "C4'" . DC  D 4 8  ? 1.661   -1.329  -2.814  1.00 140.36 ? 9   DC  D "C4'" 1 
ATOM   699 O  "O4'" . DC  D 4 8  ? 1.483   -2.575  -3.536  1.00 140.56 ? 9   DC  D "O4'" 1 
ATOM   700 C  "C3'" . DC  D 4 8  ? 2.150   -0.303  -3.842  1.00 138.13 ? 9   DC  D "C3'" 1 
ATOM   701 O  "O3'" . DC  D 4 8  ? 3.525   -0.014  -3.612  1.00 144.74 ? 9   DC  D "O3'" 1 
ATOM   702 C  "C2'" . DC  D 4 8  ? 1.942   -1.012  -5.184  1.00 140.68 ? 9   DC  D "C2'" 1 
ATOM   703 C  "C1'" . DC  D 4 8  ? 2.114   -2.466  -4.781  1.00 139.29 ? 9   DC  D "C1'" 1 
ATOM   704 N  N1    . DC  D 4 8  ? 1.486   -3.435  -5.726  1.00 132.65 ? 9   DC  D N1    1 
ATOM   705 C  C2    . DC  D 4 8  ? 2.094   -4.675  -5.951  1.00 133.32 ? 9   DC  D C2    1 
ATOM   706 O  O2    . DC  D 4 8  ? 3.141   -4.948  -5.356  1.00 139.16 ? 9   DC  D O2    1 
ATOM   707 N  N3    . DC  D 4 8  ? 1.517   -5.544  -6.817  1.00 127.10 ? 9   DC  D N3    1 
ATOM   708 C  C4    . DC  D 4 8  ? 0.388   -5.214  -7.438  1.00 125.46 ? 9   DC  D C4    1 
ATOM   709 N  N4    . DC  D 4 8  ? -0.143  -6.106  -8.283  1.00 125.43 ? 9   DC  D N4    1 
ATOM   710 C  C5    . DC  D 4 8  ? -0.247  -3.955  -7.222  1.00 127.16 ? 9   DC  D C5    1 
ATOM   711 C  C6    . DC  D 4 8  ? 0.331   -3.105  -6.367  1.00 124.60 ? 9   DC  D C6    1 
ATOM   712 P  P     . DG  D 4 9  ? 3.954   1.070   -2.504  1.00 156.50 ? 10  DG  D P     1 
ATOM   713 O  OP1   . DG  D 4 9  ? 4.901   0.427   -1.568  1.00 142.72 ? 10  DG  D OP1   1 
ATOM   714 O  OP2   . DG  D 4 9  ? 2.713   1.684   -1.981  1.00 149.05 ? 10  DG  D OP2   1 
ATOM   715 O  "O5'" . DG  D 4 9  ? 4.742   2.184   -3.339  1.00 147.31 ? 10  DG  D "O5'" 1 
ATOM   716 C  "C5'" . DG  D 4 9  ? 4.084   2.871   -4.385  1.00 136.92 ? 10  DG  D "C5'" 1 
ATOM   717 C  "C4'" . DG  D 4 9  ? 4.879   4.080   -4.840  1.00 135.74 ? 10  DG  D "C4'" 1 
ATOM   718 O  "O4'" . DG  D 4 9  ? 4.030   4.904   -5.671  1.00 131.49 ? 10  DG  D "O4'" 1 
ATOM   719 C  "C3'" . DG  D 4 9  ? 5.400   4.971   -3.711  1.00 135.60 ? 10  DG  D "C3'" 1 
ATOM   720 O  "O3'" . DG  D 4 9  ? 6.816   4.858   -3.621  1.00 128.36 ? 10  DG  D "O3'" 1 
ATOM   721 C  "C2'" . DG  D 4 9  ? 4.994   6.387   -4.116  1.00 130.36 ? 10  DG  D "C2'" 1 
ATOM   722 C  "C1'" . DG  D 4 9  ? 3.849   6.172   -5.088  1.00 129.02 ? 10  DG  D "C1'" 1 
ATOM   723 N  N9    . DG  D 4 9  ? 2.515   6.243   -4.486  1.00 126.49 ? 10  DG  D N9    1 
ATOM   724 C  C8    . DG  D 4 9  ? 1.689   5.191   -4.174  1.00 133.86 ? 10  DG  D C8    1 
ATOM   725 N  N7    . DG  D 4 9  ? 0.547   5.559   -3.664  1.00 132.07 ? 10  DG  D N7    1 
ATOM   726 C  C5    . DG  D 4 9  ? 0.613   6.944   -3.641  1.00 125.72 ? 10  DG  D C5    1 
ATOM   727 C  C6    . DG  D 4 9  ? -0.336  7.892   -3.193  1.00 129.18 ? 10  DG  D C6    1 
ATOM   728 O  O6    . DG  D 4 9  ? -1.459  7.685   -2.717  1.00 135.70 ? 10  DG  D O6    1 
ATOM   729 N  N1    . DG  D 4 9  ? 0.124   9.196   -3.344  1.00 133.14 ? 10  DG  D N1    1 
ATOM   730 C  C2    . DG  D 4 9  ? 1.350   9.538   -3.862  1.00 133.98 ? 10  DG  D C2    1 
ATOM   731 N  N2    . DG  D 4 9  ? 1.621   10.850  -3.928  1.00 138.62 ? 10  DG  D N2    1 
ATOM   732 N  N3    . DG  D 4 9  ? 2.251   8.659   -4.284  1.00 131.08 ? 10  DG  D N3    1 
ATOM   733 C  C4    . DG  D 4 9  ? 1.816   7.384   -4.144  1.00 126.54 ? 10  DG  D C4    1 
ATOM   734 P  P     . DG  D 4 10 ? 7.553   5.050   -2.207  1.00 131.46 ? 11  DG  D P     1 
ATOM   735 O  OP1   . DG  D 4 10 ? 9.008   4.902   -2.440  1.00 105.25 ? 11  DG  D OP1   1 
ATOM   736 O  OP2   . DG  D 4 10 ? 6.862   4.166   -1.239  1.00 130.82 ? 11  DG  D OP2   1 
ATOM   737 O  "O5'" . DG  D 4 10 ? 7.235   6.567   -1.796  1.00 130.39 ? 11  DG  D "O5'" 1 
ATOM   738 C  "C5'" . DG  D 4 10 ? 7.953   7.649   -2.403  1.00 127.07 ? 11  DG  D "C5'" 1 
ATOM   739 C  "C4'" . DG  D 4 10 ? 7.199   8.956   -2.224  1.00 123.41 ? 11  DG  D "C4'" 1 
ATOM   740 O  "O4'" . DG  D 4 10 ? 5.806   8.710   -2.452  1.00 125.74 ? 11  DG  D "O4'" 1 
ATOM   741 C  "C3'" . DG  D 4 10 ? 7.278   9.555   -0.825  1.00 135.21 ? 11  DG  D "C3'" 1 
ATOM   742 O  "O3'" . DG  D 4 10 ? 8.297   10.552  -0.776  1.00 140.85 ? 11  DG  D "O3'" 1 
ATOM   743 C  "C2'" . DG  D 4 10 ? 5.891   10.171  -0.589  1.00 132.55 ? 11  DG  D "C2'" 1 
ATOM   744 C  "C1'" . DG  D 4 10 ? 5.027   9.621   -1.721  1.00 130.78 ? 11  DG  D "C1'" 1 
ATOM   745 N  N9    . DG  D 4 10 ? 3.827   8.929   -1.258  1.00 127.89 ? 11  DG  D N9    1 
ATOM   746 C  C8    . DG  D 4 10 ? 3.640   7.571   -1.172  1.00 127.94 ? 11  DG  D C8    1 
ATOM   747 N  N7    . DG  D 4 10 ? 2.459   7.238   -0.731  1.00 130.19 ? 11  DG  D N7    1 
ATOM   748 C  C5    . DG  D 4 10 ? 1.822   8.451   -0.510  1.00 124.91 ? 11  DG  D C5    1 
ATOM   749 C  C6    . DG  D 4 10 ? 0.518   8.721   -0.030  1.00 131.84 ? 11  DG  D C6    1 
ATOM   750 O  O6    . DG  D 4 10 ? -0.360  7.912   0.306   1.00 132.21 ? 11  DG  D O6    1 
ATOM   751 N  N1    . DG  D 4 10 ? 0.271   10.089  0.045   1.00 128.72 ? 11  DG  D N1    1 
ATOM   752 C  C2    . DG  D 4 10 ? 1.170   11.070  -0.302  1.00 131.12 ? 11  DG  D C2    1 
ATOM   753 N  N2    . DG  D 4 10 ? 0.751   12.335  -0.162  1.00 135.07 ? 11  DG  D N2    1 
ATOM   754 N  N3    . DG  D 4 10 ? 2.394   10.829  -0.753  1.00 125.43 ? 11  DG  D N3    1 
ATOM   755 C  C4    . DG  D 4 10 ? 2.651   9.501   -0.831  1.00 122.34 ? 11  DG  D C4    1 
ATOM   756 P  P     . DT  D 4 11 ? 8.865   11.062  0.640   1.00 152.45 ? 12  DT  D P     1 
ATOM   757 O  OP1   . DT  D 4 11 ? 10.101  11.832  0.368   1.00 147.90 ? 12  DT  D OP1   1 
ATOM   758 O  OP2   . DT  D 4 11 ? 8.909   9.894   1.548   1.00 144.62 ? 12  DT  D OP2   1 
ATOM   759 O  "O5'" . DT  D 4 11 ? 7.736   12.065  1.177   1.00 135.63 ? 12  DT  D "O5'" 1 
ATOM   760 C  "C5'" . DT  D 4 11 ? 7.500   13.295  0.501   1.00 131.35 ? 12  DT  D "C5'" 1 
ATOM   761 C  "C4'" . DT  D 4 11 ? 6.308   14.027  1.096   1.00 139.88 ? 12  DT  D "C4'" 1 
ATOM   762 O  "O4'" . DT  D 4 11 ? 5.150   13.151  1.110   1.00 140.15 ? 12  DT  D "O4'" 1 
ATOM   763 C  "C3'" . DT  D 4 11 ? 6.491   14.512  2.540   1.00 142.31 ? 12  DT  D "C3'" 1 
ATOM   764 O  "O3'" . DT  D 4 11 ? 5.992   15.841  2.670   1.00 150.36 ? 12  DT  D "O3'" 1 
ATOM   765 C  "C2'" . DT  D 4 11 ? 5.655   13.521  3.347   1.00 137.88 ? 12  DT  D "C2'" 1 
ATOM   766 C  "C1'" . DT  D 4 11 ? 4.531   13.227  2.372   1.00 135.75 ? 12  DT  D "C1'" 1 
ATOM   767 N  N1    . DT  D 4 11 ? 3.827   11.941  2.636   1.00 134.95 ? 12  DT  D N1    1 
ATOM   768 C  C2    . DT  D 4 11 ? 2.515   11.964  3.050   1.00 135.20 ? 12  DT  D C2    1 
ATOM   769 O  O2    . DT  D 4 11 ? 1.887   12.993  3.218   1.00 138.79 ? 12  DT  D O2    1 
ATOM   770 N  N3    . DT  D 4 11 ? 1.960   10.730  3.263   1.00 135.30 ? 12  DT  D N3    1 
ATOM   771 C  C4    . DT  D 4 11 ? 2.572   9.500   3.106   1.00 133.59 ? 12  DT  D C4    1 
ATOM   772 O  O4    . DT  D 4 11 ? 1.987   8.443   3.323   1.00 134.78 ? 12  DT  D O4    1 
ATOM   773 C  C5    . DT  D 4 11 ? 3.949   9.548   2.671   1.00 134.37 ? 12  DT  D C5    1 
ATOM   774 C  C7    . DT  D 4 11 ? 4.719   8.277   2.464   1.00 136.21 ? 12  DT  D C7    1 
ATOM   775 C  C6    . DT  D 4 11 ? 4.502   10.751  2.461   1.00 133.63 ? 12  DT  D C6    1 
ATOM   776 P  P     . DC  D 4 12 ? 6.316   16.711  3.984   1.00 167.81 ? 13  DC  D P     1 
ATOM   777 O  OP1   . DC  D 4 12 ? 6.539   18.108  3.551   1.00 157.40 ? 13  DC  D OP1   1 
ATOM   778 O  OP2   . DC  D 4 12 ? 7.367   16.004  4.748   1.00 160.75 ? 13  DC  D OP2   1 
ATOM   779 O  "O5'" . DC  D 4 12 ? 4.959   16.656  4.831   1.00 155.08 ? 13  DC  D "O5'" 1 
ATOM   780 C  "C5'" . DC  D 4 12 ? 3.836   17.421  4.411   1.00 156.75 ? 13  DC  D "C5'" 1 
ATOM   781 C  "C4'" . DC  D 4 12 ? 2.635   17.163  5.302   1.00 161.79 ? 13  DC  D "C4'" 1 
ATOM   782 O  "O4'" . DC  D 4 12 ? 2.252   15.765  5.213   1.00 163.19 ? 13  DC  D "O4'" 1 
ATOM   783 C  "C3'" . DC  D 4 12 ? 2.851   17.456  6.791   1.00 164.27 ? 13  DC  D "C3'" 1 
ATOM   784 O  "O3'" . DC  D 4 12 ? 1.758   18.213  7.300   1.00 173.17 ? 13  DC  D "O3'" 1 
ATOM   785 C  "C2'" . DC  D 4 12 ? 2.912   16.066  7.424   1.00 163.37 ? 13  DC  D "C2'" 1 
ATOM   786 C  "C1'" . DC  D 4 12 ? 1.999   15.273  6.507   1.00 162.61 ? 13  DC  D "C1'" 1 
ATOM   787 N  N1    . DC  D 4 12 ? 2.272   13.809  6.521   1.00 151.14 ? 13  DC  D N1    1 
ATOM   788 C  C2    . DC  D 4 12 ? 1.262   12.919  6.901   1.00 154.07 ? 13  DC  D C2    1 
ATOM   789 O  O2    . DC  D 4 12 ? 0.153   13.365  7.215   1.00 158.98 ? 13  DC  D O2    1 
ATOM   790 N  N3    . DC  D 4 12 ? 1.528   11.589  6.910   1.00 148.26 ? 13  DC  D N3    1 
ATOM   791 C  C4    . DC  D 4 12 ? 2.739   11.149  6.564   1.00 145.46 ? 13  DC  D C4    1 
ATOM   792 N  N4    . DC  D 4 12 ? 2.955   9.829   6.588   1.00 143.53 ? 13  DC  D N4    1 
ATOM   793 C  C5    . DC  D 4 12 ? 3.781   12.042  6.178   1.00 145.83 ? 13  DC  D C5    1 
ATOM   794 C  C6    . DC  D 4 12 ? 3.506   13.350  6.172   1.00 147.50 ? 13  DC  D C6    1 
ATOM   795 P  P     . DT  D 4 13 ? 1.748   18.698  8.832   1.00 181.78 ? 14  DT  D P     1 
ATOM   796 O  OP1   . DT  D 4 13 ? 0.989   19.967  8.886   1.00 174.91 ? 14  DT  D OP1   1 
ATOM   797 O  OP2   . DT  D 4 13 ? 3.139   18.654  9.333   1.00 175.63 ? 14  DT  D OP2   1 
ATOM   798 O  "O5'" . DT  D 4 13 ? 0.910   17.567  9.594   1.00 177.27 ? 14  DT  D "O5'" 1 
ATOM   799 C  "C5'" . DT  D 4 13 ? -0.468  17.381  9.294   1.00 176.70 ? 14  DT  D "C5'" 1 
ATOM   800 C  "C4'" . DT  D 4 13 ? -1.078  16.302  10.174  1.00 181.13 ? 14  DT  D "C4'" 1 
ATOM   801 O  "O4'" . DT  D 4 13 ? -0.486  15.012  9.854   1.00 178.40 ? 14  DT  D "O4'" 1 
ATOM   802 C  "C3'" . DT  D 4 13 ? -0.878  16.497  11.681  1.00 186.91 ? 14  DT  D "C3'" 1 
ATOM   803 O  "O3'" . DT  D 4 13 ? -2.078  16.159  12.377  1.00 197.03 ? 14  DT  D "O3'" 1 
ATOM   804 C  "C2'" . DT  D 4 13 ? 0.241   15.510  12.002  1.00 182.34 ? 14  DT  D "C2'" 1 
ATOM   805 C  "C1'" . DT  D 4 13 ? -0.110  14.377  11.054  1.00 179.38 ? 14  DT  D "C1'" 1 
ATOM   806 N  N1    . DT  D 4 13 ? 1.021   13.443  10.777  1.00 172.15 ? 14  DT  D N1    1 
ATOM   807 C  C2    . DT  D 4 13 ? 0.832   12.091  10.958  1.00 167.23 ? 14  DT  D C2    1 
ATOM   808 O  O2    . DT  D 4 13 ? -0.223  11.607  11.330  1.00 168.04 ? 14  DT  D O2    1 
ATOM   809 N  N3    . DT  D 4 13 ? 1.927   11.318  10.681  1.00 162.65 ? 14  DT  D N3    1 
ATOM   810 C  C4    . DT  D 4 13 ? 3.168   11.751  10.254  1.00 162.05 ? 14  DT  D C4    1 
ATOM   811 O  O4    . DT  D 4 13 ? 4.092   10.975  10.030  1.00 161.87 ? 14  DT  D O4    1 
ATOM   812 C  C5    . DT  D 4 13 ? 3.301   13.180  10.087  1.00 164.19 ? 14  DT  D C5    1 
ATOM   813 C  C7    . DT  D 4 13 ? 4.603   13.766  9.628   1.00 160.05 ? 14  DT  D C7    1 
ATOM   814 C  C6    . DT  D 4 13 ? 2.234   13.947  10.355  1.00 168.88 ? 14  DT  D C6    1 
ATOM   815 P  P     . DG  D 4 14 ? -2.929  17.294  13.133  1.00 209.24 ? 15  DG  D P     1 
ATOM   816 O  OP1   . DG  D 4 14 ? -4.361  16.965  12.961  1.00 202.53 ? 15  DG  D OP1   1 
ATOM   817 O  OP2   . DG  D 4 14 ? -2.417  18.606  12.681  1.00 212.11 ? 15  DG  D OP2   1 
ATOM   818 O  "O5'" . DG  D 4 14 ? -2.555  17.100  14.680  1.00 198.76 ? 15  DG  D "O5'" 1 
ATOM   819 C  "C5'" . DG  D 4 14 ? -3.584  16.895  15.647  1.00 192.21 ? 15  DG  D "C5'" 1 
ATOM   820 C  "C4'" . DG  D 4 14 ? -3.861  15.414  15.827  1.00 190.79 ? 15  DG  D "C4'" 1 
ATOM   821 O  "O4'" . DG  D 4 14 ? -2.928  14.661  15.020  1.00 185.29 ? 15  DG  D "O4'" 1 
ATOM   822 C  "C3'" . DG  D 4 14 ? -3.712  14.896  17.262  1.00 184.07 ? 15  DG  D "C3'" 1 
ATOM   823 O  "O3'" . DG  D 4 14 ? -4.977  14.392  17.786  1.00 185.93 ? 15  DG  D "O3'" 1 
ATOM   824 C  "C2'" . DG  D 4 14 ? -2.617  13.824  17.193  1.00 174.25 ? 15  DG  D "C2'" 1 
ATOM   825 C  "C1'" . DG  D 4 14 ? -2.526  13.505  15.707  1.00 175.65 ? 15  DG  D "C1'" 1 
ATOM   826 N  N9    . DG  D 4 14 ? -1.178  13.165  15.269  1.00 169.37 ? 15  DG  D N9    1 
ATOM   827 C  C8    . DG  D 4 14 ? -0.148  14.038  15.013  1.00 170.94 ? 15  DG  D C8    1 
ATOM   828 N  N7    . DG  D 4 14 ? 0.948   13.448  14.628  1.00 168.96 ? 15  DG  D N7    1 
ATOM   829 C  C5    . DG  D 4 14 ? 0.626   12.098  14.629  1.00 166.81 ? 15  DG  D C5    1 
ATOM   830 C  C6    . DG  D 4 14 ? 1.416   10.971  14.301  1.00 161.42 ? 15  DG  D C6    1 
ATOM   831 O  O6    . DG  D 4 14 ? 2.599   10.944  13.932  1.00 159.95 ? 15  DG  D O6    1 
ATOM   832 N  N1    . DG  D 4 14 ? 0.701   9.784   14.437  1.00 161.37 ? 15  DG  D N1    1 
ATOM   833 C  C2    . DG  D 4 14 ? -0.612  9.697   14.838  1.00 164.72 ? 15  DG  D C2    1 
ATOM   834 N  N2    . DG  D 4 14 ? -1.132  8.463   14.910  1.00 161.74 ? 15  DG  D N2    1 
ATOM   835 N  N3    . DG  D 4 14 ? -1.364  10.744  15.149  1.00 164.61 ? 15  DG  D N3    1 
ATOM   836 C  C4    . DG  D 4 14 ? -0.682  11.908  15.020  1.00 166.78 ? 15  DG  D C4    1 
ATOM   837 P  P     . DC  D 4 15 ? -5.677  13.041  17.246  1.00 195.84 ? 16  DC  D P     1 
ATOM   838 O  OP1   . DC  D 4 15 ? -5.606  12.952  15.772  1.00 195.19 ? 16  DC  D OP1   1 
ATOM   839 O  OP2   . DC  D 4 15 ? -7.004  12.995  17.898  1.00 194.06 ? 16  DC  D OP2   1 
ATOM   840 O  "O5'" . DC  D 4 15 ? -4.825  11.846  17.880  1.00 179.15 ? 16  DC  D "O5'" 1 
ATOM   841 C  "C5'" . DC  D 4 15 ? -5.160  10.498  17.556  1.00 173.49 ? 16  DC  D "C5'" 1 
ATOM   842 C  "C4'" . DC  D 4 15 ? -4.274  9.519   18.303  1.00 169.91 ? 16  DC  D "C4'" 1 
ATOM   843 O  "O4'" . DC  D 4 15 ? -2.930  9.572   17.772  1.00 170.34 ? 16  DC  D "O4'" 1 
ATOM   844 C  "C3'" . DC  D 4 15 ? -4.156  9.776   19.810  1.00 166.16 ? 16  DC  D "C3'" 1 
ATOM   845 O  "O3'" . DC  D 4 15 ? -4.559  8.620   20.532  1.00 165.46 ? 16  DC  D "O3'" 1 
ATOM   846 C  "C2'" . DC  D 4 15 ? -2.670  10.091  20.025  1.00 167.23 ? 16  DC  D "C2'" 1 
ATOM   847 C  "C1'" . DC  D 4 15 ? -2.016  9.423   18.825  1.00 163.79 ? 16  DC  D "C1'" 1 
ATOM   848 N  N1    . DC  D 4 15 ? -0.724  10.053  18.423  1.00 164.14 ? 16  DC  D N1    1 
ATOM   849 C  C2    . DC  D 4 15 ? 0.344   9.247   18.016  1.00 164.13 ? 16  DC  D C2    1 
ATOM   850 O  O2    . DC  D 4 15 ? 0.199   8.017   17.997  1.00 161.39 ? 16  DC  D O2    1 
ATOM   851 N  N3    . DC  D 4 15 ? 1.512   9.837   17.653  1.00 162.72 ? 16  DC  D N3    1 
ATOM   852 C  C4    . DC  D 4 15 ? 1.629   11.165  17.689  1.00 160.73 ? 16  DC  D C4    1 
ATOM   853 N  N4    . DC  D 4 15 ? 2.799   11.700  17.322  1.00 157.04 ? 16  DC  D N4    1 
ATOM   854 C  C5    . DC  D 4 15 ? 0.552   12.003  18.102  1.00 162.59 ? 16  DC  D C5    1 
ATOM   855 C  C6    . DC  D 4 15 ? -0.594  11.411  18.456  1.00 164.30 ? 16  DC  D C6    1 
HETATM 856 AS AS    . CAC E 5 .  ? 9.438   -0.684  -13.341 1.00 215.39 ? 101 CAC C AS    1 
HETATM 857 AS AS    . CAC F 5 .  ? 0.666   3.666   0.658   1.00 180.97 ? 101 CAC D AS    1 
# 
loop_
_pdbx_poly_seq_scheme.asym_id 
_pdbx_poly_seq_scheme.entity_id 
_pdbx_poly_seq_scheme.seq_id 
_pdbx_poly_seq_scheme.mon_id 
_pdbx_poly_seq_scheme.ndb_seq_num 
_pdbx_poly_seq_scheme.pdb_seq_num 
_pdbx_poly_seq_scheme.auth_seq_num 
_pdbx_poly_seq_scheme.pdb_mon_id 
_pdbx_poly_seq_scheme.auth_mon_id 
_pdbx_poly_seq_scheme.pdb_strand_id 
_pdbx_poly_seq_scheme.pdb_ins_code 
_pdbx_poly_seq_scheme.hetero 
A 1 1  DG 1  1  1  DG DG A . n 
A 1 2  DA 2  2  2  DA DA A . n 
A 1 3  DG 3  3  3  DG DG A . n 
A 1 4  DC 4  4  4  DC DC A . n 
A 1 5  DA 5  5  5  DA DA A . n 
A 1 6  DG 6  6  6  DG DG A . n 
A 1 7  DA 7  7  7  DA DA A . n 
A 1 8  DC 8  8  8  DC DC A . n 
A 1 9  DC 9  9  9  DC DC A . n 
A 1 10 DA 10 10 10 DA DA A . n 
A 1 11 DG 11 11 11 DG DG A . n 
A 1 12 DA 12 12 12 DA DA A . n 
B 2 1  DC 1  12 12 DC DC B . n 
B 2 2  DG 2  13 13 DG DG B . n 
B 2 3  DG 3  14 14 DG DG B . n 
B 2 4  DG 4  15 15 DG DG B . n 
B 2 5  DA 5  16 16 DA DA B . n 
B 2 6  DC 6  17 17 DC DC B . n 
B 2 7  DT 7  18 18 DT DT B . n 
B 2 8  DC 8  19 19 DC DC B . n 
B 2 9  DA 9  20 20 DA DA B . n 
C 3 1  DT 1  0  0  DT DT C . n 
C 3 2  DC 2  1  1  DC DC C . n 
C 3 3  DT 3  2  2  DT DT C . n 
C 3 4  DC 4  3  3  DC DC C . n 
C 3 5  DC 5  4  4  DC DC C . n 
C 3 6  DG 6  5  5  DG DG C . n 
D 4 1  DT 1  2  2  DT DT D . n 
D 4 2  DC 2  3  3  DC DC D . n 
D 4 3  DT 3  4  4  DT DT D . n 
D 4 4  DG 4  5  5  DG DG D . n 
D 4 5  DA 5  6  6  DA DA D . n 
D 4 6  DG 6  7  7  DG DG D . n 
D 4 7  DT 7  8  8  DT DT D . n 
D 4 8  DC 8  9  9  DC DC D . n 
D 4 9  DG 9  10 10 DG DG D . n 
D 4 10 DG 10 11 11 DG DG D . n 
D 4 11 DT 11 12 12 DT DT D . n 
D 4 12 DC 12 13 13 DC DC D . n 
D 4 13 DT 13 14 14 DT DT D . n 
D 4 14 DG 14 15 15 DG DG D . n 
D 4 15 DC 15 16 16 DC DC D . n 
# 
loop_
_pdbx_nonpoly_scheme.asym_id 
_pdbx_nonpoly_scheme.entity_id 
_pdbx_nonpoly_scheme.mon_id 
_pdbx_nonpoly_scheme.ndb_seq_num 
_pdbx_nonpoly_scheme.pdb_seq_num 
_pdbx_nonpoly_scheme.auth_seq_num 
_pdbx_nonpoly_scheme.pdb_mon_id 
_pdbx_nonpoly_scheme.auth_mon_id 
_pdbx_nonpoly_scheme.pdb_strand_id 
_pdbx_nonpoly_scheme.pdb_ins_code 
E 5 CAC 1 101 2 CAC AS C . 
F 5 CAC 1 101 1 CAC AS D . 
# 
_pdbx_struct_assembly.id                   1 
_pdbx_struct_assembly.details              author_and_software_defined_assembly 
_pdbx_struct_assembly.method_details       PISA 
_pdbx_struct_assembly.oligomeric_details   tetrameric 
_pdbx_struct_assembly.oligomeric_count     4 
# 
_pdbx_struct_assembly_gen.assembly_id       1 
_pdbx_struct_assembly_gen.oper_expression   1 
_pdbx_struct_assembly_gen.asym_id_list      A,B,C,D,E,F 
# 
loop_
_pdbx_struct_assembly_prop.biol_id 
_pdbx_struct_assembly_prop.type 
_pdbx_struct_assembly_prop.value 
_pdbx_struct_assembly_prop.details 
1 'ABSA (A^2)' 2480 ? 
1 MORE         -14  ? 
1 'SSA (A^2)'  8030 ? 
# 
_pdbx_struct_oper_list.id                   1 
_pdbx_struct_oper_list.type                 'identity operation' 
_pdbx_struct_oper_list.name                 1_555 
_pdbx_struct_oper_list.symmetry_operation   x,y,z 
_pdbx_struct_oper_list.matrix[1][1]         1.0000000000 
_pdbx_struct_oper_list.matrix[1][2]         0.0000000000 
_pdbx_struct_oper_list.matrix[1][3]         0.0000000000 
_pdbx_struct_oper_list.vector[1]            0.0000000000 
_pdbx_struct_oper_list.matrix[2][1]         0.0000000000 
_pdbx_struct_oper_list.matrix[2][2]         1.0000000000 
_pdbx_struct_oper_list.matrix[2][3]         0.0000000000 
_pdbx_struct_oper_list.vector[2]            0.0000000000 
_pdbx_struct_oper_list.matrix[3][1]         0.0000000000 
_pdbx_struct_oper_list.matrix[3][2]         0.0000000000 
_pdbx_struct_oper_list.matrix[3][3]         1.0000000000 
_pdbx_struct_oper_list.vector[3]            0.0000000000 
# 
loop_
_pdbx_audit_revision_history.ordinal 
_pdbx_audit_revision_history.data_content_type 
_pdbx_audit_revision_history.major_revision 
_pdbx_audit_revision_history.minor_revision 
_pdbx_audit_revision_history.revision_date 
1 'Structure model' 1 0 2021-07-14 
2 'Structure model' 1 1 2022-07-06 
3 'Structure model' 1 2 2023-10-18 
# 
_pdbx_audit_revision_details.ordinal             1 
_pdbx_audit_revision_details.revision_ordinal    1 
_pdbx_audit_revision_details.data_content_type   'Structure model' 
_pdbx_audit_revision_details.provider            repository 
_pdbx_audit_revision_details.type                'Initial release' 
_pdbx_audit_revision_details.description         ? 
_pdbx_audit_revision_details.details             ? 
# 
loop_
_pdbx_audit_revision_group.ordinal 
_pdbx_audit_revision_group.revision_ordinal 
_pdbx_audit_revision_group.data_content_type 
_pdbx_audit_revision_group.group 
1 2 'Structure model' 'Database references'    
2 3 'Structure model' 'Data collection'        
3 3 'Structure model' 'Refinement description' 
# 
loop_
_pdbx_audit_revision_category.ordinal 
_pdbx_audit_revision_category.revision_ordinal 
_pdbx_audit_revision_category.data_content_type 
_pdbx_audit_revision_category.category 
1 2 'Structure model' citation                      
2 2 'Structure model' citation_author               
3 2 'Structure model' database_2                    
4 3 'Structure model' chem_comp_atom                
5 3 'Structure model' chem_comp_bond                
6 3 'Structure model' pdbx_initial_refinement_model 
# 
loop_
_pdbx_audit_revision_item.ordinal 
_pdbx_audit_revision_item.revision_ordinal 
_pdbx_audit_revision_item.data_content_type 
_pdbx_audit_revision_item.item 
1  2 'Structure model' '_citation.country'                   
2  2 'Structure model' '_citation.journal_abbrev'            
3  2 'Structure model' '_citation.journal_id_CSD'            
4  2 'Structure model' '_citation.journal_id_ISSN'           
5  2 'Structure model' '_citation.journal_volume'            
6  2 'Structure model' '_citation.page_first'                
7  2 'Structure model' '_citation.page_last'                 
8  2 'Structure model' '_citation.pdbx_database_id_DOI'      
9  2 'Structure model' '_citation.pdbx_database_id_PubMed'   
10 2 'Structure model' '_citation.title'                     
11 2 'Structure model' '_citation.year'                      
12 2 'Structure model' '_database_2.pdbx_DOI'                
13 2 'Structure model' '_database_2.pdbx_database_accession' 
# 
loop_
_software.citation_id 
_software.classification 
_software.compiler_name 
_software.compiler_version 
_software.contact_author 
_software.contact_author_email 
_software.date 
_software.description 
_software.dependencies 
_software.hardware 
_software.language 
_software.location 
_software.mods 
_software.name 
_software.os 
_software.os_version 
_software.type 
_software.version 
_software.pdbx_ordinal 
? 'data reduction'  ? ? ? ? ? ? ? ? ? ? ? HKL-2000    ? ? ? .           1 
? 'data scaling'    ? ? ? ? ? ? ? ? ? ? ? HKL-2000    ? ? ? .           2 
? refinement        ? ? ? ? ? ? ? ? ? ? ? PHENIX      ? ? ? 1.11.1_2575 3 
? 'data extraction' ? ? ? ? ? ? ? ? ? ? ? PDB_EXTRACT ? ? ? 3.25        4 
? phasing           ? ? ? ? ? ? ? ? ? ? ? PHASER      ? ? ? .           5 
# 
_pdbx_entry_details.entry_id                 7JHR 
_pdbx_entry_details.has_ligand_of_interest   N 
_pdbx_entry_details.compound_details         ? 
_pdbx_entry_details.source_details           ? 
_pdbx_entry_details.nonpolymer_details       ? 
_pdbx_entry_details.sequence_details         ? 
# 
loop_
_pdbx_unobs_or_zero_occ_atoms.id 
_pdbx_unobs_or_zero_occ_atoms.PDB_model_num 
_pdbx_unobs_or_zero_occ_atoms.polymer_flag 
_pdbx_unobs_or_zero_occ_atoms.occupancy_flag 
_pdbx_unobs_or_zero_occ_atoms.auth_asym_id 
_pdbx_unobs_or_zero_occ_atoms.auth_comp_id 
_pdbx_unobs_or_zero_occ_atoms.auth_seq_id 
_pdbx_unobs_or_zero_occ_atoms.PDB_ins_code 
_pdbx_unobs_or_zero_occ_atoms.auth_atom_id 
_pdbx_unobs_or_zero_occ_atoms.label_alt_id 
_pdbx_unobs_or_zero_occ_atoms.label_asym_id 
_pdbx_unobs_or_zero_occ_atoms.label_comp_id 
_pdbx_unobs_or_zero_occ_atoms.label_seq_id 
_pdbx_unobs_or_zero_occ_atoms.label_atom_id 
1 1 N 1 C CAC 101 ? O1 ? E CAC 1 O1 
2 1 N 1 C CAC 101 ? O2 ? E CAC 1 O2 
3 1 N 1 C CAC 101 ? C1 ? E CAC 1 C1 
4 1 N 1 C CAC 101 ? C2 ? E CAC 1 C2 
5 1 N 1 D CAC 101 ? O1 ? F CAC 1 O1 
6 1 N 1 D CAC 101 ? O2 ? F CAC 1 O2 
7 1 N 1 D CAC 101 ? C1 ? F CAC 1 C1 
8 1 N 1 D CAC 101 ? C2 ? F CAC 1 C2 
# 
loop_
_chem_comp_atom.comp_id 
_chem_comp_atom.atom_id 
_chem_comp_atom.type_symbol 
_chem_comp_atom.pdbx_aromatic_flag 
_chem_comp_atom.pdbx_stereo_config 
_chem_comp_atom.pdbx_ordinal 
CAC AS     AS N N 1   
CAC O1     O  N N 2   
CAC O2     O  N N 3   
CAC C1     C  N N 4   
CAC C2     C  N N 5   
CAC H11    H  N N 6   
CAC H12    H  N N 7   
CAC H13    H  N N 8   
CAC H21    H  N N 9   
CAC H22    H  N N 10  
CAC H23    H  N N 11  
DA  OP3    O  N N 12  
DA  P      P  N N 13  
DA  OP1    O  N N 14  
DA  OP2    O  N N 15  
DA  "O5'"  O  N N 16  
DA  "C5'"  C  N N 17  
DA  "C4'"  C  N R 18  
DA  "O4'"  O  N N 19  
DA  "C3'"  C  N S 20  
DA  "O3'"  O  N N 21  
DA  "C2'"  C  N N 22  
DA  "C1'"  C  N R 23  
DA  N9     N  Y N 24  
DA  C8     C  Y N 25  
DA  N7     N  Y N 26  
DA  C5     C  Y N 27  
DA  C6     C  Y N 28  
DA  N6     N  N N 29  
DA  N1     N  Y N 30  
DA  C2     C  Y N 31  
DA  N3     N  Y N 32  
DA  C4     C  Y N 33  
DA  HOP3   H  N N 34  
DA  HOP2   H  N N 35  
DA  "H5'"  H  N N 36  
DA  "H5''" H  N N 37  
DA  "H4'"  H  N N 38  
DA  "H3'"  H  N N 39  
DA  "HO3'" H  N N 40  
DA  "H2'"  H  N N 41  
DA  "H2''" H  N N 42  
DA  "H1'"  H  N N 43  
DA  H8     H  N N 44  
DA  H61    H  N N 45  
DA  H62    H  N N 46  
DA  H2     H  N N 47  
DC  OP3    O  N N 48  
DC  P      P  N N 49  
DC  OP1    O  N N 50  
DC  OP2    O  N N 51  
DC  "O5'"  O  N N 52  
DC  "C5'"  C  N N 53  
DC  "C4'"  C  N R 54  
DC  "O4'"  O  N N 55  
DC  "C3'"  C  N S 56  
DC  "O3'"  O  N N 57  
DC  "C2'"  C  N N 58  
DC  "C1'"  C  N R 59  
DC  N1     N  N N 60  
DC  C2     C  N N 61  
DC  O2     O  N N 62  
DC  N3     N  N N 63  
DC  C4     C  N N 64  
DC  N4     N  N N 65  
DC  C5     C  N N 66  
DC  C6     C  N N 67  
DC  HOP3   H  N N 68  
DC  HOP2   H  N N 69  
DC  "H5'"  H  N N 70  
DC  "H5''" H  N N 71  
DC  "H4'"  H  N N 72  
DC  "H3'"  H  N N 73  
DC  "HO3'" H  N N 74  
DC  "H2'"  H  N N 75  
DC  "H2''" H  N N 76  
DC  "H1'"  H  N N 77  
DC  H41    H  N N 78  
DC  H42    H  N N 79  
DC  H5     H  N N 80  
DC  H6     H  N N 81  
DG  OP3    O  N N 82  
DG  P      P  N N 83  
DG  OP1    O  N N 84  
DG  OP2    O  N N 85  
DG  "O5'"  O  N N 86  
DG  "C5'"  C  N N 87  
DG  "C4'"  C  N R 88  
DG  "O4'"  O  N N 89  
DG  "C3'"  C  N S 90  
DG  "O3'"  O  N N 91  
DG  "C2'"  C  N N 92  
DG  "C1'"  C  N R 93  
DG  N9     N  Y N 94  
DG  C8     C  Y N 95  
DG  N7     N  Y N 96  
DG  C5     C  Y N 97  
DG  C6     C  N N 98  
DG  O6     O  N N 99  
DG  N1     N  N N 100 
DG  C2     C  N N 101 
DG  N2     N  N N 102 
DG  N3     N  N N 103 
DG  C4     C  Y N 104 
DG  HOP3   H  N N 105 
DG  HOP2   H  N N 106 
DG  "H5'"  H  N N 107 
DG  "H5''" H  N N 108 
DG  "H4'"  H  N N 109 
DG  "H3'"  H  N N 110 
DG  "HO3'" H  N N 111 
DG  "H2'"  H  N N 112 
DG  "H2''" H  N N 113 
DG  "H1'"  H  N N 114 
DG  H8     H  N N 115 
DG  H1     H  N N 116 
DG  H21    H  N N 117 
DG  H22    H  N N 118 
DT  OP3    O  N N 119 
DT  P      P  N N 120 
DT  OP1    O  N N 121 
DT  OP2    O  N N 122 
DT  "O5'"  O  N N 123 
DT  "C5'"  C  N N 124 
DT  "C4'"  C  N R 125 
DT  "O4'"  O  N N 126 
DT  "C3'"  C  N S 127 
DT  "O3'"  O  N N 128 
DT  "C2'"  C  N N 129 
DT  "C1'"  C  N R 130 
DT  N1     N  N N 131 
DT  C2     C  N N 132 
DT  O2     O  N N 133 
DT  N3     N  N N 134 
DT  C4     C  N N 135 
DT  O4     O  N N 136 
DT  C5     C  N N 137 
DT  C7     C  N N 138 
DT  C6     C  N N 139 
DT  HOP3   H  N N 140 
DT  HOP2   H  N N 141 
DT  "H5'"  H  N N 142 
DT  "H5''" H  N N 143 
DT  "H4'"  H  N N 144 
DT  "H3'"  H  N N 145 
DT  "HO3'" H  N N 146 
DT  "H2'"  H  N N 147 
DT  "H2''" H  N N 148 
DT  "H1'"  H  N N 149 
DT  H3     H  N N 150 
DT  H71    H  N N 151 
DT  H72    H  N N 152 
DT  H73    H  N N 153 
DT  H6     H  N N 154 
# 
loop_
_chem_comp_bond.comp_id 
_chem_comp_bond.atom_id_1 
_chem_comp_bond.atom_id_2 
_chem_comp_bond.value_order 
_chem_comp_bond.pdbx_aromatic_flag 
_chem_comp_bond.pdbx_stereo_config 
_chem_comp_bond.pdbx_ordinal 
CAC AS    O1     doub N N 1   
CAC AS    O2     sing N N 2   
CAC AS    C1     sing N N 3   
CAC AS    C2     sing N N 4   
CAC C1    H11    sing N N 5   
CAC C1    H12    sing N N 6   
CAC C1    H13    sing N N 7   
CAC C2    H21    sing N N 8   
CAC C2    H22    sing N N 9   
CAC C2    H23    sing N N 10  
DA  OP3   P      sing N N 11  
DA  OP3   HOP3   sing N N 12  
DA  P     OP1    doub N N 13  
DA  P     OP2    sing N N 14  
DA  P     "O5'"  sing N N 15  
DA  OP2   HOP2   sing N N 16  
DA  "O5'" "C5'"  sing N N 17  
DA  "C5'" "C4'"  sing N N 18  
DA  "C5'" "H5'"  sing N N 19  
DA  "C5'" "H5''" sing N N 20  
DA  "C4'" "O4'"  sing N N 21  
DA  "C4'" "C3'"  sing N N 22  
DA  "C4'" "H4'"  sing N N 23  
DA  "O4'" "C1'"  sing N N 24  
DA  "C3'" "O3'"  sing N N 25  
DA  "C3'" "C2'"  sing N N 26  
DA  "C3'" "H3'"  sing N N 27  
DA  "O3'" "HO3'" sing N N 28  
DA  "C2'" "C1'"  sing N N 29  
DA  "C2'" "H2'"  sing N N 30  
DA  "C2'" "H2''" sing N N 31  
DA  "C1'" N9     sing N N 32  
DA  "C1'" "H1'"  sing N N 33  
DA  N9    C8     sing Y N 34  
DA  N9    C4     sing Y N 35  
DA  C8    N7     doub Y N 36  
DA  C8    H8     sing N N 37  
DA  N7    C5     sing Y N 38  
DA  C5    C6     sing Y N 39  
DA  C5    C4     doub Y N 40  
DA  C6    N6     sing N N 41  
DA  C6    N1     doub Y N 42  
DA  N6    H61    sing N N 43  
DA  N6    H62    sing N N 44  
DA  N1    C2     sing Y N 45  
DA  C2    N3     doub Y N 46  
DA  C2    H2     sing N N 47  
DA  N3    C4     sing Y N 48  
DC  OP3   P      sing N N 49  
DC  OP3   HOP3   sing N N 50  
DC  P     OP1    doub N N 51  
DC  P     OP2    sing N N 52  
DC  P     "O5'"  sing N N 53  
DC  OP2   HOP2   sing N N 54  
DC  "O5'" "C5'"  sing N N 55  
DC  "C5'" "C4'"  sing N N 56  
DC  "C5'" "H5'"  sing N N 57  
DC  "C5'" "H5''" sing N N 58  
DC  "C4'" "O4'"  sing N N 59  
DC  "C4'" "C3'"  sing N N 60  
DC  "C4'" "H4'"  sing N N 61  
DC  "O4'" "C1'"  sing N N 62  
DC  "C3'" "O3'"  sing N N 63  
DC  "C3'" "C2'"  sing N N 64  
DC  "C3'" "H3'"  sing N N 65  
DC  "O3'" "HO3'" sing N N 66  
DC  "C2'" "C1'"  sing N N 67  
DC  "C2'" "H2'"  sing N N 68  
DC  "C2'" "H2''" sing N N 69  
DC  "C1'" N1     sing N N 70  
DC  "C1'" "H1'"  sing N N 71  
DC  N1    C2     sing N N 72  
DC  N1    C6     sing N N 73  
DC  C2    O2     doub N N 74  
DC  C2    N3     sing N N 75  
DC  N3    C4     doub N N 76  
DC  C4    N4     sing N N 77  
DC  C4    C5     sing N N 78  
DC  N4    H41    sing N N 79  
DC  N4    H42    sing N N 80  
DC  C5    C6     doub N N 81  
DC  C5    H5     sing N N 82  
DC  C6    H6     sing N N 83  
DG  OP3   P      sing N N 84  
DG  OP3   HOP3   sing N N 85  
DG  P     OP1    doub N N 86  
DG  P     OP2    sing N N 87  
DG  P     "O5'"  sing N N 88  
DG  OP2   HOP2   sing N N 89  
DG  "O5'" "C5'"  sing N N 90  
DG  "C5'" "C4'"  sing N N 91  
DG  "C5'" "H5'"  sing N N 92  
DG  "C5'" "H5''" sing N N 93  
DG  "C4'" "O4'"  sing N N 94  
DG  "C4'" "C3'"  sing N N 95  
DG  "C4'" "H4'"  sing N N 96  
DG  "O4'" "C1'"  sing N N 97  
DG  "C3'" "O3'"  sing N N 98  
DG  "C3'" "C2'"  sing N N 99  
DG  "C3'" "H3'"  sing N N 100 
DG  "O3'" "HO3'" sing N N 101 
DG  "C2'" "C1'"  sing N N 102 
DG  "C2'" "H2'"  sing N N 103 
DG  "C2'" "H2''" sing N N 104 
DG  "C1'" N9     sing N N 105 
DG  "C1'" "H1'"  sing N N 106 
DG  N9    C8     sing Y N 107 
DG  N9    C4     sing Y N 108 
DG  C8    N7     doub Y N 109 
DG  C8    H8     sing N N 110 
DG  N7    C5     sing Y N 111 
DG  C5    C6     sing N N 112 
DG  C5    C4     doub Y N 113 
DG  C6    O6     doub N N 114 
DG  C6    N1     sing N N 115 
DG  N1    C2     sing N N 116 
DG  N1    H1     sing N N 117 
DG  C2    N2     sing N N 118 
DG  C2    N3     doub N N 119 
DG  N2    H21    sing N N 120 
DG  N2    H22    sing N N 121 
DG  N3    C4     sing N N 122 
DT  OP3   P      sing N N 123 
DT  OP3   HOP3   sing N N 124 
DT  P     OP1    doub N N 125 
DT  P     OP2    sing N N 126 
DT  P     "O5'"  sing N N 127 
DT  OP2   HOP2   sing N N 128 
DT  "O5'" "C5'"  sing N N 129 
DT  "C5'" "C4'"  sing N N 130 
DT  "C5'" "H5'"  sing N N 131 
DT  "C5'" "H5''" sing N N 132 
DT  "C4'" "O4'"  sing N N 133 
DT  "C4'" "C3'"  sing N N 134 
DT  "C4'" "H4'"  sing N N 135 
DT  "O4'" "C1'"  sing N N 136 
DT  "C3'" "O3'"  sing N N 137 
DT  "C3'" "C2'"  sing N N 138 
DT  "C3'" "H3'"  sing N N 139 
DT  "O3'" "HO3'" sing N N 140 
DT  "C2'" "C1'"  sing N N 141 
DT  "C2'" "H2'"  sing N N 142 
DT  "C2'" "H2''" sing N N 143 
DT  "C1'" N1     sing N N 144 
DT  "C1'" "H1'"  sing N N 145 
DT  N1    C2     sing N N 146 
DT  N1    C6     sing N N 147 
DT  C2    O2     doub N N 148 
DT  C2    N3     sing N N 149 
DT  N3    C4     sing N N 150 
DT  N3    H3     sing N N 151 
DT  C4    O4     doub N N 152 
DT  C4    C5     sing N N 153 
DT  C5    C7     sing N N 154 
DT  C5    C6     doub N N 155 
DT  C7    H71    sing N N 156 
DT  C7    H72    sing N N 157 
DT  C7    H73    sing N N 158 
DT  C6    H6     sing N N 159 
# 
loop_
_ndb_struct_conf_na.entry_id 
_ndb_struct_conf_na.feature 
7JHR 'double helix'        
7JHR 'a-form double helix' 
7JHR 'b-form double helix' 
# 
loop_
_ndb_struct_na_base_pair.model_number 
_ndb_struct_na_base_pair.i_label_asym_id 
_ndb_struct_na_base_pair.i_label_comp_id 
_ndb_struct_na_base_pair.i_label_seq_id 
_ndb_struct_na_base_pair.i_symmetry 
_ndb_struct_na_base_pair.j_label_asym_id 
_ndb_struct_na_base_pair.j_label_comp_id 
_ndb_struct_na_base_pair.j_label_seq_id 
_ndb_struct_na_base_pair.j_symmetry 
_ndb_struct_na_base_pair.shear 
_ndb_struct_na_base_pair.stretch 
_ndb_struct_na_base_pair.stagger 
_ndb_struct_na_base_pair.buckle 
_ndb_struct_na_base_pair.propeller 
_ndb_struct_na_base_pair.opening 
_ndb_struct_na_base_pair.pair_number 
_ndb_struct_na_base_pair.pair_name 
_ndb_struct_na_base_pair.i_auth_asym_id 
_ndb_struct_na_base_pair.i_auth_seq_id 
_ndb_struct_na_base_pair.i_PDB_ins_code 
_ndb_struct_na_base_pair.j_auth_asym_id 
_ndb_struct_na_base_pair.j_auth_seq_id 
_ndb_struct_na_base_pair.j_PDB_ins_code 
_ndb_struct_na_base_pair.hbond_type_28 
_ndb_struct_na_base_pair.hbond_type_12 
1 A DG 3  1_555 D DC 15 1_555 0.898  0.066  -0.070 1.010  0.454   5.124   1  A_DG3:DC16_D A 3  ? D 16 ? 19 1 
1 A DC 4  1_555 D DG 14 1_555 0.177  -0.095 -0.213 2.537  -2.810  -17.105 2  A_DC4:DG15_D A 4  ? D 15 ? 19 1 
1 A DA 5  1_555 D DT 13 1_555 -1.123 -0.136 0.308  11.192 -3.739  -0.302  3  A_DA5:DT14_D A 5  ? D 14 ? 20 1 
1 A DG 6  1_555 D DC 12 1_555 0.105  -0.155 -0.190 7.431  -9.175  -3.066  4  A_DG6:DC13_D A 6  ? D 13 ? 19 1 
1 A DA 7  1_555 D DT 11 1_555 0.081  0.176  -0.144 -2.000 -11.195 -9.424  5  A_DA7:DT12_D A 7  ? D 12 ? 20 1 
1 A DC 8  1_555 D DG 10 1_555 0.542  -0.240 0.021  -8.740 -8.663  -1.973  6  A_DC8:DG11_D A 8  ? D 11 ? 19 1 
1 A DC 9  1_555 D DG 9  1_555 -0.206 0.017  0.597  -9.718 -4.290  -5.223  7  A_DC9:DG10_D A 9  ? D 10 ? 19 1 
1 A DA 10 1_555 C DT 3  1_555 -0.271 0.152  0.091  -0.026 -0.952  3.521   8  A_DA10:DT2_C A 10 ? C 2  ? 20 1 
1 A DG 11 1_555 C DC 2  1_555 0.681  0.089  0.297  8.313  -4.890  -1.039  9  A_DG11:DC1_C A 11 ? C 1  ? 19 1 
1 A DA 12 1_555 C DT 1  1_555 0.988  -0.065 0.847  3.638  -14.896 -7.581  10 A_DA12:DT0_C A 12 ? C 0  ? 20 1 
1 B DC 1  1_555 C DG 6  1_555 0.726  0.861  -0.076 2.244  -6.537  -20.664 11 B_DC12:DG5_C B 12 ? C 5  ? ?  ? 
1 B DG 2  1_555 C DC 5  1_555 1.174  0.617  0.387  -6.134 -9.674  -30.224 12 B_DG13:DC4_C B 13 ? C 4  ? ?  ? 
1 B DG 3  1_555 C DC 4  1_555 -0.019 -0.086 0.730  -5.988 -14.057 -11.638 13 B_DG14:DC3_C B 14 ? C 3  ? 19 1 
1 B DG 4  1_555 D DC 8  1_555 -1.194 -0.136 0.630  -3.320 5.547   -2.257  14 B_DG15:DC9_D B 15 ? D 9  ? 19 1 
1 B DA 5  1_555 D DT 7  1_555 0.810  0.642  0.326  3.708  5.376   -7.742  15 B_DA16:DT8_D B 16 ? D 8  ? 20 1 
1 B DC 6  1_555 D DG 6  1_555 -0.246 -0.335 0.133  5.038  2.055   0.723   16 B_DC17:DG7_D B 17 ? D 7  ? 19 1 
1 B DT 7  1_555 D DA 5  1_555 -0.902 0.369  0.073  5.254  -2.167  -8.282  17 B_DT18:DA6_D B 18 ? D 6  ? 20 1 
1 B DC 8  1_555 D DG 4  1_555 0.862  -0.164 0.162  5.360  -2.965  2.844   18 B_DC19:DG5_D B 19 ? D 5  ? 19 1 
1 B DA 9  1_555 D DT 3  1_555 1.387  0.131  -0.036 3.300  -10.314 -17.461 19 B_DA20:DT4_D B 20 ? D 4  ? 20 1 
# 
loop_
_ndb_struct_na_base_pair_step.model_number 
_ndb_struct_na_base_pair_step.i_label_asym_id_1 
_ndb_struct_na_base_pair_step.i_label_comp_id_1 
_ndb_struct_na_base_pair_step.i_label_seq_id_1 
_ndb_struct_na_base_pair_step.i_symmetry_1 
_ndb_struct_na_base_pair_step.j_label_asym_id_1 
_ndb_struct_na_base_pair_step.j_label_comp_id_1 
_ndb_struct_na_base_pair_step.j_label_seq_id_1 
_ndb_struct_na_base_pair_step.j_symmetry_1 
_ndb_struct_na_base_pair_step.i_label_asym_id_2 
_ndb_struct_na_base_pair_step.i_label_comp_id_2 
_ndb_struct_na_base_pair_step.i_label_seq_id_2 
_ndb_struct_na_base_pair_step.i_symmetry_2 
_ndb_struct_na_base_pair_step.j_label_asym_id_2 
_ndb_struct_na_base_pair_step.j_label_comp_id_2 
_ndb_struct_na_base_pair_step.j_label_seq_id_2 
_ndb_struct_na_base_pair_step.j_symmetry_2 
_ndb_struct_na_base_pair_step.shift 
_ndb_struct_na_base_pair_step.slide 
_ndb_struct_na_base_pair_step.rise 
_ndb_struct_na_base_pair_step.tilt 
_ndb_struct_na_base_pair_step.roll 
_ndb_struct_na_base_pair_step.twist 
_ndb_struct_na_base_pair_step.x_displacement 
_ndb_struct_na_base_pair_step.y_displacement 
_ndb_struct_na_base_pair_step.helical_rise 
_ndb_struct_na_base_pair_step.inclination 
_ndb_struct_na_base_pair_step.tip 
_ndb_struct_na_base_pair_step.helical_twist 
_ndb_struct_na_base_pair_step.step_number 
_ndb_struct_na_base_pair_step.step_name 
_ndb_struct_na_base_pair_step.i_auth_asym_id_1 
_ndb_struct_na_base_pair_step.i_auth_seq_id_1 
_ndb_struct_na_base_pair_step.i_PDB_ins_code_1 
_ndb_struct_na_base_pair_step.j_auth_asym_id_1 
_ndb_struct_na_base_pair_step.j_auth_seq_id_1 
_ndb_struct_na_base_pair_step.j_PDB_ins_code_1 
_ndb_struct_na_base_pair_step.i_auth_asym_id_2 
_ndb_struct_na_base_pair_step.i_auth_seq_id_2 
_ndb_struct_na_base_pair_step.i_PDB_ins_code_2 
_ndb_struct_na_base_pair_step.j_auth_asym_id_2 
_ndb_struct_na_base_pair_step.j_auth_seq_id_2 
_ndb_struct_na_base_pair_step.j_PDB_ins_code_2 
1 A DG 3  1_555 D DC 15 1_555 A DC 4  1_555 D DG 14 1_555 -1.015 -0.807 3.217 0.644  0.549  28.968 -1.731 2.167  3.178 1.097  
-1.287 28.980 1  AA_DG3DC4:DG15DC16_DD A 3  ? D 16 ? A 4  ? D 15 ? 
1 A DC 4  1_555 D DG 14 1_555 A DA 5  1_555 D DT 13 1_555 0.875  0.928  3.184 -3.389 -0.807 33.519 1.726  -2.037 3.060 -1.394 
5.857  33.694 2  AA_DC4DA5:DT14DG15_DD A 4  ? D 15 ? A 5  ? D 14 ? 
1 A DA 5  1_555 D DT 13 1_555 A DG 6  1_555 D DC 12 1_555 -0.203 -0.490 3.572 1.281  0.292  38.505 -0.782 0.480  3.560 0.442  
-1.942 38.527 3  AA_DA5DG6:DC13DT14_DD A 5  ? D 14 ? A 6  ? D 13 ? 
1 A DG 6  1_555 D DC 12 1_555 A DA 7  1_555 D DT 11 1_555 -0.087 -0.470 3.497 -0.234 -2.078 38.021 -0.437 0.102  3.517 -3.187 
0.359  38.076 4  AA_DG6DA7:DT12DC13_DD A 6  ? D 13 ? A 7  ? D 12 ? 
1 A DA 7  1_555 D DT 11 1_555 A DC 8  1_555 D DG 10 1_555 0.793  -1.233 3.530 -3.090 -1.055 35.919 -1.832 -1.751 3.485 -1.706 
4.997  36.062 5  AA_DA7DC8:DG11DT12_DD A 7  ? D 12 ? A 8  ? D 11 ? 
1 A DC 8  1_555 D DG 10 1_555 A DC 9  1_555 D DG 9  1_555 -0.513 -1.179 3.353 -2.857 -0.392 29.687 -2.207 0.382  3.401 -0.764 
5.560  29.824 6  AA_DC8DC9:DG10DG11_DD A 8  ? D 11 ? A 9  ? D 10 ? 
1 A DC 9  1_555 D DG 9  1_555 A DA 10 1_555 C DT 3  1_555 -0.803 -0.858 3.051 2.995  -4.609 28.652 -0.758 2.209  3.050 -9.207 
-5.983 29.164 7  AA_DC9DA10:DT2DG10_CD A 9  ? D 10 ? A 10 ? C 2  ? 
1 A DA 10 1_555 C DT 3  1_555 A DG 11 1_555 C DC 2  1_555 -0.045 -0.203 3.396 -0.207 1.806  34.131 -0.641 0.043  3.381 3.075  
0.352  34.178 8  AA_DA10DG11:DC1DT2_CC A 10 ? C 2  ? A 11 ? C 1  ? 
1 A DG 11 1_555 C DC 2  1_555 A DA 12 1_555 C DT 1  1_555 0.727  -0.819 3.231 -1.800 2.130  33.904 -1.732 -1.522 3.133 3.645  
3.081  34.016 9  AA_DG11DA12:DT0DC1_CC A 11 ? C 1  ? A 12 ? C 0  ? 
1 B DC 1  1_555 C DG 6  1_555 B DG 2  1_555 C DC 5  1_555 -0.041 -0.922 3.441 0.314  -2.430 34.531 -1.152 0.121  3.495 -4.088 
-0.529 34.616 10 BB_DC12DG13:DC4DG5_CC B 12 ? C 5  ? B 13 ? C 4  ? 
1 B DG 2  1_555 C DC 5  1_555 B DG 3  1_555 C DC 4  1_555 1.128  -1.359 3.110 -3.062 9.381  30.287 -3.979 -2.547 2.466 17.384 
5.675  31.818 11 BB_DG13DG14:DC3DC4_CC B 13 ? C 4  ? B 14 ? C 3  ? 
1 B DG 3  1_555 C DC 4  1_555 B DG 4  1_555 D DC 8  1_555 -0.973 -1.089 2.925 -1.544 -2.611 27.555 -1.694 1.688  3.062 -5.461 
3.229  27.719 12 BB_DG14DG15:DC9DC3_DC B 14 ? C 3  ? B 15 ? D 9  ? 
1 B DG 4  1_555 D DC 8  1_555 B DA 5  1_555 D DT 7  1_555 -0.995 -0.215 3.389 -0.376 3.107  44.083 -0.587 1.286  3.375 4.134  
0.501  44.188 13 BB_DG15DA16:DT8DC9_DD B 15 ? D 9  ? B 16 ? D 8  ? 
1 B DA 5  1_555 D DT 7  1_555 B DC 6  1_555 D DG 6  1_555 0.557  -0.936 3.307 -0.978 2.326  26.969 -2.584 -1.436 3.195 4.974  
2.091  27.085 14 BB_DA16DC17:DG7DT8_DD B 16 ? D 8  ? B 17 ? D 7  ? 
1 B DC 6  1_555 D DG 6  1_555 B DT 7  1_555 D DA 5  1_555 -0.476 -0.912 3.334 1.547  1.650  29.536 -2.135 1.261  3.250 3.231  
-3.029 29.621 15 BB_DC17DT18:DA6DG7_DD B 17 ? D 7  ? B 18 ? D 6  ? 
1 B DT 7  1_555 D DA 5  1_555 B DC 8  1_555 D DG 4  1_555 1.240  0.565  3.460 3.562  2.078  43.097 0.548  -1.308 3.568 2.821  
-4.836 43.285 16 BB_DT18DC19:DG5DA6_DD B 18 ? D 6  ? B 19 ? D 5  ? 
1 B DC 8  1_555 D DG 4  1_555 B DA 9  1_555 D DT 3  1_555 -1.542 0.269  3.463 -1.022 -2.600 38.776 0.740  2.185  3.477 -3.910 
1.537  38.873 17 BB_DC19DA20:DT4DG5_DD B 19 ? D 5  ? B 20 ? D 4  ? 
# 
loop_
_pdbx_audit_support.funding_organization 
_pdbx_audit_support.country 
_pdbx_audit_support.grant_number 
_pdbx_audit_support.ordinal 
'National Science Foundation (NSF, United States)'                                         'United States' 1360635     1 
'National Institutes of Health/National Institute of General Medical Sciences (NIH/NIGMS)' 'United States' R01GM104960 2 
'National Science Foundation (NSF, United States)'                                         'United States' NSF2004250  3 
# 
_pdbx_entity_nonpoly.entity_id   5 
_pdbx_entity_nonpoly.name        'CACODYLATE ION' 
_pdbx_entity_nonpoly.comp_id     CAC 
# 
_pdbx_initial_refinement_model.id               1 
_pdbx_initial_refinement_model.entity_id_list   ? 
_pdbx_initial_refinement_model.type             'experimental model' 
_pdbx_initial_refinement_model.source_name      PDB 
_pdbx_initial_refinement_model.accession_code   6XNA 
_pdbx_initial_refinement_model.details          ? 
# 
_pdbx_struct_assembly_auth_evidence.id                     1 
_pdbx_struct_assembly_auth_evidence.assembly_id            1 
_pdbx_struct_assembly_auth_evidence.experimental_support   none 
_pdbx_struct_assembly_auth_evidence.details                ? 
# 
